data_8PW2
# 
_entry.id   8PW2 
# 
_audit_conform.dict_name       mmcif_pdbx.dic 
_audit_conform.dict_version    5.387 
_audit_conform.dict_location   http://mmcif.pdb.org/dictionaries/ascii/mmcif_pdbx.dic 
# 
loop_
_database_2.database_id 
_database_2.database_code 
_database_2.pdbx_database_accession 
_database_2.pdbx_DOI 
PDB   8PW2         pdb_00008pw2 10.2210/pdb8pw2/pdb 
WWPDB D_1292132056 ?            ?                   
# 
loop_
_pdbx_audit_revision_history.ordinal 
_pdbx_audit_revision_history.data_content_type 
_pdbx_audit_revision_history.major_revision 
_pdbx_audit_revision_history.minor_revision 
_pdbx_audit_revision_history.revision_date 
1 'Structure model' 1 0 2024-01-17 
2 'Structure model' 1 1 2024-02-07 
3 'Structure model' 1 2 2024-03-06 
# 
_pdbx_audit_revision_details.ordinal             1 
_pdbx_audit_revision_details.revision_ordinal    1 
_pdbx_audit_revision_details.data_content_type   'Structure model' 
_pdbx_audit_revision_details.provider            repository 
_pdbx_audit_revision_details.type                'Initial release' 
_pdbx_audit_revision_details.description         ? 
_pdbx_audit_revision_details.details             ? 
# 
loop_
_pdbx_audit_revision_group.ordinal 
_pdbx_audit_revision_group.revision_ordinal 
_pdbx_audit_revision_group.data_content_type 
_pdbx_audit_revision_group.group 
1 2 'Structure model' 'Database references' 
2 3 'Structure model' 'Database references' 
# 
loop_
_pdbx_audit_revision_category.ordinal 
_pdbx_audit_revision_category.revision_ordinal 
_pdbx_audit_revision_category.data_content_type 
_pdbx_audit_revision_category.category 
1 2 'Structure model' citation        
2 2 'Structure model' citation_author 
3 3 'Structure model' citation        
4 3 'Structure model' citation_author 
# 
loop_
_pdbx_audit_revision_item.ordinal 
_pdbx_audit_revision_item.revision_ordinal 
_pdbx_audit_revision_item.data_content_type 
_pdbx_audit_revision_item.item 
1 2 'Structure model' '_citation.pdbx_database_id_PubMed' 
2 2 'Structure model' '_citation.title'                   
3 3 'Structure model' '_citation.journal_volume'          
4 3 'Structure model' '_citation.page_first'              
5 3 'Structure model' '_citation.page_last'               
6 3 'Structure model' '_citation_author.identifier_ORCID' 
# 
_pdbx_database_status.status_code                     REL 
_pdbx_database_status.status_code_sf                  REL 
_pdbx_database_status.status_code_mr                  ? 
_pdbx_database_status.entry_id                        8PW2 
_pdbx_database_status.recvd_initial_deposition_date   2023-07-19 
_pdbx_database_status.SG_entry                        N 
_pdbx_database_status.deposit_site                    PDBE 
_pdbx_database_status.process_site                    PDBE 
_pdbx_database_status.status_code_cs                  ? 
_pdbx_database_status.status_code_nmr_data            ? 
_pdbx_database_status.methods_development_category    ? 
_pdbx_database_status.pdb_format_compatible           Y 
# 
_pdbx_contact_author.id                 2 
_pdbx_contact_author.email              xjuan@iqfr.csic.es 
_pdbx_contact_author.name_first         Juan 
_pdbx_contact_author.name_last          'Hermoso Dominguez' 
_pdbx_contact_author.name_mi            ? 
_pdbx_contact_author.role               'principal investigator/group leader' 
_pdbx_contact_author.identifier_ORCID   0000-0002-1862-8950 
# 
loop_
_audit_author.name 
_audit_author.pdbx_ordinal 
_audit_author.identifier_ORCID 
'Alcorlo Pages, M.'     1 0000-0001-8337-6203 
'Hermoso Dominguez, J.' 2 0000-0002-1862-8950 
# 
_citation.abstract                  ? 
_citation.abstract_id_CAS           ? 
_citation.book_id_ISBN              ? 
_citation.book_publisher            ? 
_citation.book_publisher_city       ? 
_citation.book_title                ? 
_citation.coordinate_linkage        ? 
_citation.country                   UK 
_citation.database_id_Medline       ? 
_citation.details                   ? 
_citation.id                        primary 
_citation.journal_abbrev            'Nucleic Acids Res.' 
_citation.journal_id_ASTM           NARHAD 
_citation.journal_id_CSD            0389 
_citation.journal_id_ISSN           1362-4962 
_citation.journal_full              ? 
_citation.journal_issue             ? 
_citation.journal_volume            52 
_citation.language                  ? 
_citation.page_first                2045 
_citation.page_last                 2065 
_citation.title                     
'Flexible structural arrangement and DNA-binding properties of protein p6 from Bacillus subtillis phage phi 29.' 
_citation.year                      2024 
_citation.database_id_CSD           ? 
_citation.pdbx_database_id_DOI      10.1093/nar/gkae041 
_citation.pdbx_database_id_PubMed   38281216 
_citation.pdbx_database_id_patent   ? 
_citation.unpublished_flag          ? 
# 
loop_
_citation_author.citation_id 
_citation_author.name 
_citation_author.ordinal 
_citation_author.identifier_ORCID 
primary 'Alcorlo, M.'        1  0000-0001-8337-6203 
primary 'Luque-Ortega, J.R.' 2  ?                   
primary 'Gago, F.'           3  0000-0002-3071-4878 
primary 'Ortega, A.'         4  0000-0001-8202-293X 
primary 'Castellanos, M.'    5  ?                   
primary 'Chacon, P.'         6  ?                   
primary 'de Vega, M.'        7  0000-0003-1285-7549 
primary 'Blanco, L.'         8  0000-0001-5558-4435 
primary 'Hermoso, J.M.'      9  ?                   
primary 'Serrano, M.'        10 ?                   
primary 'Rivas, G.'          11 ?                   
primary 'Hermoso, J.A.'      12 ?                   
# 
loop_
_entity.id 
_entity.type 
_entity.src_method 
_entity.pdbx_description 
_entity.formula_weight 
_entity.pdbx_number_of_molecules 
_entity.pdbx_ec 
_entity.pdbx_mutation 
_entity.pdbx_fragment 
_entity.details 
1 polymer man 'Histone-like protein p6' 8295.601 1  ? 'last 31 residues are not included in the construct' ? ? 
2 water   nat water                     18.015   27 ? ?                                                    ? ? 
# 
_entity_name_com.entity_id   1 
_entity_name_com.name        'Double-stranded DNA-binding protein p6,Gene product 6,gp6,Nucleoid-associated protein p6,Protein p6' 
# 
_entity_poly.entity_id                      1 
_entity_poly.type                           'polypeptide(L)' 
_entity_poly.nstd_linkage                   no 
_entity_poly.nstd_monomer                   no 
_entity_poly.pdbx_seq_one_letter_code       AKMMQREITKTTVNVAKMVMVDGEVQVEQLPSETFVGNLTMEQAQWRMKRKYKGEPVQVVSVEPNTEVYELP 
_entity_poly.pdbx_seq_one_letter_code_can   AKMMQREITKTTVNVAKMVMVDGEVQVEQLPSETFVGNLTMEQAQWRMKRKYKGEPVQVVSVEPNTEVYELP 
_entity_poly.pdbx_strand_id                 A 
_entity_poly.pdbx_target_identifier         ? 
# 
_pdbx_entity_nonpoly.entity_id   2 
_pdbx_entity_nonpoly.name        water 
_pdbx_entity_nonpoly.comp_id     HOH 
# 
loop_
_entity_poly_seq.entity_id 
_entity_poly_seq.num 
_entity_poly_seq.mon_id 
_entity_poly_seq.hetero 
1 1  ALA n 
1 2  LYS n 
1 3  MET n 
1 4  MET n 
1 5  GLN n 
1 6  ARG n 
1 7  GLU n 
1 8  ILE n 
1 9  THR n 
1 10 LYS n 
1 11 THR n 
1 12 THR n 
1 13 VAL n 
1 14 ASN n 
1 15 VAL n 
1 16 ALA n 
1 17 LYS n 
1 18 MET n 
1 19 VAL n 
1 20 MET n 
1 21 VAL n 
1 22 ASP n 
1 23 GLY n 
1 24 GLU n 
1 25 VAL n 
1 26 GLN n 
1 27 VAL n 
1 28 GLU n 
1 29 GLN n 
1 30 LEU n 
1 31 PRO n 
1 32 SER n 
1 33 GLU n 
1 34 THR n 
1 35 PHE n 
1 36 VAL n 
1 37 GLY n 
1 38 ASN n 
1 39 LEU n 
1 40 THR n 
1 41 MET n 
1 42 GLU n 
1 43 GLN n 
1 44 ALA n 
1 45 GLN n 
1 46 TRP n 
1 47 ARG n 
1 48 MET n 
1 49 LYS n 
1 50 ARG n 
1 51 LYS n 
1 52 TYR n 
1 53 LYS n 
1 54 GLY n 
1 55 GLU n 
1 56 PRO n 
1 57 VAL n 
1 58 GLN n 
1 59 VAL n 
1 60 VAL n 
1 61 SER n 
1 62 VAL n 
1 63 GLU n 
1 64 PRO n 
1 65 ASN n 
1 66 THR n 
1 67 GLU n 
1 68 VAL n 
1 69 TYR n 
1 70 GLU n 
1 71 LEU n 
1 72 PRO n 
# 
_entity_src_gen.entity_id                          1 
_entity_src_gen.pdbx_src_id                        1 
_entity_src_gen.pdbx_alt_source_flag               sample 
_entity_src_gen.pdbx_seq_type                      'Biological sequence' 
_entity_src_gen.pdbx_beg_seq_num                   1 
_entity_src_gen.pdbx_end_seq_num                   72 
_entity_src_gen.gene_src_common_name               ? 
_entity_src_gen.gene_src_genus                     ? 
_entity_src_gen.pdbx_gene_src_gene                 ? 
_entity_src_gen.gene_src_species                   ? 
_entity_src_gen.gene_src_strain                    ? 
_entity_src_gen.gene_src_tissue                    ? 
_entity_src_gen.gene_src_tissue_fraction           ? 
_entity_src_gen.gene_src_details                   ? 
_entity_src_gen.pdbx_gene_src_fragment             ? 
_entity_src_gen.pdbx_gene_src_scientific_name      'Salasvirus phi29' 
_entity_src_gen.pdbx_gene_src_ncbi_taxonomy_id     10756 
_entity_src_gen.pdbx_gene_src_variant              ? 
_entity_src_gen.pdbx_gene_src_cell_line            ? 
_entity_src_gen.pdbx_gene_src_atcc                 ? 
_entity_src_gen.pdbx_gene_src_organ                ? 
_entity_src_gen.pdbx_gene_src_organelle            ? 
_entity_src_gen.pdbx_gene_src_cell                 ? 
_entity_src_gen.pdbx_gene_src_cellular_location    ? 
_entity_src_gen.host_org_common_name               ? 
_entity_src_gen.pdbx_host_org_scientific_name      'Escherichia coli' 
_entity_src_gen.pdbx_host_org_ncbi_taxonomy_id     562 
_entity_src_gen.host_org_genus                     ? 
_entity_src_gen.pdbx_host_org_gene                 ? 
_entity_src_gen.pdbx_host_org_organ                ? 
_entity_src_gen.host_org_species                   ? 
_entity_src_gen.pdbx_host_org_tissue               ? 
_entity_src_gen.pdbx_host_org_tissue_fraction      ? 
_entity_src_gen.pdbx_host_org_strain               ? 
_entity_src_gen.pdbx_host_org_variant              ? 
_entity_src_gen.pdbx_host_org_cell_line            ? 
_entity_src_gen.pdbx_host_org_atcc                 ? 
_entity_src_gen.pdbx_host_org_culture_collection   ? 
_entity_src_gen.pdbx_host_org_cell                 ? 
_entity_src_gen.pdbx_host_org_organelle            ? 
_entity_src_gen.pdbx_host_org_cellular_location    ? 
_entity_src_gen.pdbx_host_org_vector_type          ? 
_entity_src_gen.pdbx_host_org_vector               ? 
_entity_src_gen.host_org_details                   ? 
_entity_src_gen.expression_system_id               ? 
_entity_src_gen.plasmid_name                       ? 
_entity_src_gen.plasmid_details                    ? 
_entity_src_gen.pdbx_description                   ? 
# 
loop_
_chem_comp.id 
_chem_comp.type 
_chem_comp.mon_nstd_flag 
_chem_comp.name 
_chem_comp.pdbx_synonyms 
_chem_comp.formula 
_chem_comp.formula_weight 
ALA 'L-peptide linking' y ALANINE         ? 'C3 H7 N O2'     89.093  
ARG 'L-peptide linking' y ARGININE        ? 'C6 H15 N4 O2 1' 175.209 
ASN 'L-peptide linking' y ASPARAGINE      ? 'C4 H8 N2 O3'    132.118 
ASP 'L-peptide linking' y 'ASPARTIC ACID' ? 'C4 H7 N O4'     133.103 
GLN 'L-peptide linking' y GLUTAMINE       ? 'C5 H10 N2 O3'   146.144 
GLU 'L-peptide linking' y 'GLUTAMIC ACID' ? 'C5 H9 N O4'     147.129 
GLY 'peptide linking'   y GLYCINE         ? 'C2 H5 N O2'     75.067  
HOH non-polymer         . WATER           ? 'H2 O'           18.015  
ILE 'L-peptide linking' y ISOLEUCINE      ? 'C6 H13 N O2'    131.173 
LEU 'L-peptide linking' y LEUCINE         ? 'C6 H13 N O2'    131.173 
LYS 'L-peptide linking' y LYSINE          ? 'C6 H15 N2 O2 1' 147.195 
MET 'L-peptide linking' y METHIONINE      ? 'C5 H11 N O2 S'  149.211 
PHE 'L-peptide linking' y PHENYLALANINE   ? 'C9 H11 N O2'    165.189 
PRO 'L-peptide linking' y PROLINE         ? 'C5 H9 N O2'     115.130 
SER 'L-peptide linking' y SERINE          ? 'C3 H7 N O3'     105.093 
THR 'L-peptide linking' y THREONINE       ? 'C4 H9 N O3'     119.119 
TRP 'L-peptide linking' y TRYPTOPHAN      ? 'C11 H12 N2 O2'  204.225 
TYR 'L-peptide linking' y TYROSINE        ? 'C9 H11 N O3'    181.189 
VAL 'L-peptide linking' y VALINE          ? 'C5 H11 N O2'    117.146 
# 
loop_
_pdbx_poly_seq_scheme.asym_id 
_pdbx_poly_seq_scheme.entity_id 
_pdbx_poly_seq_scheme.seq_id 
_pdbx_poly_seq_scheme.mon_id 
_pdbx_poly_seq_scheme.ndb_seq_num 
_pdbx_poly_seq_scheme.pdb_seq_num 
_pdbx_poly_seq_scheme.auth_seq_num 
_pdbx_poly_seq_scheme.pdb_mon_id 
_pdbx_poly_seq_scheme.auth_mon_id 
_pdbx_poly_seq_scheme.pdb_strand_id 
_pdbx_poly_seq_scheme.pdb_ins_code 
_pdbx_poly_seq_scheme.hetero 
A 1 1  ALA 1  1  ?  ?   ?   A . n 
A 1 2  LYS 2  2  ?  ?   ?   A . n 
A 1 3  MET 3  3  ?  ?   ?   A . n 
A 1 4  MET 4  4  ?  ?   ?   A . n 
A 1 5  GLN 5  5  ?  ?   ?   A . n 
A 1 6  ARG 6  6  ?  ?   ?   A . n 
A 1 7  GLU 7  7  ?  ?   ?   A . n 
A 1 8  ILE 8  8  8  ILE ILE A . n 
A 1 9  THR 9  9  9  THR THR A . n 
A 1 10 LYS 10 10 10 LYS LYS A . n 
A 1 11 THR 11 11 11 THR THR A . n 
A 1 12 THR 12 12 12 THR THR A . n 
A 1 13 VAL 13 13 13 VAL VAL A . n 
A 1 14 ASN 14 14 14 ASN ASN A . n 
A 1 15 VAL 15 15 15 VAL VAL A . n 
A 1 16 ALA 16 16 16 ALA ALA A . n 
A 1 17 LYS 17 17 17 LYS LYS A . n 
A 1 18 MET 18 18 18 MET MET A . n 
A 1 19 VAL 19 19 19 VAL VAL A . n 
A 1 20 MET 20 20 20 MET MET A . n 
A 1 21 VAL 21 21 21 VAL VAL A . n 
A 1 22 ASP 22 22 22 ASP ASP A . n 
A 1 23 GLY 23 23 23 GLY GLY A . n 
A 1 24 GLU 24 24 24 GLU GLU A . n 
A 1 25 VAL 25 25 25 VAL VAL A . n 
A 1 26 GLN 26 26 26 GLN GLN A . n 
A 1 27 VAL 27 27 27 VAL VAL A . n 
A 1 28 GLU 28 28 28 GLU GLU A . n 
A 1 29 GLN 29 29 29 GLN GLN A . n 
A 1 30 LEU 30 30 30 LEU LEU A . n 
A 1 31 PRO 31 31 31 PRO PRO A . n 
A 1 32 SER 32 32 32 SER SER A . n 
A 1 33 GLU 33 33 33 GLU GLU A . n 
A 1 34 THR 34 34 34 THR THR A . n 
A 1 35 PHE 35 35 35 PHE PHE A . n 
A 1 36 VAL 36 36 36 VAL VAL A . n 
A 1 37 GLY 37 37 37 GLY GLY A . n 
A 1 38 ASN 38 38 38 ASN ASN A . n 
A 1 39 LEU 39 39 39 LEU LEU A . n 
A 1 40 THR 40 40 40 THR THR A . n 
A 1 41 MET 41 41 41 MET MET A . n 
A 1 42 GLU 42 42 42 GLU GLU A . n 
A 1 43 GLN 43 43 43 GLN GLN A . n 
A 1 44 ALA 44 44 44 ALA ALA A . n 
A 1 45 GLN 45 45 45 GLN GLN A . n 
A 1 46 TRP 46 46 46 TRP TRP A . n 
A 1 47 ARG 47 47 47 ARG ARG A . n 
A 1 48 MET 48 48 48 MET MET A . n 
A 1 49 LYS 49 49 49 LYS LYS A . n 
A 1 50 ARG 50 50 50 ARG ARG A . n 
A 1 51 LYS 51 51 51 LYS LYS A . n 
A 1 52 TYR 52 52 52 TYR TYR A . n 
A 1 53 LYS 53 53 53 LYS LYS A . n 
A 1 54 GLY 54 54 54 GLY GLY A . n 
A 1 55 GLU 55 55 55 GLU GLU A . n 
A 1 56 PRO 56 56 56 PRO PRO A . n 
A 1 57 VAL 57 57 57 VAL VAL A . n 
A 1 58 GLN 58 58 58 GLN GLN A . n 
A 1 59 VAL 59 59 59 VAL VAL A . n 
A 1 60 VAL 60 60 60 VAL VAL A . n 
A 1 61 SER 61 61 61 SER SER A . n 
A 1 62 VAL 62 62 62 VAL VAL A . n 
A 1 63 GLU 63 63 63 GLU GLU A . n 
A 1 64 PRO 64 64 64 PRO PRO A . n 
A 1 65 ASN 65 65 65 ASN ASN A . n 
A 1 66 THR 66 66 66 THR THR A . n 
A 1 67 GLU 67 67 67 GLU GLU A . n 
A 1 68 VAL 68 68 ?  ?   ?   A . n 
A 1 69 TYR 69 69 ?  ?   ?   A . n 
A 1 70 GLU 70 70 ?  ?   ?   A . n 
A 1 71 LEU 71 71 ?  ?   ?   A . n 
A 1 72 PRO 72 72 ?  ?   ?   A . n 
# 
loop_
_pdbx_nonpoly_scheme.asym_id 
_pdbx_nonpoly_scheme.entity_id 
_pdbx_nonpoly_scheme.mon_id 
_pdbx_nonpoly_scheme.ndb_seq_num 
_pdbx_nonpoly_scheme.pdb_seq_num 
_pdbx_nonpoly_scheme.auth_seq_num 
_pdbx_nonpoly_scheme.pdb_mon_id 
_pdbx_nonpoly_scheme.auth_mon_id 
_pdbx_nonpoly_scheme.pdb_strand_id 
_pdbx_nonpoly_scheme.pdb_ins_code 
B 2 HOH 1  101 2  HOH HOH A . 
B 2 HOH 2  102 8  HOH HOH A . 
B 2 HOH 3  103 15 HOH HOH A . 
B 2 HOH 4  104 23 HOH HOH A . 
B 2 HOH 5  105 1  HOH HOH A . 
B 2 HOH 6  106 10 HOH HOH A . 
B 2 HOH 7  107 5  HOH HOH A . 
B 2 HOH 8  108 7  HOH HOH A . 
B 2 HOH 9  109 13 HOH HOH A . 
B 2 HOH 10 110 14 HOH HOH A . 
B 2 HOH 11 111 9  HOH HOH A . 
B 2 HOH 12 112 27 HOH HOH A . 
B 2 HOH 13 113 17 HOH HOH A . 
B 2 HOH 14 114 3  HOH HOH A . 
B 2 HOH 15 115 18 HOH HOH A . 
B 2 HOH 16 116 19 HOH HOH A . 
B 2 HOH 17 117 24 HOH HOH A . 
B 2 HOH 18 118 11 HOH HOH A . 
B 2 HOH 19 119 21 HOH HOH A . 
B 2 HOH 20 120 16 HOH HOH A . 
B 2 HOH 21 121 4  HOH HOH A . 
B 2 HOH 22 122 22 HOH HOH A . 
B 2 HOH 23 123 26 HOH HOH A . 
B 2 HOH 24 124 6  HOH HOH A . 
B 2 HOH 25 125 12 HOH HOH A . 
B 2 HOH 26 126 20 HOH HOH A . 
B 2 HOH 27 127 25 HOH HOH A . 
# 
loop_
_software.citation_id 
_software.classification 
_software.compiler_name 
_software.compiler_version 
_software.contact_author 
_software.contact_author_email 
_software.date 
_software.description 
_software.dependencies 
_software.hardware 
_software.language 
_software.location 
_software.mods 
_software.name 
_software.os 
_software.os_version 
_software.type 
_software.version 
_software.pdbx_ordinal 
? 'data collection' ? ? ? ? ? ? ? ? ? ? ? MxCuBE  ? ? ? 1.20_4459 1 
? refinement        ? ? ? ? ? ? ? ? ? ? ? PHENIX  ? ? ? 1.20_4459 2 
? 'data collection' ? ? ? ? ? ? ? ? ? ? ? MxCuBE  ? ? ? 1.20_4459 3 
? 'data collection' ? ? ? ? ? ? ? ? ? ? ? MxCuBE  ? ? ? 1.20_4459 4 
? 'data reduction'  ? ? ? ? ? ? ? ? ? ? ? XDS     ? ? ? .         5 
? 'data scaling'    ? ? ? ? ? ? ? ? ? ? ? Aimless ? ? ? .         6 
? phasing           ? ? ? ? ? ? ? ? ? ? ? MOLREP  ? ? ? .         7 
# 
_cell.angle_alpha                  90.000 
_cell.angle_alpha_esd              ? 
_cell.angle_beta                   90.000 
_cell.angle_beta_esd               ? 
_cell.angle_gamma                  120.000 
_cell.angle_gamma_esd              ? 
_cell.entry_id                     8PW2 
_cell.details                      ? 
_cell.formula_units_Z              ? 
_cell.length_a                     59.257 
_cell.length_a_esd                 ? 
_cell.length_b                     59.257 
_cell.length_b_esd                 ? 
_cell.length_c                     41.668 
_cell.length_c_esd                 ? 
_cell.volume                       126710.501 
_cell.volume_esd                   ? 
_cell.Z_PDB                        6 
_cell.reciprocal_angle_alpha       ? 
_cell.reciprocal_angle_beta        ? 
_cell.reciprocal_angle_gamma       ? 
_cell.reciprocal_angle_alpha_esd   ? 
_cell.reciprocal_angle_beta_esd    ? 
_cell.reciprocal_angle_gamma_esd   ? 
_cell.reciprocal_length_a          ? 
_cell.reciprocal_length_b          ? 
_cell.reciprocal_length_c          ? 
_cell.reciprocal_length_a_esd      ? 
_cell.reciprocal_length_b_esd      ? 
_cell.reciprocal_length_c_esd      ? 
_cell.pdbx_unique_axis             ? 
_cell.pdbx_esd_method              ? 
# 
_symmetry.entry_id                         8PW2 
_symmetry.cell_setting                     ? 
_symmetry.Int_Tables_number                152 
_symmetry.space_group_name_Hall            
;P 31 2"
;
_symmetry.space_group_name_H-M             'P 31 2 1' 
_symmetry.pdbx_full_space_group_name_H-M   ? 
# 
_exptl.absorpt_coefficient_mu     ? 
_exptl.absorpt_correction_T_max   ? 
_exptl.absorpt_correction_T_min   ? 
_exptl.absorpt_correction_type    ? 
_exptl.absorpt_process_details    ? 
_exptl.entry_id                   8PW2 
_exptl.crystals_number            1 
_exptl.details                    ? 
_exptl.method                     'X-RAY DIFFRACTION' 
_exptl.method_details             ? 
# 
_exptl_crystal.colour                       ? 
_exptl_crystal.density_diffrn               ? 
_exptl_crystal.density_Matthews             2.55 
_exptl_crystal.density_method               ? 
_exptl_crystal.density_percent_sol          51.68 
_exptl_crystal.description                  ? 
_exptl_crystal.F_000                        ? 
_exptl_crystal.id                           1 
_exptl_crystal.preparation                  ? 
_exptl_crystal.size_max                     ? 
_exptl_crystal.size_mid                     ? 
_exptl_crystal.size_min                     ? 
_exptl_crystal.size_rad                     ? 
_exptl_crystal.colour_lustre                ? 
_exptl_crystal.colour_modifier              ? 
_exptl_crystal.colour_primary               ? 
_exptl_crystal.density_meas                 ? 
_exptl_crystal.density_meas_esd             ? 
_exptl_crystal.density_meas_gt              ? 
_exptl_crystal.density_meas_lt              ? 
_exptl_crystal.density_meas_temp            ? 
_exptl_crystal.density_meas_temp_esd        ? 
_exptl_crystal.density_meas_temp_gt         ? 
_exptl_crystal.density_meas_temp_lt         ? 
_exptl_crystal.pdbx_crystal_image_url       ? 
_exptl_crystal.pdbx_crystal_image_format    ? 
_exptl_crystal.pdbx_mosaicity               ? 
_exptl_crystal.pdbx_mosaicity_esd           ? 
_exptl_crystal.pdbx_mosaic_method           ? 
_exptl_crystal.pdbx_mosaic_block_size       ? 
_exptl_crystal.pdbx_mosaic_block_size_esd   ? 
# 
_exptl_crystal_grow.apparatus       ? 
_exptl_crystal_grow.atmosphere      ? 
_exptl_crystal_grow.crystal_id      1 
_exptl_crystal_grow.details         ? 
_exptl_crystal_grow.method          'VAPOR DIFFUSION, SITTING DROP' 
_exptl_crystal_grow.method_ref      ? 
_exptl_crystal_grow.pH              ? 
_exptl_crystal_grow.pressure        ? 
_exptl_crystal_grow.pressure_esd    ? 
_exptl_crystal_grow.seeding         ? 
_exptl_crystal_grow.seeding_ref     ? 
_exptl_crystal_grow.temp_details    ? 
_exptl_crystal_grow.temp_esd        ? 
_exptl_crystal_grow.time            ? 
_exptl_crystal_grow.pdbx_details    '100 mM Bis Tris Propane pH 7.0 and 1.3 M di-Ammonium Tartrate' 
_exptl_crystal_grow.pdbx_pH_range   ? 
_exptl_crystal_grow.temp            291 
# 
_diffrn.ambient_environment              ? 
_diffrn.ambient_temp                     100 
_diffrn.ambient_temp_details             ? 
_diffrn.ambient_temp_esd                 ? 
_diffrn.crystal_id                       1 
_diffrn.crystal_support                  ? 
_diffrn.crystal_treatment                ? 
_diffrn.details                          ? 
_diffrn.id                               1 
_diffrn.ambient_pressure                 ? 
_diffrn.ambient_pressure_esd             ? 
_diffrn.ambient_pressure_gt              ? 
_diffrn.ambient_pressure_lt              ? 
_diffrn.ambient_temp_gt                  ? 
_diffrn.ambient_temp_lt                  ? 
_diffrn.pdbx_serial_crystal_experiment   N 
# 
_diffrn_detector.details                      ? 
_diffrn_detector.detector                     PIXEL 
_diffrn_detector.diffrn_id                    1 
_diffrn_detector.type                         'DECTRIS PILATUS 6M' 
_diffrn_detector.area_resol_mean              ? 
_diffrn_detector.dtime                        ? 
_diffrn_detector.pdbx_frames_total            ? 
_diffrn_detector.pdbx_collection_time_total   ? 
_diffrn_detector.pdbx_collection_date         2022-06-17 
_diffrn_detector.pdbx_frequency               ? 
_diffrn_detector.id                           ? 
_diffrn_detector.number_of_axes               ? 
# 
_diffrn_radiation.collimation                      ? 
_diffrn_radiation.diffrn_id                        1 
_diffrn_radiation.filter_edge                      ? 
_diffrn_radiation.inhomogeneity                    ? 
_diffrn_radiation.monochromator                    ? 
_diffrn_radiation.polarisn_norm                    ? 
_diffrn_radiation.polarisn_ratio                   ? 
_diffrn_radiation.probe                            ? 
_diffrn_radiation.type                             ? 
_diffrn_radiation.xray_symbol                      ? 
_diffrn_radiation.wavelength_id                    1 
_diffrn_radiation.pdbx_monochromatic_or_laue_m_l   M 
_diffrn_radiation.pdbx_wavelength_list             ? 
_diffrn_radiation.pdbx_wavelength                  ? 
_diffrn_radiation.pdbx_diffrn_protocol             'SINGLE WAVELENGTH' 
_diffrn_radiation.pdbx_analyzer                    ? 
_diffrn_radiation.pdbx_scattering_type             x-ray 
# 
_diffrn_radiation_wavelength.id           1 
_diffrn_radiation_wavelength.wavelength   0.9793 
_diffrn_radiation_wavelength.wt           1.0 
# 
_diffrn_source.current                     ? 
_diffrn_source.details                     ? 
_diffrn_source.diffrn_id                   1 
_diffrn_source.power                       ? 
_diffrn_source.size                        ? 
_diffrn_source.source                      SYNCHROTRON 
_diffrn_source.target                      ? 
_diffrn_source.type                        'ALBA BEAMLINE XALOC' 
_diffrn_source.voltage                     ? 
_diffrn_source.take-off_angle              ? 
_diffrn_source.pdbx_wavelength_list        0.9793 
_diffrn_source.pdbx_wavelength             ? 
_diffrn_source.pdbx_synchrotron_beamline   XALOC 
_diffrn_source.pdbx_synchrotron_site       ALBA 
# 
_reflns.B_iso_Wilson_estimate                          29.79 
_reflns.entry_id                                       8PW2 
_reflns.data_reduction_details                         ? 
_reflns.data_reduction_method                          ? 
_reflns.d_resolution_high                              1.59 
_reflns.d_resolution_low                               41.67 
_reflns.details                                        ? 
_reflns.limit_h_max                                    ? 
_reflns.limit_h_min                                    ? 
_reflns.limit_k_max                                    ? 
_reflns.limit_k_min                                    ? 
_reflns.limit_l_max                                    ? 
_reflns.limit_l_min                                    ? 
_reflns.number_all                                     ? 
_reflns.number_obs                                     11565 
_reflns.observed_criterion                             ? 
_reflns.observed_criterion_F_max                       ? 
_reflns.observed_criterion_F_min                       ? 
_reflns.observed_criterion_I_max                       ? 
_reflns.observed_criterion_I_min                       ? 
_reflns.observed_criterion_sigma_F                     ? 
_reflns.observed_criterion_sigma_I                     ? 
_reflns.percent_possible_obs                           99.3 
_reflns.R_free_details                                 ? 
_reflns.Rmerge_F_all                                   ? 
_reflns.Rmerge_F_obs                                   ? 
_reflns.Friedel_coverage                               ? 
_reflns.number_gt                                      ? 
_reflns.threshold_expression                           ? 
_reflns.pdbx_redundancy                                19.5 
_reflns.pdbx_netI_over_av_sigmaI                       ? 
_reflns.pdbx_netI_over_sigmaI                          37.3 
_reflns.pdbx_res_netI_over_av_sigmaI_2                 ? 
_reflns.pdbx_res_netI_over_sigmaI_2                    ? 
_reflns.pdbx_chi_squared                               ? 
_reflns.pdbx_scaling_rejects                           ? 
_reflns.pdbx_d_res_high_opt                            ? 
_reflns.pdbx_d_res_low_opt                             ? 
_reflns.pdbx_d_res_opt_method                          ? 
_reflns.phase_calculation_details                      ? 
_reflns.pdbx_Rrim_I_all                                ? 
_reflns.pdbx_Rpim_I_all                                ? 
_reflns.pdbx_d_opt                                     ? 
_reflns.pdbx_number_measured_all                       ? 
_reflns.pdbx_diffrn_id                                 1 
_reflns.pdbx_ordinal                                   1 
_reflns.pdbx_CC_half                                   1 
_reflns.pdbx_CC_star                                   ? 
_reflns.pdbx_R_split                                   ? 
_reflns.pdbx_Rmerge_I_obs                              ? 
_reflns.pdbx_Rmerge_I_all                              ? 
_reflns.pdbx_Rsym_value                                ? 
_reflns.pdbx_CC_split_method                           ? 
_reflns.pdbx_aniso_diffraction_limit_axis_1_ortho[1]   ? 
_reflns.pdbx_aniso_diffraction_limit_axis_1_ortho[2]   ? 
_reflns.pdbx_aniso_diffraction_limit_axis_1_ortho[3]   ? 
_reflns.pdbx_aniso_diffraction_limit_axis_2_ortho[1]   ? 
_reflns.pdbx_aniso_diffraction_limit_axis_2_ortho[2]   ? 
_reflns.pdbx_aniso_diffraction_limit_axis_2_ortho[3]   ? 
_reflns.pdbx_aniso_diffraction_limit_axis_3_ortho[1]   ? 
_reflns.pdbx_aniso_diffraction_limit_axis_3_ortho[2]   ? 
_reflns.pdbx_aniso_diffraction_limit_axis_3_ortho[3]   ? 
_reflns.pdbx_aniso_diffraction_limit_1                 ? 
_reflns.pdbx_aniso_diffraction_limit_2                 ? 
_reflns.pdbx_aniso_diffraction_limit_3                 ? 
_reflns.pdbx_aniso_B_tensor_eigenvector_1_ortho[1]     ? 
_reflns.pdbx_aniso_B_tensor_eigenvector_1_ortho[2]     ? 
_reflns.pdbx_aniso_B_tensor_eigenvector_1_ortho[3]     ? 
_reflns.pdbx_aniso_B_tensor_eigenvector_2_ortho[1]     ? 
_reflns.pdbx_aniso_B_tensor_eigenvector_2_ortho[2]     ? 
_reflns.pdbx_aniso_B_tensor_eigenvector_2_ortho[3]     ? 
_reflns.pdbx_aniso_B_tensor_eigenvector_3_ortho[1]     ? 
_reflns.pdbx_aniso_B_tensor_eigenvector_3_ortho[2]     ? 
_reflns.pdbx_aniso_B_tensor_eigenvector_3_ortho[3]     ? 
_reflns.pdbx_aniso_B_tensor_eigenvalue_1               ? 
_reflns.pdbx_aniso_B_tensor_eigenvalue_2               ? 
_reflns.pdbx_aniso_B_tensor_eigenvalue_3               ? 
_reflns.pdbx_orthogonalization_convention              ? 
_reflns.pdbx_percent_possible_ellipsoidal              ? 
_reflns.pdbx_percent_possible_spherical                ? 
_reflns.pdbx_percent_possible_ellipsoidal_anomalous    ? 
_reflns.pdbx_percent_possible_spherical_anomalous      ? 
_reflns.pdbx_redundancy_anomalous                      ? 
_reflns.pdbx_CC_half_anomalous                         ? 
_reflns.pdbx_absDiff_over_sigma_anomalous              ? 
_reflns.pdbx_percent_possible_anomalous                ? 
_reflns.pdbx_observed_signal_threshold                 ? 
_reflns.pdbx_signal_type                               ? 
_reflns.pdbx_signal_details                            ? 
_reflns.pdbx_signal_software_id                        ? 
# 
_reflns_shell.d_res_high                                    1.59 
_reflns_shell.d_res_low                                     1.62 
_reflns_shell.meanI_over_sigI_all                           ? 
_reflns_shell.meanI_over_sigI_obs                           ? 
_reflns_shell.number_measured_all                           ? 
_reflns_shell.number_measured_obs                           ? 
_reflns_shell.number_possible                               ? 
_reflns_shell.number_unique_all                             ? 
_reflns_shell.number_unique_obs                             550 
_reflns_shell.percent_possible_obs                          ? 
_reflns_shell.Rmerge_F_all                                  ? 
_reflns_shell.Rmerge_F_obs                                  ? 
_reflns_shell.meanI_over_sigI_gt                            ? 
_reflns_shell.meanI_over_uI_all                             ? 
_reflns_shell.meanI_over_uI_gt                              ? 
_reflns_shell.number_measured_gt                            ? 
_reflns_shell.number_unique_gt                              ? 
_reflns_shell.percent_possible_gt                           ? 
_reflns_shell.Rmerge_F_gt                                   ? 
_reflns_shell.Rmerge_I_gt                                   ? 
_reflns_shell.pdbx_redundancy                               ? 
_reflns_shell.pdbx_chi_squared                              ? 
_reflns_shell.pdbx_netI_over_sigmaI_all                     ? 
_reflns_shell.pdbx_netI_over_sigmaI_obs                     ? 
_reflns_shell.pdbx_Rrim_I_all                               ? 
_reflns_shell.pdbx_Rpim_I_all                               ? 
_reflns_shell.pdbx_rejects                                  ? 
_reflns_shell.pdbx_ordinal                                  1 
_reflns_shell.pdbx_diffrn_id                                1 
_reflns_shell.pdbx_CC_half                                  0.94 
_reflns_shell.pdbx_CC_star                                  ? 
_reflns_shell.pdbx_R_split                                  ? 
_reflns_shell.percent_possible_all                          ? 
_reflns_shell.Rmerge_I_all                                  ? 
_reflns_shell.Rmerge_I_obs                                  1.026 
_reflns_shell.pdbx_Rsym_value                               ? 
_reflns_shell.pdbx_percent_possible_ellipsoidal             ? 
_reflns_shell.pdbx_percent_possible_spherical               ? 
_reflns_shell.pdbx_percent_possible_ellipsoidal_anomalous   ? 
_reflns_shell.pdbx_percent_possible_spherical_anomalous     ? 
_reflns_shell.pdbx_redundancy_anomalous                     ? 
_reflns_shell.pdbx_CC_half_anomalous                        ? 
_reflns_shell.pdbx_absDiff_over_sigma_anomalous             ? 
_reflns_shell.pdbx_percent_possible_anomalous               ? 
# 
_refine.aniso_B[1][1]                            ? 
_refine.aniso_B[1][2]                            ? 
_refine.aniso_B[1][3]                            ? 
_refine.aniso_B[2][2]                            ? 
_refine.aniso_B[2][3]                            ? 
_refine.aniso_B[3][3]                            ? 
_refine.B_iso_max                                ? 
_refine.B_iso_mean                               38.59 
_refine.B_iso_min                                ? 
_refine.correlation_coeff_Fo_to_Fc               ? 
_refine.correlation_coeff_Fo_to_Fc_free          ? 
_refine.details                                  ? 
_refine.diff_density_max                         ? 
_refine.diff_density_max_esd                     ? 
_refine.diff_density_min                         ? 
_refine.diff_density_min_esd                     ? 
_refine.diff_density_rms                         ? 
_refine.diff_density_rms_esd                     ? 
_refine.entry_id                                 8PW2 
_refine.pdbx_refine_id                           'X-RAY DIFFRACTION' 
_refine.ls_abs_structure_details                 ? 
_refine.ls_abs_structure_Flack                   ? 
_refine.ls_abs_structure_Flack_esd               ? 
_refine.ls_abs_structure_Rogers                  ? 
_refine.ls_abs_structure_Rogers_esd              ? 
_refine.ls_d_res_high                            1.59 
_refine.ls_d_res_low                             32.35 
_refine.ls_extinction_coef                       ? 
_refine.ls_extinction_coef_esd                   ? 
_refine.ls_extinction_expression                 ? 
_refine.ls_extinction_method                     ? 
_refine.ls_goodness_of_fit_all                   ? 
_refine.ls_goodness_of_fit_all_esd               ? 
_refine.ls_goodness_of_fit_obs                   ? 
_refine.ls_goodness_of_fit_obs_esd               ? 
_refine.ls_hydrogen_treatment                    ? 
_refine.ls_matrix_type                           ? 
_refine.ls_number_constraints                    ? 
_refine.ls_number_parameters                     ? 
_refine.ls_number_reflns_all                     ? 
_refine.ls_number_reflns_obs                     11555 
_refine.ls_number_reflns_R_free                  569 
_refine.ls_number_reflns_R_work                  10986 
_refine.ls_number_restraints                     ? 
_refine.ls_percent_reflns_obs                    99.00 
_refine.ls_percent_reflns_R_free                 4.92 
_refine.ls_R_factor_all                          ? 
_refine.ls_R_factor_obs                          0.2128 
_refine.ls_R_factor_R_free                       0.2163 
_refine.ls_R_factor_R_free_error                 ? 
_refine.ls_R_factor_R_free_error_details         ? 
_refine.ls_R_factor_R_work                       0.2126 
_refine.ls_R_Fsqd_factor_obs                     ? 
_refine.ls_R_I_factor_obs                        ? 
_refine.ls_redundancy_reflns_all                 ? 
_refine.ls_redundancy_reflns_obs                 ? 
_refine.ls_restrained_S_all                      ? 
_refine.ls_restrained_S_obs                      ? 
_refine.ls_shift_over_esd_max                    ? 
_refine.ls_shift_over_esd_mean                   ? 
_refine.ls_structure_factor_coef                 ? 
_refine.ls_weighting_details                     ? 
_refine.ls_weighting_scheme                      ? 
_refine.ls_wR_factor_all                         ? 
_refine.ls_wR_factor_obs                         ? 
_refine.ls_wR_factor_R_free                      ? 
_refine.ls_wR_factor_R_work                      ? 
_refine.occupancy_max                            ? 
_refine.occupancy_min                            ? 
_refine.solvent_model_details                    'FLAT BULK SOLVENT MODEL' 
_refine.solvent_model_param_bsol                 ? 
_refine.solvent_model_param_ksol                 ? 
_refine.pdbx_R_complete                          ? 
_refine.ls_R_factor_gt                           ? 
_refine.ls_goodness_of_fit_gt                    ? 
_refine.ls_goodness_of_fit_ref                   ? 
_refine.ls_shift_over_su_max                     ? 
_refine.ls_shift_over_su_max_lt                  ? 
_refine.ls_shift_over_su_mean                    ? 
_refine.ls_shift_over_su_mean_lt                 ? 
_refine.pdbx_ls_sigma_I                          ? 
_refine.pdbx_ls_sigma_F                          1.38 
_refine.pdbx_ls_sigma_Fsqd                       ? 
_refine.pdbx_data_cutoff_high_absF               ? 
_refine.pdbx_data_cutoff_high_rms_absF           ? 
_refine.pdbx_data_cutoff_low_absF                ? 
_refine.pdbx_isotropic_thermal_model             ? 
_refine.pdbx_ls_cross_valid_method               'FREE R-VALUE' 
_refine.pdbx_method_to_determine_struct          'MOLECULAR REPLACEMENT' 
_refine.pdbx_starting_model                      ? 
_refine.pdbx_stereochemistry_target_values       'GeoStd + Monomer Library + CDL v1.2' 
_refine.pdbx_R_Free_selection_details            ? 
_refine.pdbx_stereochem_target_val_spec_case     ? 
_refine.pdbx_overall_ESU_R                       ? 
_refine.pdbx_overall_ESU_R_Free                  ? 
_refine.pdbx_solvent_vdw_probe_radii             1.1000 
_refine.pdbx_solvent_ion_probe_radii             ? 
_refine.pdbx_solvent_shrinkage_radii             0.9000 
_refine.pdbx_real_space_R                        ? 
_refine.pdbx_density_correlation                 ? 
_refine.pdbx_pd_number_of_powder_patterns        ? 
_refine.pdbx_pd_number_of_points                 ? 
_refine.pdbx_pd_meas_number_of_points            ? 
_refine.pdbx_pd_proc_ls_prof_R_factor            ? 
_refine.pdbx_pd_proc_ls_prof_wR_factor           ? 
_refine.pdbx_pd_Marquardt_correlation_coeff      ? 
_refine.pdbx_pd_Fsqrd_R_factor                   ? 
_refine.pdbx_pd_ls_matrix_band_width             ? 
_refine.pdbx_overall_phase_error                 31.6069 
_refine.pdbx_overall_SU_R_free_Cruickshank_DPI   ? 
_refine.pdbx_overall_SU_R_free_Blow_DPI          ? 
_refine.pdbx_overall_SU_R_Blow_DPI               ? 
_refine.pdbx_TLS_residual_ADP_flag               ? 
_refine.pdbx_diffrn_id                           1 
_refine.overall_SU_B                             ? 
_refine.overall_SU_ML                            0.1996 
_refine.overall_SU_R_Cruickshank_DPI             ? 
_refine.overall_SU_R_free                        ? 
_refine.overall_FOM_free_R_set                   ? 
_refine.overall_FOM_work_R_set                   ? 
_refine.pdbx_average_fsc_overall                 ? 
_refine.pdbx_average_fsc_work                    ? 
_refine.pdbx_average_fsc_free                    ? 
# 
_refine_hist.pdbx_refine_id                   'X-RAY DIFFRACTION' 
_refine_hist.cycle_id                         LAST 
_refine_hist.details                          ? 
_refine_hist.d_res_high                       1.59 
_refine_hist.d_res_low                        32.35 
_refine_hist.number_atoms_solvent             27 
_refine_hist.number_atoms_total               501 
_refine_hist.number_reflns_all                ? 
_refine_hist.number_reflns_obs                ? 
_refine_hist.number_reflns_R_free             ? 
_refine_hist.number_reflns_R_work             ? 
_refine_hist.R_factor_all                     ? 
_refine_hist.R_factor_obs                     ? 
_refine_hist.R_factor_R_free                  ? 
_refine_hist.R_factor_R_work                  ? 
_refine_hist.pdbx_number_residues_total       ? 
_refine_hist.pdbx_B_iso_mean_ligand           ? 
_refine_hist.pdbx_B_iso_mean_solvent          ? 
_refine_hist.pdbx_number_atoms_protein        474 
_refine_hist.pdbx_number_atoms_nucleic_acid   0 
_refine_hist.pdbx_number_atoms_ligand         0 
_refine_hist.pdbx_number_atoms_lipid          ? 
_refine_hist.pdbx_number_atoms_carb           ? 
_refine_hist.pdbx_pseudo_atom_details         ? 
# 
loop_
_refine_ls_restr.pdbx_refine_id 
_refine_ls_restr.criterion 
_refine_ls_restr.dev_ideal 
_refine_ls_restr.dev_ideal_target 
_refine_ls_restr.number 
_refine_ls_restr.rejects 
_refine_ls_restr.type 
_refine_ls_restr.weight 
_refine_ls_restr.pdbx_restraint_function 
'X-RAY DIFFRACTION' ? 0.0093 ? 508 ? f_bond_d           ? ? 
'X-RAY DIFFRACTION' ? 1.0759 ? 697 ? f_angle_d          ? ? 
'X-RAY DIFFRACTION' ? 0.0664 ? 85  ? f_chiral_restr     ? ? 
'X-RAY DIFFRACTION' ? 0.0101 ? 90  ? f_plane_restr      ? ? 
'X-RAY DIFFRACTION' ? 4.9606 ? 71  ? f_dihedral_angle_d ? ? 
# 
loop_
_refine_ls_shell.pdbx_refine_id 
_refine_ls_shell.d_res_high 
_refine_ls_shell.d_res_low 
_refine_ls_shell.number_reflns_all 
_refine_ls_shell.number_reflns_obs 
_refine_ls_shell.number_reflns_R_free 
_refine_ls_shell.number_reflns_R_work 
_refine_ls_shell.percent_reflns_obs 
_refine_ls_shell.percent_reflns_R_free 
_refine_ls_shell.R_factor_all 
_refine_ls_shell.R_factor_obs 
_refine_ls_shell.R_factor_R_free_error 
_refine_ls_shell.R_factor_R_work 
_refine_ls_shell.redundancy_reflns_all 
_refine_ls_shell.redundancy_reflns_obs 
_refine_ls_shell.wR_factor_all 
_refine_ls_shell.wR_factor_obs 
_refine_ls_shell.wR_factor_R_free 
_refine_ls_shell.wR_factor_R_work 
_refine_ls_shell.pdbx_R_complete 
_refine_ls_shell.pdbx_total_number_of_bins_used 
_refine_ls_shell.pdbx_phase_error 
_refine_ls_shell.pdbx_fsc_work 
_refine_ls_shell.pdbx_fsc_free 
_refine_ls_shell.R_factor_R_free 
'X-RAY DIFFRACTION' 1.59 1.75  . . 151 2657 97.98 . . . . 0.2903 . . . . . . . . . . . 0.3171 
'X-RAY DIFFRACTION' 1.75 2.00  . . 153 2706 98.82 . . . . 0.2302 . . . . . . . . . . . 0.2811 
'X-RAY DIFFRACTION' 2.00 2.52  . . 115 2758 99.34 . . . . 0.2497 . . . . . . . . . . . 0.2582 
'X-RAY DIFFRACTION' 2.52 32.35 . . 150 2865 99.80 . . . . 0.1941 . . . . . . . . . . . 0.1906 
# 
_struct.entry_id                     8PW2 
_struct.title                        'Protein p6 from bacteriophage phi29, C-terminal delta31 truncated version' 
_struct.pdbx_model_details           ? 
_struct.pdbx_formula_weight          ? 
_struct.pdbx_formula_weight_method   ? 
_struct.pdbx_model_type_details      ? 
_struct.pdbx_CASP_flag               N 
# 
_struct_keywords.entry_id        8PW2 
_struct_keywords.text            
'histone-like, bacillus subtillis phage, phi29, nucleocomplex, p6, DNA superhelix, DNA BINDING PROTEIN' 
_struct_keywords.pdbx_keywords   'DNA BINDING PROTEIN' 
# 
loop_
_struct_asym.id 
_struct_asym.pdbx_blank_PDB_chainid_flag 
_struct_asym.pdbx_modified 
_struct_asym.entity_id 
_struct_asym.details 
A N N 1 ? 
B N N 2 ? 
# 
_struct_ref.id                         1 
_struct_ref.db_name                    UNP 
_struct_ref.db_code                    NP_BPPH2 
_struct_ref.pdbx_db_accession          P03685 
_struct_ref.pdbx_db_isoform            ? 
_struct_ref.entity_id                  1 
_struct_ref.pdbx_seq_one_letter_code   AKMMQREITKTTVNVAKMVMVDGEVQVEQLPSETFVGNLTMEQAQWRMKRKYKGEPVQVVSVEPNTEVYELP 
_struct_ref.pdbx_align_begin           2 
# 
_struct_ref_seq.align_id                      1 
_struct_ref_seq.ref_id                        1 
_struct_ref_seq.pdbx_PDB_id_code              8PW2 
_struct_ref_seq.pdbx_strand_id                A 
_struct_ref_seq.seq_align_beg                 1 
_struct_ref_seq.pdbx_seq_align_beg_ins_code   ? 
_struct_ref_seq.seq_align_end                 72 
_struct_ref_seq.pdbx_seq_align_end_ins_code   ? 
_struct_ref_seq.pdbx_db_accession             P03685 
_struct_ref_seq.db_align_beg                  2 
_struct_ref_seq.pdbx_db_align_beg_ins_code    ? 
_struct_ref_seq.db_align_end                  73 
_struct_ref_seq.pdbx_db_align_end_ins_code    ? 
_struct_ref_seq.pdbx_auth_seq_align_beg       1 
_struct_ref_seq.pdbx_auth_seq_align_end       72 
# 
_pdbx_struct_assembly.id                   1 
_pdbx_struct_assembly.details              author_and_software_defined_assembly 
_pdbx_struct_assembly.method_details       PISA 
_pdbx_struct_assembly.oligomeric_details   monomeric 
_pdbx_struct_assembly.oligomeric_count     1 
# 
loop_
_pdbx_struct_assembly_prop.biol_id 
_pdbx_struct_assembly_prop.type 
_pdbx_struct_assembly_prop.value 
_pdbx_struct_assembly_prop.details 
1 'ABSA (A^2)' 0    ? 
1 MORE         0    ? 
1 'SSA (A^2)'  4520 ? 
# 
_pdbx_struct_assembly_gen.assembly_id       1 
_pdbx_struct_assembly_gen.oper_expression   1 
_pdbx_struct_assembly_gen.asym_id_list      A,B 
# 
_pdbx_struct_assembly_auth_evidence.id                     1 
_pdbx_struct_assembly_auth_evidence.assembly_id            1 
_pdbx_struct_assembly_auth_evidence.experimental_support   'equilibrium centrifugation' 
_pdbx_struct_assembly_auth_evidence.details                ? 
# 
_pdbx_struct_oper_list.id                   1 
_pdbx_struct_oper_list.type                 'identity operation' 
_pdbx_struct_oper_list.name                 1_555 
_pdbx_struct_oper_list.symmetry_operation   x,y,z 
_pdbx_struct_oper_list.matrix[1][1]         1.0000000000 
_pdbx_struct_oper_list.matrix[1][2]         0.0000000000 
_pdbx_struct_oper_list.matrix[1][3]         0.0000000000 
_pdbx_struct_oper_list.vector[1]            0.0000000000 
_pdbx_struct_oper_list.matrix[2][1]         0.0000000000 
_pdbx_struct_oper_list.matrix[2][2]         1.0000000000 
_pdbx_struct_oper_list.matrix[2][3]         0.0000000000 
_pdbx_struct_oper_list.vector[2]            0.0000000000 
_pdbx_struct_oper_list.matrix[3][1]         0.0000000000 
_pdbx_struct_oper_list.matrix[3][2]         0.0000000000 
_pdbx_struct_oper_list.matrix[3][3]         1.0000000000 
_pdbx_struct_oper_list.vector[3]            0.0000000000 
# 
_struct_conf.conf_type_id            HELX_P 
_struct_conf.id                      HELX_P1 
_struct_conf.pdbx_PDB_helix_id       AA1 
_struct_conf.beg_label_comp_id       THR 
_struct_conf.beg_label_asym_id       A 
_struct_conf.beg_label_seq_id        40 
_struct_conf.pdbx_beg_PDB_ins_code   ? 
_struct_conf.end_label_comp_id       TYR 
_struct_conf.end_label_asym_id       A 
_struct_conf.end_label_seq_id        52 
_struct_conf.pdbx_end_PDB_ins_code   ? 
_struct_conf.beg_auth_comp_id        THR 
_struct_conf.beg_auth_asym_id        A 
_struct_conf.beg_auth_seq_id         40 
_struct_conf.end_auth_comp_id        TYR 
_struct_conf.end_auth_asym_id        A 
_struct_conf.end_auth_seq_id         52 
_struct_conf.pdbx_PDB_helix_class    1 
_struct_conf.details                 ? 
_struct_conf.pdbx_PDB_helix_length   13 
# 
_struct_conf_type.id          HELX_P 
_struct_conf_type.criteria    ? 
_struct_conf_type.reference   ? 
# 
loop_
_struct_sheet.id 
_struct_sheet.type 
_struct_sheet.number_strands 
_struct_sheet.details 
AA1 ? 3 ? 
AA2 ? 3 ? 
# 
loop_
_struct_sheet_order.sheet_id 
_struct_sheet_order.range_id_1 
_struct_sheet_order.range_id_2 
_struct_sheet_order.offset 
_struct_sheet_order.sense 
AA1 1 2 ? anti-parallel 
AA1 2 3 ? anti-parallel 
AA2 1 2 ? anti-parallel 
AA2 2 3 ? anti-parallel 
# 
loop_
_struct_sheet_range.sheet_id 
_struct_sheet_range.id 
_struct_sheet_range.beg_label_comp_id 
_struct_sheet_range.beg_label_asym_id 
_struct_sheet_range.beg_label_seq_id 
_struct_sheet_range.pdbx_beg_PDB_ins_code 
_struct_sheet_range.end_label_comp_id 
_struct_sheet_range.end_label_asym_id 
_struct_sheet_range.end_label_seq_id 
_struct_sheet_range.pdbx_end_PDB_ins_code 
_struct_sheet_range.beg_auth_comp_id 
_struct_sheet_range.beg_auth_asym_id 
_struct_sheet_range.beg_auth_seq_id 
_struct_sheet_range.end_auth_comp_id 
_struct_sheet_range.end_auth_asym_id 
_struct_sheet_range.end_auth_seq_id 
AA1 1 GLU A 24 ? GLN A 29 ? GLU A 24 GLN A 29 
AA1 2 LYS A 10 ? VAL A 21 ? LYS A 10 VAL A 21 
AA1 3 GLU A 33 ? VAL A 36 ? GLU A 33 VAL A 36 
AA2 1 GLU A 24 ? GLN A 29 ? GLU A 24 GLN A 29 
AA2 2 LYS A 10 ? VAL A 21 ? LYS A 10 VAL A 21 
AA2 3 VAL A 57 ? ASN A 65 ? VAL A 57 ASN A 65 
# 
loop_
_pdbx_struct_sheet_hbond.sheet_id 
_pdbx_struct_sheet_hbond.range_id_1 
_pdbx_struct_sheet_hbond.range_id_2 
_pdbx_struct_sheet_hbond.range_1_label_atom_id 
_pdbx_struct_sheet_hbond.range_1_label_comp_id 
_pdbx_struct_sheet_hbond.range_1_label_asym_id 
_pdbx_struct_sheet_hbond.range_1_label_seq_id 
_pdbx_struct_sheet_hbond.range_1_PDB_ins_code 
_pdbx_struct_sheet_hbond.range_1_auth_atom_id 
_pdbx_struct_sheet_hbond.range_1_auth_comp_id 
_pdbx_struct_sheet_hbond.range_1_auth_asym_id 
_pdbx_struct_sheet_hbond.range_1_auth_seq_id 
_pdbx_struct_sheet_hbond.range_2_label_atom_id 
_pdbx_struct_sheet_hbond.range_2_label_comp_id 
_pdbx_struct_sheet_hbond.range_2_label_asym_id 
_pdbx_struct_sheet_hbond.range_2_label_seq_id 
_pdbx_struct_sheet_hbond.range_2_PDB_ins_code 
_pdbx_struct_sheet_hbond.range_2_auth_atom_id 
_pdbx_struct_sheet_hbond.range_2_auth_comp_id 
_pdbx_struct_sheet_hbond.range_2_auth_asym_id 
_pdbx_struct_sheet_hbond.range_2_auth_seq_id 
AA1 1 2 O GLU A 24 ? O GLU A 24 N VAL A 21 ? N VAL A 21 
AA1 2 3 N VAL A 13 ? N VAL A 13 O GLU A 33 ? O GLU A 33 
AA2 1 2 O GLU A 24 ? O GLU A 24 N VAL A 21 ? N VAL A 21 
AA2 2 3 N ASN A 14 ? N ASN A 14 O VAL A 60 ? O VAL A 60 
# 
_pdbx_validate_torsion.id              1 
_pdbx_validate_torsion.PDB_model_num   1 
_pdbx_validate_torsion.auth_comp_id    TYR 
_pdbx_validate_torsion.auth_asym_id    A 
_pdbx_validate_torsion.auth_seq_id     52 
_pdbx_validate_torsion.PDB_ins_code    ? 
_pdbx_validate_torsion.label_alt_id    ? 
_pdbx_validate_torsion.phi             -101.01 
_pdbx_validate_torsion.psi             66.21 
# 
loop_
_space_group_symop.id 
_space_group_symop.operation_xyz 
1 x,y,z          
2 -y,x-y,z+1/3   
3 -x+y,-x,z+2/3  
4 x-y,-y,-z+2/3  
5 -x,-x+y,-z+1/3 
6 y,x,-z         
# 
loop_
_pdbx_refine_tls.id 
_pdbx_refine_tls.pdbx_refine_id 
_pdbx_refine_tls.details 
_pdbx_refine_tls.method 
_pdbx_refine_tls.origin_x 
_pdbx_refine_tls.origin_y 
_pdbx_refine_tls.origin_z 
_pdbx_refine_tls.T[1][1] 
_pdbx_refine_tls.T[1][1]_esd 
_pdbx_refine_tls.T[1][2] 
_pdbx_refine_tls.T[1][2]_esd 
_pdbx_refine_tls.T[1][3] 
_pdbx_refine_tls.T[1][3]_esd 
_pdbx_refine_tls.T[2][2] 
_pdbx_refine_tls.T[2][2]_esd 
_pdbx_refine_tls.T[2][3] 
_pdbx_refine_tls.T[2][3]_esd 
_pdbx_refine_tls.T[3][3] 
_pdbx_refine_tls.T[3][3]_esd 
_pdbx_refine_tls.L[1][1] 
_pdbx_refine_tls.L[1][1]_esd 
_pdbx_refine_tls.L[1][2] 
_pdbx_refine_tls.L[1][2]_esd 
_pdbx_refine_tls.L[1][3] 
_pdbx_refine_tls.L[1][3]_esd 
_pdbx_refine_tls.L[2][2] 
_pdbx_refine_tls.L[2][2]_esd 
_pdbx_refine_tls.L[2][3] 
_pdbx_refine_tls.L[2][3]_esd 
_pdbx_refine_tls.L[3][3] 
_pdbx_refine_tls.L[3][3]_esd 
_pdbx_refine_tls.S[1][1] 
_pdbx_refine_tls.S[1][1]_esd 
_pdbx_refine_tls.S[1][2] 
_pdbx_refine_tls.S[1][2]_esd 
_pdbx_refine_tls.S[1][3] 
_pdbx_refine_tls.S[1][3]_esd 
_pdbx_refine_tls.S[2][1] 
_pdbx_refine_tls.S[2][1]_esd 
_pdbx_refine_tls.S[2][2] 
_pdbx_refine_tls.S[2][2]_esd 
_pdbx_refine_tls.S[2][3] 
_pdbx_refine_tls.S[2][3]_esd 
_pdbx_refine_tls.S[3][1] 
_pdbx_refine_tls.S[3][1]_esd 
_pdbx_refine_tls.S[3][2] 
_pdbx_refine_tls.S[3][2]_esd 
_pdbx_refine_tls.S[3][3] 
_pdbx_refine_tls.S[3][3]_esd 
1 'X-RAY DIFFRACTION' ? refined 0.7109821959  3.77320536620 -6.30776748817 0.254953825531 ? 0.035206349732  ? 0.002831824002  ? 0.260495927279 ? 0.014184296616  ? 0.296313327999 ? 2.07731551386 ? -0.91475453625 ? 0.961881645011 ? 1.97631027706  ? -1.796114685952 ? 4.22118472824 ? -0.059660246200 ? 0.346240119309  ? 0.379931550364 ? -0.147325418037 ? -0.159980500971 ? -0.12791386143  ? -0.097287490935 ? -0.082097428392 ? 0.273064125081 ? 
2 'X-RAY DIFFRACTION' ? refined -1.9801604402 -2.0709828616 5.34557468906  0.224833511853 ? -0.013282954909 ? -0.004747996919 ? 0.297874052176 ? -0.018159067090 ? 0.265025223929 ? 2.27965685895 ? -0.46003392068 ? 0.573416152319 ? 3.34810590347  ? -0.990870875223 ? 6.56461262198 ? -0.151903156440 ? -0.073281608106 ? 0.097382402948 ? -0.072360889122 ? 0.154503733249  ? 0.335871469805  ? 0.079501716865  ? -0.842493446263 ? 0.005345376570 ? 
3 'X-RAY DIFFRACTION' ? refined 0.9023579559  -1.5317297670 0.81905212904  0.320606634601 ? 0.026697866382  ? -0.000920558979 ? 0.241004563442 ? -0.037730648270 ? 0.269237918883 ? 1.31635254166 ? 1.42109791861  ? -1.79015015399 ? 2.480912971452 ? -0.14567186654  ? 6.04160570902 ? -0.272169330305 ? -0.344231591413 ? 0.316919742257 ? -0.011002759527 ? -0.042967263985 ? -0.128918667803 ? -0.231255539783 ? -0.343362954264 ? 0.032356593798 ? 
# 
loop_
_pdbx_refine_tls_group.id 
_pdbx_refine_tls_group.pdbx_refine_id 
_pdbx_refine_tls_group.refine_tls_id 
_pdbx_refine_tls_group.beg_label_asym_id 
_pdbx_refine_tls_group.beg_label_seq_id 
_pdbx_refine_tls_group.beg_auth_asym_id 
_pdbx_refine_tls_group.beg_auth_seq_id 
_pdbx_refine_tls_group.beg_PDB_ins_code 
_pdbx_refine_tls_group.end_label_asym_id 
_pdbx_refine_tls_group.end_label_seq_id 
_pdbx_refine_tls_group.end_auth_asym_id 
_pdbx_refine_tls_group.end_auth_seq_id 
_pdbx_refine_tls_group.end_PDB_ins_code 
_pdbx_refine_tls_group.selection 
_pdbx_refine_tls_group.selection_details 
1 'X-RAY DIFFRACTION' 1 A 1  A 8  ? A 22 A 29 ? ? 
;chain 'A' and (resid 8 through 29 )
;
2 'X-RAY DIFFRACTION' 2 A 23 A 30 ? A 44 A 51 ? ? 
;chain 'A' and (resid 30 through 51 )
;
3 'X-RAY DIFFRACTION' 3 A 45 A 52 ? A 60 A 67 ? ? 
;chain 'A' and (resid 52 through 67 )
;
# 
loop_
_pdbx_unobs_or_zero_occ_residues.id 
_pdbx_unobs_or_zero_occ_residues.PDB_model_num 
_pdbx_unobs_or_zero_occ_residues.polymer_flag 
_pdbx_unobs_or_zero_occ_residues.occupancy_flag 
_pdbx_unobs_or_zero_occ_residues.auth_asym_id 
_pdbx_unobs_or_zero_occ_residues.auth_comp_id 
_pdbx_unobs_or_zero_occ_residues.auth_seq_id 
_pdbx_unobs_or_zero_occ_residues.PDB_ins_code 
_pdbx_unobs_or_zero_occ_residues.label_asym_id 
_pdbx_unobs_or_zero_occ_residues.label_comp_id 
_pdbx_unobs_or_zero_occ_residues.label_seq_id 
1  1 Y 1 A ALA 1  ? A ALA 1  
2  1 Y 1 A LYS 2  ? A LYS 2  
3  1 Y 1 A MET 3  ? A MET 3  
4  1 Y 1 A MET 4  ? A MET 4  
5  1 Y 1 A GLN 5  ? A GLN 5  
6  1 Y 1 A ARG 6  ? A ARG 6  
7  1 Y 1 A GLU 7  ? A GLU 7  
8  1 Y 1 A VAL 68 ? A VAL 68 
9  1 Y 1 A TYR 69 ? A TYR 69 
10 1 Y 1 A GLU 70 ? A GLU 70 
11 1 Y 1 A LEU 71 ? A LEU 71 
12 1 Y 1 A PRO 72 ? A PRO 72 
# 
loop_
_chem_comp_atom.comp_id 
_chem_comp_atom.atom_id 
_chem_comp_atom.type_symbol 
_chem_comp_atom.pdbx_aromatic_flag 
_chem_comp_atom.pdbx_stereo_config 
_chem_comp_atom.pdbx_ordinal 
ALA N    N N N 1   
ALA CA   C N S 2   
ALA C    C N N 3   
ALA O    O N N 4   
ALA CB   C N N 5   
ALA OXT  O N N 6   
ALA H    H N N 7   
ALA H2   H N N 8   
ALA HA   H N N 9   
ALA HB1  H N N 10  
ALA HB2  H N N 11  
ALA HB3  H N N 12  
ALA HXT  H N N 13  
ARG N    N N N 14  
ARG CA   C N S 15  
ARG C    C N N 16  
ARG O    O N N 17  
ARG CB   C N N 18  
ARG CG   C N N 19  
ARG CD   C N N 20  
ARG NE   N N N 21  
ARG CZ   C N N 22  
ARG NH1  N N N 23  
ARG NH2  N N N 24  
ARG OXT  O N N 25  
ARG H    H N N 26  
ARG H2   H N N 27  
ARG HA   H N N 28  
ARG HB2  H N N 29  
ARG HB3  H N N 30  
ARG HG2  H N N 31  
ARG HG3  H N N 32  
ARG HD2  H N N 33  
ARG HD3  H N N 34  
ARG HE   H N N 35  
ARG HH11 H N N 36  
ARG HH12 H N N 37  
ARG HH21 H N N 38  
ARG HH22 H N N 39  
ARG HXT  H N N 40  
ASN N    N N N 41  
ASN CA   C N S 42  
ASN C    C N N 43  
ASN O    O N N 44  
ASN CB   C N N 45  
ASN CG   C N N 46  
ASN OD1  O N N 47  
ASN ND2  N N N 48  
ASN OXT  O N N 49  
ASN H    H N N 50  
ASN H2   H N N 51  
ASN HA   H N N 52  
ASN HB2  H N N 53  
ASN HB3  H N N 54  
ASN HD21 H N N 55  
ASN HD22 H N N 56  
ASN HXT  H N N 57  
ASP N    N N N 58  
ASP CA   C N S 59  
ASP C    C N N 60  
ASP O    O N N 61  
ASP CB   C N N 62  
ASP CG   C N N 63  
ASP OD1  O N N 64  
ASP OD2  O N N 65  
ASP OXT  O N N 66  
ASP H    H N N 67  
ASP H2   H N N 68  
ASP HA   H N N 69  
ASP HB2  H N N 70  
ASP HB3  H N N 71  
ASP HD2  H N N 72  
ASP HXT  H N N 73  
GLN N    N N N 74  
GLN CA   C N S 75  
GLN C    C N N 76  
GLN O    O N N 77  
GLN CB   C N N 78  
GLN CG   C N N 79  
GLN CD   C N N 80  
GLN OE1  O N N 81  
GLN NE2  N N N 82  
GLN OXT  O N N 83  
GLN H    H N N 84  
GLN H2   H N N 85  
GLN HA   H N N 86  
GLN HB2  H N N 87  
GLN HB3  H N N 88  
GLN HG2  H N N 89  
GLN HG3  H N N 90  
GLN HE21 H N N 91  
GLN HE22 H N N 92  
GLN HXT  H N N 93  
GLU N    N N N 94  
GLU CA   C N S 95  
GLU C    C N N 96  
GLU O    O N N 97  
GLU CB   C N N 98  
GLU CG   C N N 99  
GLU CD   C N N 100 
GLU OE1  O N N 101 
GLU OE2  O N N 102 
GLU OXT  O N N 103 
GLU H    H N N 104 
GLU H2   H N N 105 
GLU HA   H N N 106 
GLU HB2  H N N 107 
GLU HB3  H N N 108 
GLU HG2  H N N 109 
GLU HG3  H N N 110 
GLU HE2  H N N 111 
GLU HXT  H N N 112 
GLY N    N N N 113 
GLY CA   C N N 114 
GLY C    C N N 115 
GLY O    O N N 116 
GLY OXT  O N N 117 
GLY H    H N N 118 
GLY H2   H N N 119 
GLY HA2  H N N 120 
GLY HA3  H N N 121 
GLY HXT  H N N 122 
HOH O    O N N 123 
HOH H1   H N N 124 
HOH H2   H N N 125 
ILE N    N N N 126 
ILE CA   C N S 127 
ILE C    C N N 128 
ILE O    O N N 129 
ILE CB   C N S 130 
ILE CG1  C N N 131 
ILE CG2  C N N 132 
ILE CD1  C N N 133 
ILE OXT  O N N 134 
ILE H    H N N 135 
ILE H2   H N N 136 
ILE HA   H N N 137 
ILE HB   H N N 138 
ILE HG12 H N N 139 
ILE HG13 H N N 140 
ILE HG21 H N N 141 
ILE HG22 H N N 142 
ILE HG23 H N N 143 
ILE HD11 H N N 144 
ILE HD12 H N N 145 
ILE HD13 H N N 146 
ILE HXT  H N N 147 
LEU N    N N N 148 
LEU CA   C N S 149 
LEU C    C N N 150 
LEU O    O N N 151 
LEU CB   C N N 152 
LEU CG   C N N 153 
LEU CD1  C N N 154 
LEU CD2  C N N 155 
LEU OXT  O N N 156 
LEU H    H N N 157 
LEU H2   H N N 158 
LEU HA   H N N 159 
LEU HB2  H N N 160 
LEU HB3  H N N 161 
LEU HG   H N N 162 
LEU HD11 H N N 163 
LEU HD12 H N N 164 
LEU HD13 H N N 165 
LEU HD21 H N N 166 
LEU HD22 H N N 167 
LEU HD23 H N N 168 
LEU HXT  H N N 169 
LYS N    N N N 170 
LYS CA   C N S 171 
LYS C    C N N 172 
LYS O    O N N 173 
LYS CB   C N N 174 
LYS CG   C N N 175 
LYS CD   C N N 176 
LYS CE   C N N 177 
LYS NZ   N N N 178 
LYS OXT  O N N 179 
LYS H    H N N 180 
LYS H2   H N N 181 
LYS HA   H N N 182 
LYS HB2  H N N 183 
LYS HB3  H N N 184 
LYS HG2  H N N 185 
LYS HG3  H N N 186 
LYS HD2  H N N 187 
LYS HD3  H N N 188 
LYS HE2  H N N 189 
LYS HE3  H N N 190 
LYS HZ1  H N N 191 
LYS HZ2  H N N 192 
LYS HZ3  H N N 193 
LYS HXT  H N N 194 
MET N    N N N 195 
MET CA   C N S 196 
MET C    C N N 197 
MET O    O N N 198 
MET CB   C N N 199 
MET CG   C N N 200 
MET SD   S N N 201 
MET CE   C N N 202 
MET OXT  O N N 203 
MET H    H N N 204 
MET H2   H N N 205 
MET HA   H N N 206 
MET HB2  H N N 207 
MET HB3  H N N 208 
MET HG2  H N N 209 
MET HG3  H N N 210 
MET HE1  H N N 211 
MET HE2  H N N 212 
MET HE3  H N N 213 
MET HXT  H N N 214 
PHE N    N N N 215 
PHE CA   C N S 216 
PHE C    C N N 217 
PHE O    O N N 218 
PHE CB   C N N 219 
PHE CG   C Y N 220 
PHE CD1  C Y N 221 
PHE CD2  C Y N 222 
PHE CE1  C Y N 223 
PHE CE2  C Y N 224 
PHE CZ   C Y N 225 
PHE OXT  O N N 226 
PHE H    H N N 227 
PHE H2   H N N 228 
PHE HA   H N N 229 
PHE HB2  H N N 230 
PHE HB3  H N N 231 
PHE HD1  H N N 232 
PHE HD2  H N N 233 
PHE HE1  H N N 234 
PHE HE2  H N N 235 
PHE HZ   H N N 236 
PHE HXT  H N N 237 
PRO N    N N N 238 
PRO CA   C N S 239 
PRO C    C N N 240 
PRO O    O N N 241 
PRO CB   C N N 242 
PRO CG   C N N 243 
PRO CD   C N N 244 
PRO OXT  O N N 245 
PRO H    H N N 246 
PRO HA   H N N 247 
PRO HB2  H N N 248 
PRO HB3  H N N 249 
PRO HG2  H N N 250 
PRO HG3  H N N 251 
PRO HD2  H N N 252 
PRO HD3  H N N 253 
PRO HXT  H N N 254 
SER N    N N N 255 
SER CA   C N S 256 
SER C    C N N 257 
SER O    O N N 258 
SER CB   C N N 259 
SER OG   O N N 260 
SER OXT  O N N 261 
SER H    H N N 262 
SER H2   H N N 263 
SER HA   H N N 264 
SER HB2  H N N 265 
SER HB3  H N N 266 
SER HG   H N N 267 
SER HXT  H N N 268 
THR N    N N N 269 
THR CA   C N S 270 
THR C    C N N 271 
THR O    O N N 272 
THR CB   C N R 273 
THR OG1  O N N 274 
THR CG2  C N N 275 
THR OXT  O N N 276 
THR H    H N N 277 
THR H2   H N N 278 
THR HA   H N N 279 
THR HB   H N N 280 
THR HG1  H N N 281 
THR HG21 H N N 282 
THR HG22 H N N 283 
THR HG23 H N N 284 
THR HXT  H N N 285 
TRP N    N N N 286 
TRP CA   C N S 287 
TRP C    C N N 288 
TRP O    O N N 289 
TRP CB   C N N 290 
TRP CG   C Y N 291 
TRP CD1  C Y N 292 
TRP CD2  C Y N 293 
TRP NE1  N Y N 294 
TRP CE2  C Y N 295 
TRP CE3  C Y N 296 
TRP CZ2  C Y N 297 
TRP CZ3  C Y N 298 
TRP CH2  C Y N 299 
TRP OXT  O N N 300 
TRP H    H N N 301 
TRP H2   H N N 302 
TRP HA   H N N 303 
TRP HB2  H N N 304 
TRP HB3  H N N 305 
TRP HD1  H N N 306 
TRP HE1  H N N 307 
TRP HE3  H N N 308 
TRP HZ2  H N N 309 
TRP HZ3  H N N 310 
TRP HH2  H N N 311 
TRP HXT  H N N 312 
TYR N    N N N 313 
TYR CA   C N S 314 
TYR C    C N N 315 
TYR O    O N N 316 
TYR CB   C N N 317 
TYR CG   C Y N 318 
TYR CD1  C Y N 319 
TYR CD2  C Y N 320 
TYR CE1  C Y N 321 
TYR CE2  C Y N 322 
TYR CZ   C Y N 323 
TYR OH   O N N 324 
TYR OXT  O N N 325 
TYR H    H N N 326 
TYR H2   H N N 327 
TYR HA   H N N 328 
TYR HB2  H N N 329 
TYR HB3  H N N 330 
TYR HD1  H N N 331 
TYR HD2  H N N 332 
TYR HE1  H N N 333 
TYR HE2  H N N 334 
TYR HH   H N N 335 
TYR HXT  H N N 336 
VAL N    N N N 337 
VAL CA   C N S 338 
VAL C    C N N 339 
VAL O    O N N 340 
VAL CB   C N N 341 
VAL CG1  C N N 342 
VAL CG2  C N N 343 
VAL OXT  O N N 344 
VAL H    H N N 345 
VAL H2   H N N 346 
VAL HA   H N N 347 
VAL HB   H N N 348 
VAL HG11 H N N 349 
VAL HG12 H N N 350 
VAL HG13 H N N 351 
VAL HG21 H N N 352 
VAL HG22 H N N 353 
VAL HG23 H N N 354 
VAL HXT  H N N 355 
# 
loop_
_chem_comp_bond.comp_id 
_chem_comp_bond.atom_id_1 
_chem_comp_bond.atom_id_2 
_chem_comp_bond.value_order 
_chem_comp_bond.pdbx_aromatic_flag 
_chem_comp_bond.pdbx_stereo_config 
_chem_comp_bond.pdbx_ordinal 
ALA N   CA   sing N N 1   
ALA N   H    sing N N 2   
ALA N   H2   sing N N 3   
ALA CA  C    sing N N 4   
ALA CA  CB   sing N N 5   
ALA CA  HA   sing N N 6   
ALA C   O    doub N N 7   
ALA C   OXT  sing N N 8   
ALA CB  HB1  sing N N 9   
ALA CB  HB2  sing N N 10  
ALA CB  HB3  sing N N 11  
ALA OXT HXT  sing N N 12  
ARG N   CA   sing N N 13  
ARG N   H    sing N N 14  
ARG N   H2   sing N N 15  
ARG CA  C    sing N N 16  
ARG CA  CB   sing N N 17  
ARG CA  HA   sing N N 18  
ARG C   O    doub N N 19  
ARG C   OXT  sing N N 20  
ARG CB  CG   sing N N 21  
ARG CB  HB2  sing N N 22  
ARG CB  HB3  sing N N 23  
ARG CG  CD   sing N N 24  
ARG CG  HG2  sing N N 25  
ARG CG  HG3  sing N N 26  
ARG CD  NE   sing N N 27  
ARG CD  HD2  sing N N 28  
ARG CD  HD3  sing N N 29  
ARG NE  CZ   sing N N 30  
ARG NE  HE   sing N N 31  
ARG CZ  NH1  sing N N 32  
ARG CZ  NH2  doub N N 33  
ARG NH1 HH11 sing N N 34  
ARG NH1 HH12 sing N N 35  
ARG NH2 HH21 sing N N 36  
ARG NH2 HH22 sing N N 37  
ARG OXT HXT  sing N N 38  
ASN N   CA   sing N N 39  
ASN N   H    sing N N 40  
ASN N   H2   sing N N 41  
ASN CA  C    sing N N 42  
ASN CA  CB   sing N N 43  
ASN CA  HA   sing N N 44  
ASN C   O    doub N N 45  
ASN C   OXT  sing N N 46  
ASN CB  CG   sing N N 47  
ASN CB  HB2  sing N N 48  
ASN CB  HB3  sing N N 49  
ASN CG  OD1  doub N N 50  
ASN CG  ND2  sing N N 51  
ASN ND2 HD21 sing N N 52  
ASN ND2 HD22 sing N N 53  
ASN OXT HXT  sing N N 54  
ASP N   CA   sing N N 55  
ASP N   H    sing N N 56  
ASP N   H2   sing N N 57  
ASP CA  C    sing N N 58  
ASP CA  CB   sing N N 59  
ASP CA  HA   sing N N 60  
ASP C   O    doub N N 61  
ASP C   OXT  sing N N 62  
ASP CB  CG   sing N N 63  
ASP CB  HB2  sing N N 64  
ASP CB  HB3  sing N N 65  
ASP CG  OD1  doub N N 66  
ASP CG  OD2  sing N N 67  
ASP OD2 HD2  sing N N 68  
ASP OXT HXT  sing N N 69  
GLN N   CA   sing N N 70  
GLN N   H    sing N N 71  
GLN N   H2   sing N N 72  
GLN CA  C    sing N N 73  
GLN CA  CB   sing N N 74  
GLN CA  HA   sing N N 75  
GLN C   O    doub N N 76  
GLN C   OXT  sing N N 77  
GLN CB  CG   sing N N 78  
GLN CB  HB2  sing N N 79  
GLN CB  HB3  sing N N 80  
GLN CG  CD   sing N N 81  
GLN CG  HG2  sing N N 82  
GLN CG  HG3  sing N N 83  
GLN CD  OE1  doub N N 84  
GLN CD  NE2  sing N N 85  
GLN NE2 HE21 sing N N 86  
GLN NE2 HE22 sing N N 87  
GLN OXT HXT  sing N N 88  
GLU N   CA   sing N N 89  
GLU N   H    sing N N 90  
GLU N   H2   sing N N 91  
GLU CA  C    sing N N 92  
GLU CA  CB   sing N N 93  
GLU CA  HA   sing N N 94  
GLU C   O    doub N N 95  
GLU C   OXT  sing N N 96  
GLU CB  CG   sing N N 97  
GLU CB  HB2  sing N N 98  
GLU CB  HB3  sing N N 99  
GLU CG  CD   sing N N 100 
GLU CG  HG2  sing N N 101 
GLU CG  HG3  sing N N 102 
GLU CD  OE1  doub N N 103 
GLU CD  OE2  sing N N 104 
GLU OE2 HE2  sing N N 105 
GLU OXT HXT  sing N N 106 
GLY N   CA   sing N N 107 
GLY N   H    sing N N 108 
GLY N   H2   sing N N 109 
GLY CA  C    sing N N 110 
GLY CA  HA2  sing N N 111 
GLY CA  HA3  sing N N 112 
GLY C   O    doub N N 113 
GLY C   OXT  sing N N 114 
GLY OXT HXT  sing N N 115 
HOH O   H1   sing N N 116 
HOH O   H2   sing N N 117 
ILE N   CA   sing N N 118 
ILE N   H    sing N N 119 
ILE N   H2   sing N N 120 
ILE CA  C    sing N N 121 
ILE CA  CB   sing N N 122 
ILE CA  HA   sing N N 123 
ILE C   O    doub N N 124 
ILE C   OXT  sing N N 125 
ILE CB  CG1  sing N N 126 
ILE CB  CG2  sing N N 127 
ILE CB  HB   sing N N 128 
ILE CG1 CD1  sing N N 129 
ILE CG1 HG12 sing N N 130 
ILE CG1 HG13 sing N N 131 
ILE CG2 HG21 sing N N 132 
ILE CG2 HG22 sing N N 133 
ILE CG2 HG23 sing N N 134 
ILE CD1 HD11 sing N N 135 
ILE CD1 HD12 sing N N 136 
ILE CD1 HD13 sing N N 137 
ILE OXT HXT  sing N N 138 
LEU N   CA   sing N N 139 
LEU N   H    sing N N 140 
LEU N   H2   sing N N 141 
LEU CA  C    sing N N 142 
LEU CA  CB   sing N N 143 
LEU CA  HA   sing N N 144 
LEU C   O    doub N N 145 
LEU C   OXT  sing N N 146 
LEU CB  CG   sing N N 147 
LEU CB  HB2  sing N N 148 
LEU CB  HB3  sing N N 149 
LEU CG  CD1  sing N N 150 
LEU CG  CD2  sing N N 151 
LEU CG  HG   sing N N 152 
LEU CD1 HD11 sing N N 153 
LEU CD1 HD12 sing N N 154 
LEU CD1 HD13 sing N N 155 
LEU CD2 HD21 sing N N 156 
LEU CD2 HD22 sing N N 157 
LEU CD2 HD23 sing N N 158 
LEU OXT HXT  sing N N 159 
LYS N   CA   sing N N 160 
LYS N   H    sing N N 161 
LYS N   H2   sing N N 162 
LYS CA  C    sing N N 163 
LYS CA  CB   sing N N 164 
LYS CA  HA   sing N N 165 
LYS C   O    doub N N 166 
LYS C   OXT  sing N N 167 
LYS CB  CG   sing N N 168 
LYS CB  HB2  sing N N 169 
LYS CB  HB3  sing N N 170 
LYS CG  CD   sing N N 171 
LYS CG  HG2  sing N N 172 
LYS CG  HG3  sing N N 173 
LYS CD  CE   sing N N 174 
LYS CD  HD2  sing N N 175 
LYS CD  HD3  sing N N 176 
LYS CE  NZ   sing N N 177 
LYS CE  HE2  sing N N 178 
LYS CE  HE3  sing N N 179 
LYS NZ  HZ1  sing N N 180 
LYS NZ  HZ2  sing N N 181 
LYS NZ  HZ3  sing N N 182 
LYS OXT HXT  sing N N 183 
MET N   CA   sing N N 184 
MET N   H    sing N N 185 
MET N   H2   sing N N 186 
MET CA  C    sing N N 187 
MET CA  CB   sing N N 188 
MET CA  HA   sing N N 189 
MET C   O    doub N N 190 
MET C   OXT  sing N N 191 
MET CB  CG   sing N N 192 
MET CB  HB2  sing N N 193 
MET CB  HB3  sing N N 194 
MET CG  SD   sing N N 195 
MET CG  HG2  sing N N 196 
MET CG  HG3  sing N N 197 
MET SD  CE   sing N N 198 
MET CE  HE1  sing N N 199 
MET CE  HE2  sing N N 200 
MET CE  HE3  sing N N 201 
MET OXT HXT  sing N N 202 
PHE N   CA   sing N N 203 
PHE N   H    sing N N 204 
PHE N   H2   sing N N 205 
PHE CA  C    sing N N 206 
PHE CA  CB   sing N N 207 
PHE CA  HA   sing N N 208 
PHE C   O    doub N N 209 
PHE C   OXT  sing N N 210 
PHE CB  CG   sing N N 211 
PHE CB  HB2  sing N N 212 
PHE CB  HB3  sing N N 213 
PHE CG  CD1  doub Y N 214 
PHE CG  CD2  sing Y N 215 
PHE CD1 CE1  sing Y N 216 
PHE CD1 HD1  sing N N 217 
PHE CD2 CE2  doub Y N 218 
PHE CD2 HD2  sing N N 219 
PHE CE1 CZ   doub Y N 220 
PHE CE1 HE1  sing N N 221 
PHE CE2 CZ   sing Y N 222 
PHE CE2 HE2  sing N N 223 
PHE CZ  HZ   sing N N 224 
PHE OXT HXT  sing N N 225 
PRO N   CA   sing N N 226 
PRO N   CD   sing N N 227 
PRO N   H    sing N N 228 
PRO CA  C    sing N N 229 
PRO CA  CB   sing N N 230 
PRO CA  HA   sing N N 231 
PRO C   O    doub N N 232 
PRO C   OXT  sing N N 233 
PRO CB  CG   sing N N 234 
PRO CB  HB2  sing N N 235 
PRO CB  HB3  sing N N 236 
PRO CG  CD   sing N N 237 
PRO CG  HG2  sing N N 238 
PRO CG  HG3  sing N N 239 
PRO CD  HD2  sing N N 240 
PRO CD  HD3  sing N N 241 
PRO OXT HXT  sing N N 242 
SER N   CA   sing N N 243 
SER N   H    sing N N 244 
SER N   H2   sing N N 245 
SER CA  C    sing N N 246 
SER CA  CB   sing N N 247 
SER CA  HA   sing N N 248 
SER C   O    doub N N 249 
SER C   OXT  sing N N 250 
SER CB  OG   sing N N 251 
SER CB  HB2  sing N N 252 
SER CB  HB3  sing N N 253 
SER OG  HG   sing N N 254 
SER OXT HXT  sing N N 255 
THR N   CA   sing N N 256 
THR N   H    sing N N 257 
THR N   H2   sing N N 258 
THR CA  C    sing N N 259 
THR CA  CB   sing N N 260 
THR CA  HA   sing N N 261 
THR C   O    doub N N 262 
THR C   OXT  sing N N 263 
THR CB  OG1  sing N N 264 
THR CB  CG2  sing N N 265 
THR CB  HB   sing N N 266 
THR OG1 HG1  sing N N 267 
THR CG2 HG21 sing N N 268 
THR CG2 HG22 sing N N 269 
THR CG2 HG23 sing N N 270 
THR OXT HXT  sing N N 271 
TRP N   CA   sing N N 272 
TRP N   H    sing N N 273 
TRP N   H2   sing N N 274 
TRP CA  C    sing N N 275 
TRP CA  CB   sing N N 276 
TRP CA  HA   sing N N 277 
TRP C   O    doub N N 278 
TRP C   OXT  sing N N 279 
TRP CB  CG   sing N N 280 
TRP CB  HB2  sing N N 281 
TRP CB  HB3  sing N N 282 
TRP CG  CD1  doub Y N 283 
TRP CG  CD2  sing Y N 284 
TRP CD1 NE1  sing Y N 285 
TRP CD1 HD1  sing N N 286 
TRP CD2 CE2  doub Y N 287 
TRP CD2 CE3  sing Y N 288 
TRP NE1 CE2  sing Y N 289 
TRP NE1 HE1  sing N N 290 
TRP CE2 CZ2  sing Y N 291 
TRP CE3 CZ3  doub Y N 292 
TRP CE3 HE3  sing N N 293 
TRP CZ2 CH2  doub Y N 294 
TRP CZ2 HZ2  sing N N 295 
TRP CZ3 CH2  sing Y N 296 
TRP CZ3 HZ3  sing N N 297 
TRP CH2 HH2  sing N N 298 
TRP OXT HXT  sing N N 299 
TYR N   CA   sing N N 300 
TYR N   H    sing N N 301 
TYR N   H2   sing N N 302 
TYR CA  C    sing N N 303 
TYR CA  CB   sing N N 304 
TYR CA  HA   sing N N 305 
TYR C   O    doub N N 306 
TYR C   OXT  sing N N 307 
TYR CB  CG   sing N N 308 
TYR CB  HB2  sing N N 309 
TYR CB  HB3  sing N N 310 
TYR CG  CD1  doub Y N 311 
TYR CG  CD2  sing Y N 312 
TYR CD1 CE1  sing Y N 313 
TYR CD1 HD1  sing N N 314 
TYR CD2 CE2  doub Y N 315 
TYR CD2 HD2  sing N N 316 
TYR CE1 CZ   doub Y N 317 
TYR CE1 HE1  sing N N 318 
TYR CE2 CZ   sing Y N 319 
TYR CE2 HE2  sing N N 320 
TYR CZ  OH   sing N N 321 
TYR OH  HH   sing N N 322 
TYR OXT HXT  sing N N 323 
VAL N   CA   sing N N 324 
VAL N   H    sing N N 325 
VAL N   H2   sing N N 326 
VAL CA  C    sing N N 327 
VAL CA  CB   sing N N 328 
VAL CA  HA   sing N N 329 
VAL C   O    doub N N 330 
VAL C   OXT  sing N N 331 
VAL CB  CG1  sing N N 332 
VAL CB  CG2  sing N N 333 
VAL CB  HB   sing N N 334 
VAL CG1 HG11 sing N N 335 
VAL CG1 HG12 sing N N 336 
VAL CG1 HG13 sing N N 337 
VAL CG2 HG21 sing N N 338 
VAL CG2 HG22 sing N N 339 
VAL CG2 HG23 sing N N 340 
VAL OXT HXT  sing N N 341 
# 
loop_
_pdbx_audit_support.funding_organization 
_pdbx_audit_support.country 
_pdbx_audit_support.grant_number 
_pdbx_audit_support.ordinal 
'Spanish Ministry of Science, Innovation, and Universities' Spain       PID2020-115331GB-I00 1 
'Swiss National Science Foundation'                         Switzerland CRSII5_198737/1      2 
# 
_pdbx_initial_refinement_model.id               1 
_pdbx_initial_refinement_model.entity_id_list   ? 
_pdbx_initial_refinement_model.type             'in silico model' 
_pdbx_initial_refinement_model.source_name      AlphaFold 
_pdbx_initial_refinement_model.accession_code   ? 
_pdbx_initial_refinement_model.details          ? 
# 
_space_group.name_H-M_alt     'P 31 2 1' 
_space_group.name_Hall        
;P 31 2"
;
_space_group.IT_number        152 
_space_group.crystal_system   trigonal 
_space_group.id               1 
# 
_atom_sites.entry_id                    8PW2 
_atom_sites.Cartn_transf_matrix[1][1]   ? 
_atom_sites.Cartn_transf_matrix[1][2]   ? 
_atom_sites.Cartn_transf_matrix[1][3]   ? 
_atom_sites.Cartn_transf_matrix[2][1]   ? 
_atom_sites.Cartn_transf_matrix[2][2]   ? 
_atom_sites.Cartn_transf_matrix[2][3]   ? 
_atom_sites.Cartn_transf_matrix[3][1]   ? 
_atom_sites.Cartn_transf_matrix[3][2]   ? 
_atom_sites.Cartn_transf_matrix[3][3]   ? 
_atom_sites.Cartn_transf_vector[1]      ? 
_atom_sites.Cartn_transf_vector[2]      ? 
_atom_sites.Cartn_transf_vector[3]      ? 
_atom_sites.fract_transf_matrix[1][1]   0.00359244 
_atom_sites.fract_transf_matrix[1][2]   0.00913272 
_atom_sites.fract_transf_matrix[1][3]   -0.01683488 
_atom_sites.fract_transf_matrix[2][1]   -0.01475346 
_atom_sites.fract_transf_matrix[2][2]   0.00506015 
_atom_sites.fract_transf_matrix[2][3]   -0.01168052 
_atom_sites.fract_transf_matrix[3][1]   -0.00156818 
_atom_sites.fract_transf_matrix[3][2]   0.02118846 
_atom_sites.fract_transf_matrix[3][3]   0.01115984 
_atom_sites.fract_transf_vector[1]      0.397327 
_atom_sites.fract_transf_vector[2]      -0.187092 
_atom_sites.fract_transf_vector[3]      -0.061539 
_atom_sites.solution_primary            ? 
_atom_sites.solution_secondary          ? 
_atom_sites.solution_hydrogens          ? 
_atom_sites.special_details             ? 
# 
loop_
_atom_type.symbol 
_atom_type.scat_dispersion_real 
_atom_type.scat_dispersion_imag 
_atom_type.scat_Cromer_Mann_a1 
_atom_type.scat_Cromer_Mann_a2 
_atom_type.scat_Cromer_Mann_a3 
_atom_type.scat_Cromer_Mann_a4 
_atom_type.scat_Cromer_Mann_b1 
_atom_type.scat_Cromer_Mann_b2 
_atom_type.scat_Cromer_Mann_b3 
_atom_type.scat_Cromer_Mann_b4 
_atom_type.scat_Cromer_Mann_c 
_atom_type.scat_source 
_atom_type.scat_dispersion_source 
C ? ? 3.54356 2.42580 ? ? 25.62398 1.50364  ? ? 0.0 
;2-Gaussian fit: Grosse-Kunstleve RW, Sauter NK, Adams PD: Newsletter of the IUCr Commission on Crystallographic Computing 2004, 3, 22-31.
;
? 
N ? ? 4.01032 2.96436 ? ? 19.97189 1.75589  ? ? 0.0 
;2-Gaussian fit: Grosse-Kunstleve RW, Sauter NK, Adams PD: Newsletter of the IUCr Commission on Crystallographic Computing 2004, 3, 22-31.
;
? 
O ? ? 4.49882 3.47563 ? ? 15.80542 1.70748  ? ? 0.0 
;2-Gaussian fit: Grosse-Kunstleve RW, Sauter NK, Adams PD: Newsletter of the IUCr Commission on Crystallographic Computing 2004, 3, 22-31.
;
? 
S ? ? 9.55732 6.39887 ? ? 1.23737  29.19336 ? ? 0.0 
;2-Gaussian fit: Grosse-Kunstleve RW, Sauter NK, Adams PD: Newsletter of the IUCr Commission on Crystallographic Computing 2004, 3, 22-31.
;
? 
# 
loop_
_atom_site.group_PDB 
_atom_site.id 
_atom_site.type_symbol 
_atom_site.label_atom_id 
_atom_site.label_alt_id 
_atom_site.label_comp_id 
_atom_site.label_asym_id 
_atom_site.label_entity_id 
_atom_site.label_seq_id 
_atom_site.pdbx_PDB_ins_code 
_atom_site.Cartn_x 
_atom_site.Cartn_y 
_atom_site.Cartn_z 
_atom_site.occupancy 
_atom_site.B_iso_or_equiv 
_atom_site.pdbx_formal_charge 
_atom_site.auth_seq_id 
_atom_site.auth_comp_id 
_atom_site.auth_asym_id 
_atom_site.auth_atom_id 
_atom_site.pdbx_PDB_model_num 
ATOM   1   N N   . ILE A 1 8  ? 10.05157  -11.59310 12.71705  1.000 43.67583 ? 8   ILE A N   1 
ATOM   2   C CA  . ILE A 1 8  ? 9.38120   -10.54577 11.93543  1.000 42.01330 ? 8   ILE A CA  1 
ATOM   3   C C   . ILE A 1 8  ? 8.97733   -9.37187  12.85266  1.000 43.29877 ? 8   ILE A C   1 
ATOM   4   O O   . ILE A 1 8  ? 8.08926   -9.48719  13.70724  1.000 41.37428 ? 8   ILE A O   1 
ATOM   5   C CB  . ILE A 1 8  ? 8.14979   -11.10212 11.18655  1.000 44.39970 ? 8   ILE A CB  1 
ATOM   6   C CG1 . ILE A 1 8  ? 8.56158   -11.76903 9.87972   1.000 41.02053 ? 8   ILE A CG1 1 
ATOM   7   C CG2 . ILE A 1 8  ? 7.22496   -9.97836  10.77868  1.000 43.78736 ? 8   ILE A CG2 1 
ATOM   8   C CD1 . ILE A 1 8  ? 7.42080   -12.51641 9.20177   1.000 42.22743 ? 8   ILE A CD1 1 
ATOM   9   N N   . THR A 1 9  ? 9.63348   -8.22759  12.68069  1.000 40.44107 ? 9   THR A N   1 
ATOM   10  C CA  . THR A 1 9  ? 9.42135   -7.11398  13.57883  1.000 33.57404 ? 9   THR A CA  1 
ATOM   11  C C   . THR A 1 9  ? 8.71981   -5.93669  12.91356  1.000 31.08589 ? 9   THR A C   1 
ATOM   12  O O   . THR A 1 9  ? 8.28583   -5.02288  13.62415  1.000 35.18949 ? 9   THR A O   1 
ATOM   13  C CB  . THR A 1 9  ? 10.76070  -6.65500  14.17613  1.000 39.17123 ? 9   THR A CB  1 
ATOM   14  O OG1 . THR A 1 9  ? 11.60374  -6.15983  13.13283  1.000 47.86113 ? 9   THR A OG1 1 
ATOM   15  C CG2 . THR A 1 9  ? 11.46064  -7.81164  14.85315  1.000 46.70877 ? 9   THR A CG2 1 
ATOM   16  N N   . LYS A 1 10 ? 8.61371   -5.91840  11.58250  1.000 27.22417 ? 10  LYS A N   1 
ATOM   17  C CA  . LYS A 1 10 ? 7.97044   -4.81348  10.87245  1.000 23.21491 ? 10  LYS A CA  1 
ATOM   18  C C   . LYS A 1 10 ? 7.62478   -5.25140  9.45096   1.000 28.00734 ? 10  LYS A C   1 
ATOM   19  O O   . LYS A 1 10 ? 8.21570   -6.18754  8.91223   1.000 28.88732 ? 10  LYS A O   1 
ATOM   20  C CB  . LYS A 1 10 ? 8.86701   -3.57380  10.89441  1.000 29.04434 ? 10  LYS A CB  1 
ATOM   21  C CG  . LYS A 1 10 ? 10.10955  -3.68098  10.01935  1.000 32.76922 ? 10  LYS A CG  1 
ATOM   22  C CD  . LYS A 1 10 ? 11.13667  -2.66745  10.41614  1.000 37.37938 ? 10  LYS A CD  1 
ATOM   23  C CE  . LYS A 1 10 ? 12.42778  -2.90300  9.67577   1.000 43.13770 ? 10  LYS A CE  1 
ATOM   24  N NZ  . LYS A 1 10 ? 12.65244  -1.75799  8.74012   1.000 52.61887 ? 10  LYS A NZ  1 
ATOM   25  N N   . THR A 1 11 ? 6.64417   -4.57768  8.85468   1.000 23.40157 ? 11  THR A N   1 
ATOM   26  C CA  . THR A 1 11 ? 6.17062   -4.89556  7.49853   1.000 22.93583 ? 11  THR A CA  1 
ATOM   27  C C   . THR A 1 11 ? 5.99257   -3.62480  6.68916   1.000 25.03684 ? 11  THR A C   1 
ATOM   28  O O   . THR A 1 11 ? 5.18723   -2.76694  7.04745   1.000 24.13388 ? 11  THR A O   1 
ATOM   29  C CB  . THR A 1 11 ? 4.85156   -5.66640  7.53705   1.000 22.90162 ? 11  THR A CB  1 
ATOM   30  O OG1 . THR A 1 11 ? 5.02447   -6.82373  8.37011   1.000 26.48240 ? 11  THR A OG1 1 
ATOM   31  C CG2 . THR A 1 11 ? 4.38241   -6.10465  6.12875   1.000 25.08047 ? 11  THR A CG2 1 
ATOM   32  N N   . THR A 1 12 ? 6.70264   -3.51875  5.57865   1.000 22.38849 ? 12  THR A N   1 
ATOM   33  C CA  . THR A 1 12 ? 6.53579   -2.35675  4.72108   1.000 22.26399 ? 12  THR A CA  1 
ATOM   34  C C   . THR A 1 12 ? 5.48191   -2.64434  3.67902   1.000 25.54174 ? 12  THR A C   1 
ATOM   35  O O   . THR A 1 12 ? 5.55056   -3.66231  2.98934   1.000 24.36808 ? 12  THR A O   1 
ATOM   36  C CB  . THR A 1 12 ? 7.83714   -1.99810  4.03435   1.000 25.51662 ? 12  THR A CB  1 
ATOM   37  O OG1 . THR A 1 12 ? 8.80054   -1.67929  5.04161   1.000 28.23227 ? 12  THR A OG1 1 
ATOM   38  C CG2 . THR A 1 12 ? 7.62590   -0.80699  3.11098   1.000 26.38181 ? 12  THR A CG2 1 
ATOM   39  N N   . VAL A 1 13 ? 4.52865   -1.73370  3.53621   1.000 21.55629 ? 13  VAL A N   1 
ATOM   40  C CA  . VAL A 1 13 ? 3.44416   -1.86058  2.57054   1.000 24.76272 ? 13  VAL A CA  1 
ATOM   41  C C   . VAL A 1 13 ? 3.68176   -0.83506  1.47484   1.000 24.28541 ? 13  VAL A C   1 
ATOM   42  O O   . VAL A 1 13 ? 3.78858   0.37367   1.75063   1.000 24.47396 ? 13  VAL A O   1 
ATOM   43  C CB  . VAL A 1 13 ? 2.07525   -1.62978  3.21844   1.000 23.28344 ? 13  VAL A CB  1 
ATOM   44  C CG1 . VAL A 1 13 ? 0.97502   -1.74650  2.17941   1.000 27.95348 ? 13  VAL A CG1 1 
ATOM   45  C CG2 . VAL A 1 13 ? 1.86902   -2.57562  4.38452   1.000 25.42251 ? 13  VAL A CG2 1 
ATOM   46  N N   . ASN A 1 14 ? 3.77679   -1.31580  0.24309   1.000 22.38662 ? 14  ASN A N   1 
ATOM   47  C CA  . ASN A 1 14 ? 3.97899   -0.47906  -0.93208  1.000 20.32446 ? 14  ASN A CA  1 
ATOM   48  C C   . ASN A 1 14 ? 2.64922   -0.36139  -1.66405  1.000 27.21771 ? 14  ASN A C   1 
ATOM   49  O O   . ASN A 1 14 ? 1.94000   -1.34993  -1.85105  1.000 25.20184 ? 14  ASN A O   1 
ATOM   50  C CB  . ASN A 1 14 ? 5.07993   -1.06617  -1.81790  1.000 22.86971 ? 14  ASN A CB  1 
ATOM   51  C CG  . ASN A 1 14 ? 6.36604   -1.28364  -1.04962  1.000 25.30896 ? 14  ASN A CG  1 
ATOM   52  O OD1 . ASN A 1 14 ? 6.97406   -0.32294  -0.55035  1.000 30.15116 ? 14  ASN A OD1 1 
ATOM   53  N ND2 . ASN A 1 14 ? 6.75662   -2.55871  -0.87272  1.000 27.98408 ? 14  ASN A ND2 1 
ATOM   54  N N   . VAL A 1 15 ? 2.28599   0.86144   -2.03425  1.000 25.32702 ? 15  VAL A N   1 
ATOM   55  C CA  A VAL A 1 15 ? 0.94118   1.20488   -2.48201  0.573 28.35911 ? 15  VAL A CA  1 
ATOM   56  C CA  B VAL A 1 15 ? 0.95575   1.12132   -2.54941  0.427 28.32955 ? 15  VAL A CA  1 
ATOM   57  C C   . VAL A 1 15 ? 1.04571   2.03333   -3.75325  1.000 29.63892 ? 15  VAL A C   1 
ATOM   58  O O   . VAL A 1 15 ? 1.97067   2.83368   -3.89677  1.000 27.82483 ? 15  VAL A O   1 
ATOM   59  C CB  A VAL A 1 15 ? 0.15649   2.01823   -1.42202  0.573 28.62956 ? 15  VAL A CB  1 
ATOM   60  C CB  B VAL A 1 15 ? 0.03413   1.71912   -1.47245  0.427 28.16573 ? 15  VAL A CB  1 
ATOM   61  C CG1 A VAL A 1 15 ? -1.32732  1.94109   -1.69324  0.573 30.31927 ? 15  VAL A CG1 1 
ATOM   62  C CG1 B VAL A 1 15 ? -0.19250  0.69997   -0.40186  0.427 27.57506 ? 15  VAL A CG1 1 
ATOM   63  C CG2 A VAL A 1 15 ? 0.51577   1.62428   0.03021   0.573 27.66844 ? 15  VAL A CG2 1 
ATOM   64  C CG2 B VAL A 1 15 ? 0.67444   2.95050   -0.86397  0.427 29.35310 ? 15  VAL A CG2 1 
ATOM   65  N N   . ALA A 1 16 ? 0.07865   1.86853   -4.64530  1.000 28.81897 ? 16  ALA A N   1 
ATOM   66  C CA  . ALA A 1 16 ? 0.00766   2.64197   -5.87475  1.000 27.62444 ? 16  ALA A CA  1 
ATOM   67  C C   . ALA A 1 16 ? -1.42153  3.10734   -6.08872  1.000 28.21513 ? 16  ALA A C   1 
ATOM   68  O O   . ALA A 1 16 ? -2.36951  2.54353   -5.54811  1.000 32.25324 ? 16  ALA A O   1 
ATOM   69  C CB  . ALA A 1 16 ? 0.47686   1.83306   -7.08093  1.000 33.12052 ? 16  ALA A CB  1 
ATOM   70  N N   . LYS A 1 17 ? -1.56087  4.16838   -6.86927  1.000 29.22267 ? 17  LYS A N   1 
ATOM   71  C CA  . LYS A 1 17 ? -2.84541  4.78374   -7.15334  1.000 32.04440 ? 17  LYS A CA  1 
ATOM   72  C C   . LYS A 1 17 ? -2.99522  4.90545   -8.65890  1.000 29.85242 ? 17  LYS A C   1 
ATOM   73  O O   . LYS A 1 17 ? -2.05175  5.27237   -9.35801  1.000 33.00813 ? 17  LYS A O   1 
ATOM   74  C CB  . LYS A 1 17 ? -2.96730  6.19756   -6.49416  1.000 31.96171 ? 17  LYS A CB  1 
ATOM   75  C CG  . LYS A 1 17 ? -4.36456  6.81469   -6.52820  1.000 41.78260 ? 17  LYS A CG  1 
ATOM   76  C CD  . LYS A 1 17 ? -4.48831  7.87202   -5.44843  1.000 45.47197 ? 17  LYS A CD  1 
ATOM   77  C CE  . LYS A 1 17 ? -4.76229  9.25926   -6.02539  1.000 52.33455 ? 17  LYS A CE  1 
ATOM   78  N NZ  . LYS A 1 17 ? -5.70083  10.04272  -5.16302  1.000 56.71267 ? 17  LYS A NZ  1 
ATOM   79  N N   . MET A 1 18 ? -4.17658  4.59049   -9.15749  1.000 31.62338 ? 18  MET A N   1 
ATOM   80  C CA  . MET A 1 18 ? -4.49499  4.88577   -10.53696 1.000 30.04769 ? 18  MET A CA  1 
ATOM   81  C C   . MET A 1 18 ? -4.95198  6.34367   -10.59619 1.000 32.88452 ? 18  MET A C   1 
ATOM   82  O O   . MET A 1 18 ? -5.79633  6.76623   -9.79816  1.000 39.35240 ? 18  MET A O   1 
ATOM   83  C CB  . MET A 1 18 ? -5.55923  3.89244   -10.99003 1.000 34.19728 ? 18  MET A CB  1 
ATOM   84  C CG  . MET A 1 18 ? -4.92226  2.69833   -11.64194 1.000 34.78753 ? 18  MET A CG  1 
ATOM   85  S SD  . MET A 1 18 ? -6.05632  1.72713   -12.64303 1.000 51.24709 ? 18  MET A SD  1 
ATOM   86  C CE  . MET A 1 18 ? -5.66339  0.06418   -12.05229 1.000 41.86827 ? 18  MET A CE  1 
ATOM   87  N N   . VAL A 1 19 ? -4.32822  7.13731   -11.47657 1.000 32.56814 ? 19  VAL A N   1 
ATOM   88  C CA  . VAL A 1 19 ? -4.56049  8.57846   -11.54275 1.000 31.39257 ? 19  VAL A CA  1 
ATOM   89  C C   . VAL A 1 19 ? -4.85379  8.97657   -12.98457 1.000 36.38101 ? 19  VAL A C   1 
ATOM   90  O O   . VAL A 1 19 ? -4.40391  8.32943   -13.93127 1.000 35.80979 ? 19  VAL A O   1 
ATOM   91  C CB  . VAL A 1 19 ? -3.34369  9.37272   -11.03238 1.000 34.30854 ? 19  VAL A CB  1 
ATOM   92  C CG1 . VAL A 1 19 ? -3.20416  9.20507   -9.52319  1.000 37.10432 ? 19  VAL A CG1 1 
ATOM   93  C CG2 . VAL A 1 19 ? -2.07499  8.96651   -11.77145 1.000 38.11129 ? 19  VAL A CG2 1 
ATOM   94  N N   . MET A 1 20 ? -5.59031  10.07955  -13.15341 1.000 32.99153 ? 20  MET A N   1 
ATOM   95  C CA  . MET A 1 20 ? -5.93105  10.59623  -14.47444 1.000 33.20958 ? 20  MET A CA  1 
ATOM   96  C C   . MET A 1 20 ? -5.02136  11.79258  -14.72922 1.000 38.72771 ? 20  MET A C   1 
ATOM   97  O O   . MET A 1 20 ? -5.08495  12.78606  -14.00070 1.000 42.94485 ? 20  MET A O   1 
ATOM   98  C CB  . MET A 1 20 ? -7.40548  11.00143  -14.53219 1.000 33.14265 ? 20  MET A CB  1 
ATOM   99  C CG  . MET A 1 20 ? -7.97079  11.37020  -15.91268 1.000 41.21487 ? 20  MET A CG  1 
ATOM   100 S SD  . MET A 1 20 ? -8.01777  9.93414   -17.02482 1.000 40.22883 ? 20  MET A SD  1 
ATOM   101 C CE  . MET A 1 20 ? -9.58375  9.21912   -16.48486 1.000 38.99193 ? 20  MET A CE  1 
ATOM   102 N N   . VAL A 1 21 ? -4.14063  11.68257  -15.71954 1.000 42.56329 ? 21  VAL A N   1 
ATOM   103 C CA  . VAL A 1 21 ? -3.16159  12.72417  -16.01662 1.000 44.78344 ? 21  VAL A CA  1 
ATOM   104 C C   . VAL A 1 21 ? -3.22464  13.02301  -17.50458 1.000 43.32786 ? 21  VAL A C   1 
ATOM   105 O O   . VAL A 1 21 ? -3.00051  12.12771  -18.32817 1.000 46.65634 ? 21  VAL A O   1 
ATOM   106 C CB  . VAL A 1 21 ? -1.73866  12.30883  -15.60507 1.000 46.84375 ? 21  VAL A CB  1 
ATOM   107 C CG1 . VAL A 1 21 ? -0.74453  13.39305  -15.98107 1.000 47.75136 ? 21  VAL A CG1 1 
ATOM   108 C CG2 . VAL A 1 21 ? -1.67830  12.02089  -14.11077 1.000 38.22266 ? 21  VAL A CG2 1 
ATOM   109 N N   . ASP A 1 22 ? -3.54318  14.27567  -17.84642 1.000 48.17010 ? 22  ASP A N   1 
ATOM   110 C CA  . ASP A 1 22 ? -3.65408  14.71472  -19.23838 1.000 49.13178 ? 22  ASP A CA  1 
ATOM   111 C C   . ASP A 1 22 ? -4.58561  13.80751  -20.02603 1.000 46.09493 ? 22  ASP A C   1 
ATOM   112 O O   . ASP A 1 22 ? -4.36849  13.52255  -21.20502 1.000 47.71484 ? 22  ASP A O   1 
ATOM   113 C CB  . ASP A 1 22 ? -2.28214  14.79942  -19.90489 1.000 62.09924 ? 22  ASP A CB  1 
ATOM   114 C CG  . ASP A 1 22 ? -1.41054  15.88392  -19.29926 1.000 68.52718 ? 22  ASP A CG  1 
ATOM   115 O OD1 . ASP A 1 22 ? -0.21381  15.96459  -19.66624 1.000 73.62019 ? 22  ASP A OD1 1 
ATOM   116 O OD2 . ASP A 1 22 ? -1.93177  16.66501  -18.46894 1.000 65.59655 ? 22  ASP A OD2 1 
ATOM   117 N N   . GLY A 1 23 ? -5.63080  13.33948  -19.35399 1.000 40.16305 ? 23  GLY A N   1 
ATOM   118 C CA  . GLY A 1 23 ? -6.62965  12.52690  -20.00084 1.000 38.30124 ? 23  GLY A CA  1 
ATOM   119 C C   . GLY A 1 23 ? -6.28166  11.06548  -20.13761 1.000 39.25467 ? 23  GLY A C   1 
ATOM   120 O O   . GLY A 1 23 ? -7.05050  10.32888  -20.76240 1.000 42.52208 ? 23  GLY A O   1 
ATOM   121 N N   . GLU A 1 24 ? -5.14809  10.61984  -19.59820 1.000 35.54957 ? 24  GLU A N   1 
ATOM   122 C CA  . GLU A 1 24 ? -4.77011  9.21621   -19.65184 1.000 41.00120 ? 24  GLU A CA  1 
ATOM   123 C C   . GLU A 1 24 ? -4.68630  8.63558   -18.25292 1.000 38.49713 ? 24  GLU A C   1 
ATOM   124 O O   . GLU A 1 24 ? -4.25043  9.31062   -17.31542 1.000 35.74735 ? 24  GLU A O   1 
ATOM   125 C CB  . GLU A 1 24 ? -3.43071  9.00604   -20.34142 1.000 45.65992 ? 24  GLU A CB  1 
ATOM   126 C CG  . GLU A 1 24 ? -3.41251  9.37845   -21.78990 1.000 54.09893 ? 24  GLU A CG  1 
ATOM   127 C CD  . GLU A 1 24 ? -1.99696  9.52309   -22.30148 1.000 74.72102 ? 24  GLU A CD  1 
ATOM   128 O OE1 . GLU A 1 24 ? -1.34471  8.48028   -22.53736 1.000 83.23155 ? 24  GLU A OE1 1 
ATOM   129 O OE2 . GLU A 1 24 ? -1.53695  10.67710  -22.46699 1.000 77.32554 ? 24  GLU A OE2 1 
ATOM   130 N N   . VAL A 1 25 ? -5.06746  7.36714   -18.12286 1.000 35.99175 ? 25  VAL A N   1 
ATOM   131 C CA  . VAL A 1 25 ? -4.91203  6.65502   -16.86134 1.000 33.70064 ? 25  VAL A CA  1 
ATOM   132 C C   . VAL A 1 25 ? -3.45173  6.24470   -16.71159 1.000 37.27208 ? 25  VAL A C   1 
ATOM   133 O O   . VAL A 1 25 ? -2.86946  5.62934   -17.61357 1.000 37.41042 ? 25  VAL A O   1 
ATOM   134 C CB  . VAL A 1 25 ? -5.85089  5.43864   -16.80599 1.000 32.67388 ? 25  VAL A CB  1 
ATOM   135 C CG1 . VAL A 1 25 ? -5.63788  4.64136   -15.54216 1.000 36.96495 ? 25  VAL A CG1 1 
ATOM   136 C CG2 . VAL A 1 25 ? -7.30010  5.87781   -16.96854 1.000 34.83358 ? 25  VAL A CG2 1 
ATOM   137 N N   . GLN A 1 26 ? -2.84561  6.62424   -15.58890 1.000 35.17675 ? 26  GLN A N   1 
ATOM   138 C CA  . GLN A 1 26 ? -1.45898  6.32868   -15.26998 1.000 35.14097 ? 26  GLN A CA  1 
ATOM   139 C C   . GLN A 1 26 ? -1.43983  5.73662   -13.87239 1.000 29.80385 ? 26  GLN A C   1 
ATOM   140 O O   . GLN A 1 26 ? -2.45042  5.72890   -13.17138 1.000 32.94687 ? 26  GLN A O   1 
ATOM   141 C CB  . GLN A 1 26 ? -0.58135  7.59120   -15.33133 1.000 33.87734 ? 26  GLN A CB  1 
ATOM   142 C CG  . GLN A 1 26 ? -0.73019  8.38844   -16.61727 1.000 38.53304 ? 26  GLN A CG  1 
ATOM   143 C CD  . GLN A 1 26 ? 0.12990   7.88712   -17.75230 1.000 45.00061 ? 26  GLN A CD  1 
ATOM   144 O OE1 . GLN A 1 26 ? 0.18807   8.50033   -18.82571 1.000 53.18570 ? 26  GLN A OE1 1 
ATOM   145 N NE2 . GLN A 1 26 ? 0.84587   6.79243   -17.51105 1.000 53.76267 ? 26  GLN A NE2 1 
ATOM   146 N N   . VAL A 1 27 ? -0.28904  5.23451   -13.43857 1.000 33.65773 ? 27  VAL A N   1 
ATOM   147 C CA  . VAL A 1 27 ? -0.15931  4.73547   -12.07585 1.000 32.97595 ? 27  VAL A CA  1 
ATOM   148 C C   . VAL A 1 27 ? 0.89160   5.57388   -11.37277 1.000 35.67819 ? 27  VAL A C   1 
ATOM   149 O O   . VAL A 1 27 ? 1.95787   5.83910   -11.93496 1.000 39.44824 ? 27  VAL A O   1 
ATOM   150 C CB  . VAL A 1 27 ? 0.19389   3.23843   -12.02655 1.000 37.02634 ? 27  VAL A CB  1 
ATOM   151 C CG1 . VAL A 1 27 ? 1.34970   2.93594   -12.93810 1.000 39.10192 ? 27  VAL A CG1 1 
ATOM   152 C CG2 . VAL A 1 27 ? 0.47066   2.82174   -10.59590 1.000 42.50920 ? 27  VAL A CG2 1 
ATOM   153 N N   . GLU A 1 28 ? 0.55516   6.04411   -10.17848 1.000 33.31319 ? 28  GLU A N   1 
ATOM   154 C CA  . GLU A 1 28 ? 1.42106   6.87215   -9.36203  1.000 37.20150 ? 28  GLU A CA  1 
ATOM   155 C C   . GLU A 1 28 ? 1.80365   6.07911   -8.12090  1.000 35.08328 ? 28  GLU A C   1 
ATOM   156 O O   . GLU A 1 28 ? 0.96956   5.38304   -7.53294  1.000 34.18789 ? 28  GLU A O   1 
ATOM   157 C CB  . GLU A 1 28 ? 0.71114   8.18635   -8.99207  1.000 37.67371 ? 28  GLU A CB  1 
ATOM   158 C CG  . GLU A 1 28 ? 1.33416   8.95839   -7.83401  1.000 53.10552 ? 28  GLU A CG  1 
ATOM   159 C CD  . GLU A 1 28 ? 0.60605   10.27039  -7.53418  1.000 70.11967 ? 28  GLU A CD  1 
ATOM   160 O OE1 . GLU A 1 28 ? 0.48307   10.63456  -6.33767  1.000 75.89058 ? 28  GLU A OE1 1 
ATOM   161 O OE2 . GLU A 1 28 ? 0.15147   10.93199  -8.49879  1.000 72.32527 ? 28  GLU A OE2 1 
ATOM   162 N N   . GLN A 1 29 ? 3.07235   6.14621   -7.74607  1.000 37.37787 ? 29  GLN A N   1 
ATOM   163 C CA  . GLN A 1 29 ? 3.51136   5.51913   -6.51105  1.000 33.51304 ? 29  GLN A CA  1 
ATOM   164 C C   . GLN A 1 29 ? 3.13693   6.40462   -5.32807  1.000 36.20555 ? 29  GLN A C   1 
ATOM   165 O O   . GLN A 1 29 ? 3.30862   7.62673   -5.38382  1.000 41.56510 ? 29  GLN A O   1 
ATOM   166 C CB  . GLN A 1 29 ? 5.01608   5.28074   -6.55955  1.000 38.46113 ? 29  GLN A CB  1 
ATOM   167 C CG  . GLN A 1 29 ? 5.56932   4.44467   -5.42915  1.000 49.79693 ? 29  GLN A CG  1 
ATOM   168 C CD  . GLN A 1 29 ? 7.04694   4.71903   -5.20315  1.000 56.41469 ? 29  GLN A CD  1 
ATOM   169 O OE1 . GLN A 1 29 ? 7.81053   4.89542   -6.15881  1.000 53.34698 ? 29  GLN A OE1 1 
ATOM   170 N NE2 . GLN A 1 29 ? 7.45658   4.76867   -3.93485  1.000 62.44029 ? 29  GLN A NE2 1 
ATOM   171 N N   . LEU A 1 30 ? 2.59808   5.80356   -4.28088  1.000 30.03497 ? 30  LEU A N   1 
ATOM   172 C CA  . LEU A 1 30 ? 2.24325   6.49140   -3.04730  1.000 29.06032 ? 30  LEU A CA  1 
ATOM   173 C C   . LEU A 1 30 ? 3.28581   6.17902   -1.98502  1.000 28.78059 ? 30  LEU A C   1 
ATOM   174 O O   . LEU A 1 30 ? 4.10052   5.26418   -2.15301  1.000 28.63955 ? 30  LEU A O   1 
ATOM   175 C CB  . LEU A 1 30 ? 0.84789   6.04921   -2.59612  1.000 34.21984 ? 30  LEU A CB  1 
ATOM   176 C CG  . LEU A 1 30 ? -0.33470  6.65151   -3.35932  1.000 34.68653 ? 30  LEU A CG  1 
ATOM   177 C CD1 . LEU A 1 30 ? -1.57997  5.82953   -3.09106  1.000 36.40832 ? 30  LEU A CD1 1 
ATOM   178 C CD2 . LEU A 1 30 ? -0.55894  8.10195   -2.99565  1.000 38.90257 ? 30  LEU A CD2 1 
ATOM   179 N N   . PRO A 1 31 ? 3.32884   6.93864   -0.87876  1.000 28.27735 ? 31  PRO A N   1 
ATOM   180 C CA  . PRO A 1 31 ? 4.34224   6.65453   0.14747   1.000 28.56726 ? 31  PRO A CA  1 
ATOM   181 C C   . PRO A 1 31 ? 4.19242   5.23883   0.66980   1.000 31.02828 ? 31  PRO A C   1 
ATOM   182 O O   . PRO A 1 31 ? 3.07900   4.74258   0.86558   1.000 29.00283 ? 31  PRO A O   1 
ATOM   183 C CB  . PRO A 1 31 ? 4.03409   7.67283   1.25358   1.000 37.86913 ? 31  PRO A CB  1 
ATOM   184 C CG  . PRO A 1 31 ? 3.29583   8.70771   0.60566   1.000 33.40035 ? 31  PRO A CG  1 
ATOM   185 C CD  . PRO A 1 31 ? 2.48207   8.07089   -0.48475  1.000 28.65825 ? 31  PRO A CD  1 
ATOM   186 N N   . SER A 1 32 ? 5.32712   4.59035   0.90734   1.000 29.13251 ? 32  SER A N   1 
ATOM   187 C CA  . SER A 1 32 ? 5.30290   3.29976   1.56005   1.000 24.51920 ? 32  SER A CA  1 
ATOM   188 C C   . SER A 1 32 ? 5.07401   3.52520   3.04457   1.000 29.48509 ? 32  SER A C   1 
ATOM   189 O O   . SER A 1 32 ? 5.42078   4.58081   3.58885   1.000 35.60427 ? 32  SER A O   1 
ATOM   190 C CB  . SER A 1 32 ? 6.61737   2.58143   1.31751   1.000 28.30853 ? 32  SER A CB  1 
ATOM   191 O OG  . SER A 1 32 ? 6.67588   2.16558   -0.03302  1.000 27.87055 ? 32  SER A OG  1 
ATOM   192 N N   . GLU A 1 33 ? 4.45008   2.55908   3.70685   1.000 24.53706 ? 33  GLU A N   1 
ATOM   193 C CA  . GLU A 1 33 ? 4.17995   2.69420   5.13845   1.000 23.40770 ? 33  GLU A CA  1 
ATOM   194 C C   . GLU A 1 33 ? 4.66625   1.44565   5.84018   1.000 25.49379 ? 33  GLU A C   1 
ATOM   195 O O   . GLU A 1 33 ? 4.30153   0.33859   5.44596   1.000 24.08546 ? 33  GLU A O   1 
ATOM   196 C CB  . GLU A 1 33 ? 2.68247   2.90800   5.41133   1.000 25.60685 ? 33  GLU A CB  1 
ATOM   197 C CG  . GLU A 1 33 ? 2.34309   3.17509   6.87619   1.000 27.94981 ? 33  GLU A CG  1 
ATOM   198 C CD  . GLU A 1 33 ? 0.91638   3.68863   7.07645   1.000 34.89961 ? 33  GLU A CD  1 
ATOM   199 O OE1 . GLU A 1 33 ? 0.50529   3.88256   8.25335   1.000 33.26635 ? 33  GLU A OE1 1 
ATOM   200 O OE2 . GLU A 1 33 ? 0.18495   3.85854   6.07120   1.000 33.99293 ? 33  GLU A OE2 1 
ATOM   201 N N   . THR A 1 34 ? 5.46846   1.60064   6.88182   1.000 23.06738 ? 34  THR A N   1 
ATOM   202 C CA  . THR A 1 34 ? 6.03458   0.44339   7.56136   1.000 21.72337 ? 34  THR A CA  1 
ATOM   203 C C   . THR A 1 34 ? 5.36691   0.27989   8.91318   1.000 23.84166 ? 34  THR A C   1 
ATOM   204 O O   . THR A 1 34 ? 5.41714   1.18361   9.75360   1.000 25.35063 ? 34  THR A O   1 
ATOM   205 C CB  . THR A 1 34 ? 7.54412   0.58208   7.71217   1.000 26.82264 ? 34  THR A CB  1 
ATOM   206 O OG1 . THR A 1 34 ? 8.11647   0.62817   6.39497   1.000 26.99398 ? 34  THR A OG1 1 
ATOM   207 C CG2 . THR A 1 34 ? 8.11285   -0.62918  8.48405   1.000 23.25160 ? 34  THR A CG2 1 
ATOM   208 N N   . PHE A 1 35 ? 4.72481   -0.85770  9.10843   1.000 21.11413 ? 35  PHE A N   1 
ATOM   209 C CA  . PHE A 1 35 ? 3.95648   -1.16073  10.30639  1.000 23.58533 ? 35  PHE A CA  1 
ATOM   210 C C   . PHE A 1 35 ? 4.76339   -2.03750  11.25440  1.000 24.22810 ? 35  PHE A C   1 
ATOM   211 O O   . PHE A 1 35 ? 5.62963   -2.80102  10.83948  1.000 23.53675 ? 35  PHE A O   1 
ATOM   212 C CB  . PHE A 1 35 ? 2.64636   -1.87510  9.94119   1.000 20.70589 ? 35  PHE A CB  1 
ATOM   213 C CG  . PHE A 1 35 ? 1.69743   -1.02732  9.16201   1.000 19.86234 ? 35  PHE A CG  1 
ATOM   214 C CD1 . PHE A 1 35 ? 1.85647   -0.85611  7.78746   1.000 23.38446 ? 35  PHE A CD1 1 
ATOM   215 C CD2 . PHE A 1 35 ? 0.67212   -0.34479  9.80368   1.000 23.35653 ? 35  PHE A CD2 1 
ATOM   216 C CE1 . PHE A 1 35 ? 0.98325   -0.03867  7.07647   1.000 25.78539 ? 35  PHE A CE1 1 
ATOM   217 C CE2 . PHE A 1 35 ? -0.20559  0.46743   9.08724   1.000 28.99093 ? 35  PHE A CE2 1 
ATOM   218 C CZ  . PHE A 1 35 ? -0.04158  0.61458   7.72321   1.000 27.21327 ? 35  PHE A CZ  1 
ATOM   219 N N   . VAL A 1 36 ? 4.50753   -1.89597  12.55615  1.000 24.36448 ? 36  VAL A N   1 
ATOM   220 C CA  A VAL A 1 36 ? 5.14476   -2.78828  13.51043  0.736 22.67861 ? 36  VAL A CA  1 
ATOM   221 C CA  B VAL A 1 36 ? 5.14320   -2.79036  13.51556  0.264 22.90305 ? 36  VAL A CA  1 
ATOM   222 C C   . VAL A 1 36 ? 4.54754   -4.18322  13.37840  1.000 23.92806 ? 36  VAL A C   1 
ATOM   223 O O   . VAL A 1 36 ? 3.34980   -4.34801  13.11707  1.000 30.28518 ? 36  VAL A O   1 
ATOM   224 C CB  A VAL A 1 36 ? 4.98043   -2.25257  14.94565  0.736 26.73681 ? 36  VAL A CB  1 
ATOM   225 C CB  B VAL A 1 36 ? 5.00310   -2.28742  14.96618  0.264 26.76523 ? 36  VAL A CB  1 
ATOM   226 C CG1 A VAL A 1 36 ? 5.60477   -3.18821  15.95510  0.736 26.23569 ? 36  VAL A CG1 1 
ATOM   227 C CG1 B VAL A 1 36 ? 5.73146   -0.99883  15.14063  0.264 32.83276 ? 36  VAL A CG1 1 
ATOM   228 C CG2 A VAL A 1 36 ? 5.61348   -0.92811  15.03502  0.736 33.06389 ? 36  VAL A CG2 1 
ATOM   229 C CG2 B VAL A 1 36 ? 3.53436   -2.12812  15.34987  0.264 26.57445 ? 36  VAL A CG2 1 
ATOM   230 N N   . GLY A 1 37 ? 5.38773   -5.19191  13.58512  1.000 26.76341 ? 37  GLY A N   1 
ATOM   231 C CA  . GLY A 1 37 ? 4.96976   -6.57289  13.55939  1.000 29.99789 ? 37  GLY A CA  1 
ATOM   232 C C   . GLY A 1 37 ? 4.72100   -7.06388  12.13765  1.000 27.31808 ? 37  GLY A C   1 
ATOM   233 O O   . GLY A 1 37 ? 5.11682   -6.46699  11.14488  1.000 25.95801 ? 37  GLY A O   1 
ATOM   234 N N   . ASN A 1 38 ? 4.03148   -8.19489  12.06476  1.000 29.21457 ? 38  ASN A N   1 
ATOM   235 C CA  . ASN A 1 38 ? 3.71519   -8.78827  10.77683  1.000 29.04063 ? 38  ASN A CA  1 
ATOM   236 C C   . ASN A 1 38 ? 2.31058   -8.39945  10.33819  1.000 31.95991 ? 38  ASN A C   1 
ATOM   237 O O   . ASN A 1 38 ? 1.35618   -8.50888  11.11608  1.000 43.00942 ? 38  ASN A O   1 
ATOM   238 C CB  . ASN A 1 38 ? 3.83567   -10.29990 10.82306  1.000 33.56151 ? 38  ASN A CB  1 
ATOM   239 C CG  . ASN A 1 38 ? 3.55725   -10.91283 9.47829   1.000 33.86807 ? 38  ASN A CG  1 
ATOM   240 O OD1 . ASN A 1 38 ? 4.30189   -10.69898 8.52118   1.000 40.61599 ? 38  ASN A OD1 1 
ATOM   241 N ND2 . ASN A 1 38 ? 2.45055   -11.64933 9.38263   1.000 45.49666 ? 38  ASN A ND2 1 
ATOM   242 N N   . LEU A 1 39 ? 2.19567   -7.92731  9.10300   1.000 26.74576 ? 39  LEU A N   1 
ATOM   243 C CA  . LEU A 1 39 ? 0.92946   -7.52316  8.51321   1.000 27.54825 ? 39  LEU A CA  1 
ATOM   244 C C   . LEU A 1 39 ? 0.71399   -8.36910  7.27005   1.000 35.42228 ? 39  LEU A C   1 
ATOM   245 O O   . LEU A 1 39 ? 1.58735   -8.40502  6.39800   1.000 34.48177 ? 39  LEU A O   1 
ATOM   246 C CB  . LEU A 1 39 ? 0.94689   -6.02636  8.15902   1.000 32.62076 ? 39  LEU A CB  1 
ATOM   247 C CG  . LEU A 1 39 ? -0.37973  -5.28929  8.08894   1.000 33.33215 ? 39  LEU A CG  1 
ATOM   248 C CD1 . LEU A 1 39 ? -1.03345  -5.23981  9.43571   1.000 33.08289 ? 39  LEU A CD1 1 
ATOM   249 C CD2 . LEU A 1 39 ? -0.20133  -3.90234  7.52003   1.000 28.52432 ? 39  LEU A CD2 1 
ATOM   250 N N   . THR A 1 40 ? -0.42324  -9.06106  7.18970   1.000 32.43792 ? 40  THR A N   1 
ATOM   251 C CA  . THR A 1 40 ? -0.63983  -9.88195  6.00861   1.000 34.72183 ? 40  THR A CA  1 
ATOM   252 C C   . THR A 1 40 ? -1.04931  -9.00527  4.83092   1.000 33.51737 ? 40  THR A C   1 
ATOM   253 O O   . THR A 1 40 ? -1.36701  -7.82170  4.97131   1.000 34.58793 ? 40  THR A O   1 
ATOM   254 C CB  . THR A 1 40 ? -1.71913  -10.92777 6.23650   1.000 37.53438 ? 40  THR A CB  1 
ATOM   255 O OG1 . THR A 1 40 ? -2.97494  -10.26748 6.38703   1.000 40.61704 ? 40  THR A OG1 1 
ATOM   256 C CG2 . THR A 1 40 ? -1.41925  -11.71945 7.49564   1.000 38.00536 ? 40  THR A CG2 1 
ATOM   257 N N   . MET A 1 41 ? -1.04911  -9.59029  3.64587   1.000 32.53973 ? 41  MET A N   1 
ATOM   258 C CA  . MET A 1 41 ? -1.46356  -8.79661  2.50583   1.000 29.65214 ? 41  MET A CA  1 
ATOM   259 C C   . MET A 1 41 ? -2.94671  -8.42745  2.61750   1.000 32.68960 ? 41  MET A C   1 
ATOM   260 O O   . MET A 1 41 ? -3.34226  -7.29893  2.28795   1.000 33.76368 ? 41  MET A O   1 
ATOM   261 C CB  . MET A 1 41 ? -1.13109  -9.55703  1.21409   1.000 36.20113 ? 41  MET A CB  1 
ATOM   262 C CG  . MET A 1 41 ? -1.95940  -9.18407  0.01812   1.000 36.64773 ? 41  MET A CG  1 
ATOM   263 S SD  . MET A 1 41 ? -1.09648  -7.69808  -0.64253  1.000 37.41821 ? 41  MET A SD  1 
ATOM   264 C CE  . MET A 1 41 ? 0.46886   -8.35515  -1.26660  1.000 33.39155 ? 41  MET A CE  1 
ATOM   265 N N   . GLU A 1 42 ? -3.77046  -9.34141  3.12951   1.000 34.01029 ? 42  GLU A N   1 
ATOM   266 C CA  . GLU A 1 42 ? -5.18524  -9.03111  3.32309   1.000 33.52785 ? 42  GLU A CA  1 
ATOM   267 C C   . GLU A 1 42 ? -5.35795  -7.86270  4.30115   1.000 37.51502 ? 42  GLU A C   1 
ATOM   268 O O   . GLU A 1 42 ? -6.12473  -6.91564  4.05275   1.000 36.11191 ? 42  GLU A O   1 
ATOM   269 C CB  . GLU A 1 42 ? -5.92138  -10.27821 3.82552   1.000 44.18559 ? 42  GLU A CB  1 
ATOM   270 C CG  . GLU A 1 42 ? -5.98267  -11.49831 2.84320   1.000 59.03292 ? 42  GLU A CG  1 
ATOM   271 C CD  . GLU A 1 42 ? -4.63408  -12.12973 2.43395   1.000 59.68686 ? 42  GLU A CD  1 
ATOM   272 O OE1 . GLU A 1 42 ? -3.64320  -12.02357 3.20197   1.000 52.22276 ? 42  GLU A OE1 1 
ATOM   273 O OE2 . GLU A 1 42 ? -4.57549  -12.73144 1.32854   1.000 64.14305 ? 42  GLU A OE2 1 
ATOM   274 N N   . GLN A 1 43 ? -4.61826  -7.90036  5.41081   1.000 32.47668 ? 43  GLN A N   1 
ATOM   275 C CA  . GLN A 1 43 ? -4.67606  -6.81786  6.38395   1.000 32.11538 ? 43  GLN A CA  1 
ATOM   276 C C   . GLN A 1 43 ? -4.24014  -5.51180  5.74900   1.000 29.21398 ? 43  GLN A C   1 
ATOM   277 O O   . GLN A 1 43 ? -4.83710  -4.45850  6.00257   1.000 32.64730 ? 43  GLN A O   1 
ATOM   278 C CB  . GLN A 1 43 ? -3.75783  -7.13637  7.55446   1.000 33.54824 ? 43  GLN A CB  1 
ATOM   279 C CG  . GLN A 1 43 ? -4.22086  -8.24494  8.49594   1.000 35.05568 ? 43  GLN A CG  1 
ATOM   280 C CD  . GLN A 1 43 ? -3.23587  -8.41410  9.64898   1.000 39.60999 ? 43  GLN A CD  1 
ATOM   281 O OE1 . GLN A 1 43 ? -2.16909  -9.02279  9.46704   1.000 37.90589 ? 43  GLN A OE1 1 
ATOM   282 N NE2 . GLN A 1 43 ? -3.58193  -7.90977  10.82890  1.000 46.50759 ? 43  GLN A NE2 1 
ATOM   283 N N   . ALA A 1 44 ? -3.17974  -5.56326  4.93498   1.000 27.12993 ? 44  ALA A N   1 
ATOM   284 C CA  . ALA A 1 44 ? -2.64621  -4.35362  4.31341   1.000 25.92703 ? 44  ALA A CA  1 
ATOM   285 C C   . ALA A 1 44 ? -3.64762  -3.74728  3.33541   1.000 28.69692 ? 44  ALA A C   1 
ATOM   286 O O   . ALA A 1 44 ? -3.80876  -2.52173  3.27516   1.000 28.46148 ? 44  ALA A O   1 
ATOM   287 C CB  . ALA A 1 44 ? -1.33647  -4.67519  3.59090   1.000 27.47082 ? 44  ALA A CB  1 
ATOM   288 N N   . GLN A 1 45 ? -4.29870  -4.59374  2.53300   1.000 27.53591 ? 45  GLN A N   1 
ATOM   289 C CA  . GLN A 1 45 ? -5.30593  -4.11606  1.59146   1.000 28.58101 ? 45  GLN A CA  1 
ATOM   290 C C   . GLN A 1 45 ? -6.45014  -3.43885  2.33457   1.000 34.53226 ? 45  GLN A C   1 
ATOM   291 O O   . GLN A 1 45 ? -6.90583  -2.35522  1.94438   1.000 33.62608 ? 45  GLN A O   1 
ATOM   292 C CB  . GLN A 1 45 ? -5.79713  -5.28824  0.73477   1.000 33.48562 ? 45  GLN A CB  1 
ATOM   293 C CG  . GLN A 1 45 ? -4.80125  -5.69603  -0.34947  1.000 35.00310 ? 45  GLN A CG  1 
ATOM   294 C CD  . GLN A 1 45 ? -5.10689  -7.05702  -0.97732  1.000 45.94127 ? 45  GLN A CD  1 
ATOM   295 O OE1 . GLN A 1 45 ? -5.57726  -7.96989  -0.29193  1.000 47.75490 ? 45  GLN A OE1 1 
ATOM   296 N NE2 . GLN A 1 45 ? -4.86676  -7.19384  -2.28745  1.000 44.95694 ? 45  GLN A NE2 1 
ATOM   297 N N   . TRP A 1 46 ? -6.90578  -4.05094  3.43145   1.000 30.96873 ? 46  TRP A N   1 
ATOM   298 C CA  . TRP A 1 46 ? -7.95039  -3.43056  4.24911   1.000 32.29261 ? 46  TRP A CA  1 
ATOM   299 C C   . TRP A 1 46 ? -7.50484  -2.07472  4.79136   1.000 32.80388 ? 46  TRP A C   1 
ATOM   300 O O   . TRP A 1 46 ? -8.25067  -1.07725  4.73823   1.000 35.54224 ? 46  TRP A O   1 
ATOM   301 C CB  . TRP A 1 46 ? -8.29026  -4.35860  5.40481   1.000 39.91732 ? 46  TRP A CB  1 
ATOM   302 C CG  . TRP A 1 46 ? -9.50439  -5.13259  5.20814   1.000 43.86830 ? 46  TRP A CG  1 
ATOM   303 C CD1 . TRP A 1 46 ? -9.58669  -6.46706  4.98483   1.000 49.53916 ? 46  TRP A CD1 1 
ATOM   304 C CD2 . TRP A 1 46 ? -10.85213 -4.65204  5.30385   1.000 56.93562 ? 46  TRP A CD2 1 
ATOM   305 N NE1 . TRP A 1 46 ? -10.90223 -6.84802  4.87957   1.000 55.99150 ? 46  TRP A NE1 1 
ATOM   306 C CE2 . TRP A 1 46 ? -11.70233 -5.75400  5.08165   1.000 60.23630 ? 46  TRP A CE2 1 
ATOM   307 C CE3 . TRP A 1 46 ? -11.42264 -3.39315  5.53603   1.000 60.24722 ? 46  TRP A CE3 1 
ATOM   308 C CZ2 . TRP A 1 46 ? -13.09600 -5.64114  5.08667   1.000 57.92424 ? 46  TRP A CZ2 1 
ATOM   309 C CZ3 . TRP A 1 46 ? -12.80629 -3.28236  5.53953   1.000 60.33318 ? 46  TRP A CZ3 1 
ATOM   310 C CH2 . TRP A 1 46 ? -13.62721 -4.40225  5.31523   1.000 57.35785 ? 46  TRP A CH2 1 
ATOM   311 N N   . ARG A 1 47 ? -6.29529  -2.02883  5.34444   1.000 30.07077 ? 47  ARG A N   1 
ATOM   312 C CA  . ARG A 1 47 ? -5.80360  -0.78074  5.91539   1.000 27.21654 ? 47  ARG A CA  1 
ATOM   313 C C   . ARG A 1 47 ? -5.72398  0.30353   4.85332   1.000 32.19332 ? 47  ARG A C   1 
ATOM   314 O O   . ARG A 1 47 ? -6.16466  1.43502   5.07505   1.000 32.36651 ? 47  ARG A O   1 
ATOM   315 C CB  . ARG A 1 47 ? -4.44391  -1.00364  6.56262   1.000 28.09672 ? 47  ARG A CB  1 
ATOM   316 C CG  . ARG A 1 47 ? -3.82261  0.23604   7.14231   1.000 28.45798 ? 47  ARG A CG  1 
ATOM   317 C CD  . ARG A 1 47 ? -4.71833  0.89670   8.13711   1.000 33.83783 ? 47  ARG A CD  1 
ATOM   318 N NE  . ARG A 1 47 ? -3.96849  1.89005   8.90232   1.000 36.84388 ? 47  ARG A NE  1 
ATOM   319 C CZ  . ARG A 1 47 ? -4.26776  2.30524   10.12988  1.000 38.07211 ? 47  ARG A CZ  1 
ATOM   320 N NH1 . ARG A 1 47 ? -5.31330  1.83643   10.79031  1.000 41.53128 ? 47  ARG A NH1 1 
ATOM   321 N NH2 . ARG A 1 47 ? -3.49676  3.21859   10.70783  1.000 39.71047 ? 47  ARG A NH2 1 
ATOM   322 N N   . MET A 1 48 ? -5.22223  -0.03705  3.66409   1.000 27.22294 ? 48  MET A N   1 
ATOM   323 C CA  . MET A 1 48 ? -5.04564  0.99572   2.64811   1.000 27.75263 ? 48  MET A CA  1 
ATOM   324 C C   . MET A 1 48 ? -6.38659  1.43078   2.06802   1.000 31.15021 ? 48  MET A C   1 
ATOM   325 O O   . MET A 1 48 ? -6.53968  2.58985   1.65391   1.000 34.00920 ? 48  MET A O   1 
ATOM   326 C CB  . MET A 1 48 ? -4.13269  0.46836   1.54293   1.000 25.88904 ? 48  MET A CB  1 
ATOM   327 C CG  . MET A 1 48 ? -2.67913  0.50529   1.89668   1.000 26.49759 ? 48  MET A CG  1 
ATOM   328 S SD  . MET A 1 48 ? -2.12202  1.89943   2.87270   1.000 32.19404 ? 48  MET A SD  1 
ATOM   329 C CE  . MET A 1 48 ? -0.75816  1.21621   3.80841   1.000 30.96789 ? 48  MET A CE  1 
ATOM   330 N N   . LYS A 1 49 ? -7.37381  0.51926   2.01086   1.000 29.78985 ? 49  LYS A N   1 
ATOM   331 C CA  . LYS A 1 49 ? -8.70389  0.92679   1.59716   1.000 32.36239 ? 49  LYS A CA  1 
ATOM   332 C C   . LYS A 1 49 ? -9.32740  1.89178   2.59514   1.000 37.03526 ? 49  LYS A C   1 
ATOM   333 O O   . LYS A 1 49 ? -10.09698 2.77285   2.19287   1.000 46.34414 ? 49  LYS A O   1 
ATOM   334 C CB  . LYS A 1 49 ? -9.59147  -0.29172  1.40196   1.000 38.77567 ? 49  LYS A CB  1 
ATOM   335 C CG  . LYS A 1 49 ? -9.32114  -0.97654  0.08546   1.000 52.03606 ? 49  LYS A CG  1 
ATOM   336 C CD  . LYS A 1 49 ? -10.54592 -1.72362  -0.39927  1.000 54.80313 ? 49  LYS A CD  1 
ATOM   337 C CE  . LYS A 1 49 ? -11.30740 -0.93995  -1.46409  1.000 62.80374 ? 49  LYS A CE  1 
ATOM   338 N NZ  . LYS A 1 49 ? -12.24528 -1.81305  -2.21687  1.000 63.55303 ? 49  LYS A NZ  1 
ATOM   339 N N   . ARG A 1 50 ? -9.03229  1.74442   3.89186   1.000 37.73782 ? 50  ARG A N   1 
ATOM   340 C CA  . ARG A 1 50 ? -9.54124  2.75920   4.82456   1.000 39.65367 ? 50  ARG A CA  1 
ATOM   341 C C   . ARG A 1 50 ? -8.76200  4.06842   4.74559   1.000 39.55545 ? 50  ARG A C   1 
ATOM   342 O O   . ARG A 1 50 ? -9.33640  5.15008   4.92704   1.000 43.19289 ? 50  ARG A O   1 
ATOM   343 C CB  . ARG A 1 50 ? -9.53848  2.26284   6.27084   1.000 44.90365 ? 50  ARG A CB  1 
ATOM   344 C CG  . ARG A 1 50 ? -10.41229 1.08503   6.47337   1.000 51.08534 ? 50  ARG A CG  1 
ATOM   345 C CD  . ARG A 1 50 ? -11.50729 1.43162   7.44719   1.000 58.30213 ? 50  ARG A CD  1 
ATOM   346 N NE  . ARG A 1 50 ? -12.63643 0.54301   7.21885   1.000 72.14310 ? 50  ARG A NE  1 
ATOM   347 C CZ  . ARG A 1 50 ? -13.39701 0.02757   8.17122   1.000 69.73057 ? 50  ARG A CZ  1 
ATOM   348 N NH1 . ARG A 1 50 ? -13.30094 0.43418   9.42558   1.000 74.82492 ? 50  ARG A NH1 1 
ATOM   349 N NH2 . ARG A 1 50 ? -14.28893 -0.90582  7.85220   1.000 75.44666 ? 50  ARG A NH2 1 
ATOM   350 N N   . LYS A 1 51 ? -7.45883  3.99202   4.51330   1.000 34.11302 ? 51  LYS A N   1 
ATOM   351 C CA  . LYS A 1 51 ? -6.62577  5.19156   4.47796   1.000 31.57676 ? 51  LYS A CA  1 
ATOM   352 C C   . LYS A 1 51 ? -7.00141  6.09013   3.31227   1.000 35.93111 ? 51  LYS A C   1 
ATOM   353 O O   . LYS A 1 51 ? -7.19860  7.29609   3.48300   1.000 44.07482 ? 51  LYS A O   1 
ATOM   354 C CB  . LYS A 1 51 ? -5.15088  4.78340   4.40631   1.000 37.60843 ? 51  LYS A CB  1 
ATOM   355 C CG  . LYS A 1 51 ? -4.15039  5.92798   4.36766   1.000 37.55917 ? 51  LYS A CG  1 
ATOM   356 C CD  . LYS A 1 51 ? -2.74920  5.37655   4.53485   1.000 41.45346 ? 51  LYS A CD  1 
ATOM   357 C CE  . LYS A 1 51 ? -1.67603  6.45836   4.50241   1.000 42.24318 ? 51  LYS A CE  1 
ATOM   358 N NZ  . LYS A 1 51 ? -0.35066  5.86910   4.09268   1.000 40.00703 ? 51  LYS A NZ  1 
ATOM   359 N N   . TYR A 1 52 ? -7.09211  5.52501   2.11882   1.000 38.66918 ? 52  TYR A N   1 
ATOM   360 C CA  . TYR A 1 52 ? -7.41647  6.29443   0.92279   1.000 41.31701 ? 52  TYR A CA  1 
ATOM   361 C C   . TYR A 1 52 ? -8.88758  6.09948   0.56503   1.000 47.29882 ? 52  TYR A C   1 
ATOM   362 O O   . TYR A 1 52 ? -9.23838  5.48565   -0.45005  1.000 50.75031 ? 52  TYR A O   1 
ATOM   363 C CB  . TYR A 1 52 ? -6.50903  5.87174   -0.21611  1.000 35.90837 ? 52  TYR A CB  1 
ATOM   364 C CG  . TYR A 1 52 ? -5.05609  6.14689   0.07300   1.000 35.93865 ? 52  TYR A CG  1 
ATOM   365 C CD1 . TYR A 1 52 ? -4.52614  7.41638   -0.06971  1.000 43.09446 ? 52  TYR A CD1 1 
ATOM   366 C CD2 . TYR A 1 52 ? -4.20798  5.12019   0.49552   1.000 35.41470 ? 52  TYR A CD2 1 
ATOM   367 C CE1 . TYR A 1 52 ? -3.20103  7.66680   0.19985   1.000 41.89878 ? 52  TYR A CE1 1 
ATOM   368 C CE2 . TYR A 1 52 ? -2.86986  5.36765   0.77208   1.000 41.50423 ? 52  TYR A CE2 1 
ATOM   369 C CZ  . TYR A 1 52 ? -2.37726  6.64562   0.61934   1.000 41.16675 ? 52  TYR A CZ  1 
ATOM   370 O OH  . TYR A 1 52 ? -1.05211  6.92228   0.88316   1.000 44.76831 ? 52  TYR A OH  1 
ATOM   371 N N   . LYS A 1 53 ? -9.74599  6.59981   1.44849   1.000 49.92035 ? 53  LYS A N   1 
ATOM   372 C CA  . LYS A 1 53 ? -11.18765 6.40253   1.33313   1.000 57.00581 ? 53  LYS A CA  1 
ATOM   373 C C   . LYS A 1 53 ? -11.70503 6.81174   -0.03641  1.000 53.85971 ? 53  LYS A C   1 
ATOM   374 O O   . LYS A 1 53 ? -11.59762 7.97387   -0.43862  1.000 53.00270 ? 53  LYS A O   1 
ATOM   375 C CB  . LYS A 1 53 ? -11.91056 7.19294   2.42701   1.000 63.54217 ? 53  LYS A CB  1 
ATOM   376 C CG  . LYS A 1 53 ? -11.64803 6.68692   3.83654   1.000 69.37835 ? 53  LYS A CG  1 
ATOM   377 C CD  . LYS A 1 53 ? -12.35504 7.50660   4.90798   1.000 71.89054 ? 53  LYS A CD  1 
ATOM   378 C CE  . LYS A 1 53 ? -12.07119 6.93397   6.28815   1.000 67.52143 ? 53  LYS A CE  1 
ATOM   379 N NZ  . LYS A 1 53 ? -12.73174 7.73260   7.35428   1.000 82.25061 ? 53  LYS A NZ  1 
ATOM   380 N N   . GLY A 1 54 ? -12.26739 5.84625   -0.75297  1.000 57.44816 ? 54  GLY A N   1 
ATOM   381 C CA  . GLY A 1 54 ? -12.89823 6.12124   -2.01839  1.000 53.69734 ? 54  GLY A CA  1 
ATOM   382 C C   . GLY A 1 54 ? -11.95373 6.29508   -3.17831  1.000 57.83962 ? 54  GLY A C   1 
ATOM   383 O O   . GLY A 1 54 ? -12.41713 6.32726   -4.32407  1.000 60.20233 ? 54  GLY A O   1 
ATOM   384 N N   . GLU A 1 55 ? -10.61766 6.39958   -2.92612  1.000 51.84874 ? 55  GLU A N   1 
ATOM   385 C CA  . GLU A 1 55 ? -9.74887  6.60435   -4.07244  1.000 50.15085 ? 55  GLU A CA  1 
ATOM   386 C C   . GLU A 1 55 ? -9.23968  5.26602   -4.60695  1.000 44.71934 ? 55  GLU A C   1 
ATOM   387 O O   . GLU A 1 55 ? -9.12514  4.28950   -3.85899  1.000 50.09474 ? 55  GLU A O   1 
ATOM   388 C CB  . GLU A 1 55 ? -8.56789  7.49522   -3.69900  1.000 51.29289 ? 55  GLU A CB  1 
ATOM   389 C CG  . GLU A 1 55 ? -8.87127  9.00430   -3.65702  1.000 55.41083 ? 55  GLU A CG  1 
ATOM   390 C CD  . GLU A 1 55 ? -9.72960  9.51963   -4.83174  1.000 62.24373 ? 55  GLU A CD  1 
ATOM   391 O OE1 . GLU A 1 55 ? -9.20089  9.73714   -5.94857  1.000 60.02992 ? 55  GLU A OE1 1 
ATOM   392 O OE2 . GLU A 1 55 ? -10.93787 9.75860   -4.62084  1.000 59.70643 ? 55  GLU A OE2 1 
ATOM   393 N N   . PRO A 1 56 ? -8.93005  5.19919   -5.90791  1.000 46.05196 ? 56  PRO A N   1 
ATOM   394 C CA  . PRO A 1 56 ? -8.50314  3.93030   -6.52394  1.000 43.69235 ? 56  PRO A CA  1 
ATOM   395 C C   . PRO A 1 56 ? -7.07088  3.49262   -6.22618  1.000 42.79841 ? 56  PRO A C   1 
ATOM   396 O O   . PRO A 1 56 ? -6.21612  3.51109   -7.12547  1.000 41.08949 ? 56  PRO A O   1 
ATOM   397 C CB  . PRO A 1 56 ? -8.68265  4.21970   -8.02078  1.000 40.90052 ? 56  PRO A CB  1 
ATOM   398 C CG  . PRO A 1 56 ? -8.47069  5.69417   -8.12580  1.000 42.68587 ? 56  PRO A CG  1 
ATOM   399 C CD  . PRO A 1 56 ? -9.19371  6.23307   -6.92849  1.000 47.52230 ? 56  PRO A CD  1 
ATOM   400 N N   . VAL A 1 57 ? -6.81253  3.02691   -4.98606  1.000 42.27701 ? 57  VAL A N   1 
ATOM   401 C CA  A VAL A 1 57 ? -5.47125  2.61573   -4.56608  0.680 31.70324 ? 57  VAL A CA  1 
ATOM   402 C CA  B VAL A 1 57 ? -5.47914  2.62408   -4.55305  0.320 31.84904 ? 57  VAL A CA  1 
ATOM   403 C C   . VAL A 1 57 ? -5.39004  1.10338   -4.53614  1.000 35.48763 ? 57  VAL A C   1 
ATOM   404 O O   . VAL A 1 57 ? -6.39028  0.39756   -4.34461  1.000 38.33883 ? 57  VAL A O   1 
ATOM   405 C CB  A VAL A 1 57 ? -5.05967  3.17493   -3.18906  0.680 34.58706 ? 57  VAL A CB  1 
ATOM   406 C CB  B VAL A 1 57 ? -5.16210  3.24454   -3.17395  0.320 34.68692 ? 57  VAL A CB  1 
ATOM   407 C CG1 A VAL A 1 57 ? -5.01792  4.69287   -3.23379  0.680 38.67746 ? 57  VAL A CG1 1 
ATOM   408 C CG1 B VAL A 1 57 ? -3.85098  2.74219   -2.62064  0.320 30.44697 ? 57  VAL A CG1 1 
ATOM   409 C CG2 A VAL A 1 57 ? -5.97728  2.62735   -2.09314  0.680 33.22375 ? 57  VAL A CG2 1 
ATOM   410 C CG2 B VAL A 1 57 ? -5.11598  4.75678   -3.30361  0.320 38.55763 ? 57  VAL A CG2 1 
ATOM   411 N N   . GLN A 1 58 ? -4.17944  0.59285   -4.74604  1.000 31.50301 ? 58  GLN A N   1 
ATOM   412 C CA  A GLN A 1 58 ? -3.94247  -0.83996  -4.74318  0.580 32.56413 ? 58  GLN A CA  1 
ATOM   413 C CA  B GLN A 1 58 ? -3.94063  -0.84260  -4.76399  0.420 32.58421 ? 58  GLN A CA  1 
ATOM   414 C C   . GLN A 1 58 ? -2.64072  -1.12101  -4.02252  1.000 27.33675 ? 58  GLN A C   1 
ATOM   415 O O   . GLN A 1 58 ? -1.62954  -0.47372  -4.29931  1.000 28.52177 ? 58  GLN A O   1 
ATOM   416 C CB  A GLN A 1 58 ? -3.85835  -1.37935  -6.16739  0.580 35.62046 ? 58  GLN A CB  1 
ATOM   417 C CB  B GLN A 1 58 ? -3.84040  -1.34170  -6.20913  0.420 35.60921 ? 58  GLN A CB  1 
ATOM   418 C CG  A GLN A 1 58 ? -5.18882  -1.56447  -6.84663  0.580 38.40551 ? 58  GLN A CG  1 
ATOM   419 C CG  B GLN A 1 58 ? -3.74642  -2.84691  -6.41176  0.420 36.28747 ? 58  GLN A CG  1 
ATOM   420 C CD  A GLN A 1 58 ? -5.12774  -2.62473  -7.90685  0.580 38.62892 ? 58  GLN A CD  1 
ATOM   421 C CD  B GLN A 1 58 ? -5.00610  -3.54103  -5.93589  0.420 39.38686 ? 58  GLN A CD  1 
ATOM   422 O OE1 A GLN A 1 58 ? -4.81363  -3.76912  -7.62115  0.580 39.91399 ? 58  GLN A OE1 1 
ATOM   423 O OE1 B GLN A 1 58 ? -4.96903  -4.40362  -5.06630  0.420 38.40659 ? 58  GLN A OE1 1 
ATOM   424 N NE2 A GLN A 1 58 ? -5.39038  -2.24068  -9.14720  0.580 37.43775 ? 58  GLN A NE2 1 
ATOM   425 N NE2 B GLN A 1 58 ? -6.14595  -3.11574  -6.47168  0.420 41.11160 ? 58  GLN A NE2 1 
ATOM   426 N N   . VAL A 1 59 ? -2.65570  -2.09809  -3.11309  1.000 25.13549 ? 59  VAL A N   1 
ATOM   427 C CA  . VAL A 1 59 ? -1.40942  -2.55252  -2.51541  1.000 23.58112 ? 59  VAL A CA  1 
ATOM   428 C C   . VAL A 1 59 ? -0.60694  -3.27641  -3.58491  1.000 26.29564 ? 59  VAL A C   1 
ATOM   429 O O   . VAL A 1 59 ? -1.14242  -4.13241  -4.29785  1.000 28.96520 ? 59  VAL A O   1 
ATOM   430 C CB  . VAL A 1 59 ? -1.67177  -3.48891  -1.32657  1.000 25.39528 ? 59  VAL A CB  1 
ATOM   431 C CG1 . VAL A 1 59 ? -0.37415  -4.13262  -0.88477  1.000 29.31048 ? 59  VAL A CG1 1 
ATOM   432 C CG2 . VAL A 1 59 ? -2.33123  -2.72227  -0.19757  1.000 26.02414 ? 59  VAL A CG2 1 
ATOM   433 N N   . VAL A 1 60 ? 0.65294   -2.89396  -3.74245  1.000 23.55692 ? 60  VAL A N   1 
ATOM   434 C CA  . VAL A 1 60 ? 1.53576   -3.56003  -4.70659  1.000 22.43893 ? 60  VAL A CA  1 
ATOM   435 C C   . VAL A 1 60 ? 2.22296   -4.75859  -4.07387  1.000 23.12974 ? 60  VAL A C   1 
ATOM   436 O O   . VAL A 1 60 ? 2.25428   -5.86539  -4.64386  1.000 25.45358 ? 60  VAL A O   1 
ATOM   437 C CB  . VAL A 1 60 ? 2.57253   -2.55299  -5.25955  1.000 25.84531 ? 60  VAL A CB  1 
ATOM   438 C CG1 . VAL A 1 60 ? 3.64760   -3.27724  -6.09512  1.000 28.52466 ? 60  VAL A CG1 1 
ATOM   439 C CG2 . VAL A 1 60 ? 1.87923   -1.46213  -6.06935  1.000 27.94001 ? 60  VAL A CG2 1 
ATOM   440 N N   . SER A 1 61 ? 2.77628   -4.56539  -2.88141  1.000 22.80068 ? 61  SER A N   1 
ATOM   441 C CA  . SER A 1 61 ? 3.50915   -5.63228  -2.21936  1.000 24.20725 ? 61  SER A CA  1 
ATOM   442 C C   . SER A 1 61 ? 3.57922   -5.34870  -0.72334  1.000 27.23056 ? 61  SER A C   1 
ATOM   443 O O   . SER A 1 61 ? 3.36046   -4.22129  -0.27400  1.000 24.37842 ? 61  SER A O   1 
ATOM   444 C CB  . SER A 1 61 ? 4.90761   -5.77562  -2.82035  1.000 23.80873 ? 61  SER A CB  1 
ATOM   445 O OG  . SER A 1 61 ? 5.68899   -4.63381  -2.51962  1.000 25.01460 ? 61  SER A OG  1 
ATOM   446 N N   . VAL A 1 62 ? 3.85119   -6.39968  0.04739   1.000 20.91091 ? 62  VAL A N   1 
ATOM   447 C CA  . VAL A 1 62 ? 4.20669   -6.26535  1.45759   1.000 21.51791 ? 62  VAL A CA  1 
ATOM   448 C C   . VAL A 1 62 ? 5.56820   -6.90608  1.65914   1.000 25.07550 ? 62  VAL A C   1 
ATOM   449 O O   . VAL A 1 62 ? 5.92535   -7.87253  0.98027   1.000 26.18908 ? 62  VAL A O   1 
ATOM   450 C CB  . VAL A 1 62 ? 3.16762   -6.86512  2.42282   1.000 22.02040 ? 62  VAL A CB  1 
ATOM   451 C CG1 . VAL A 1 62 ? 1.84957   -6.13393  2.25208   1.000 25.63718 ? 62  VAL A CG1 1 
ATOM   452 C CG2 . VAL A 1 62 ? 3.02250   -8.34359  2.22893   1.000 25.21630 ? 62  VAL A CG2 1 
ATOM   453 N N   . GLU A 1 63 ? 6.36187   -6.33026  2.55229   1.000 23.24105 ? 63  GLU A N   1 
ATOM   454 C CA  . GLU A 1 63 ? 7.73013   -6.79793  2.74390   1.000 24.56610 ? 63  GLU A CA  1 
ATOM   455 C C   . GLU A 1 63 ? 7.98053   -6.89687  4.23134   1.000 27.32694 ? 63  GLU A C   1 
ATOM   456 O O   . GLU A 1 63 ? 8.31155   -5.88118  4.87117   1.000 26.37917 ? 63  GLU A O   1 
ATOM   457 C CB  . GLU A 1 63 ? 8.73872   -5.85852  2.10488   1.000 28.67280 ? 63  GLU A CB  1 
ATOM   458 C CG  . GLU A 1 63 ? 10.11102  -6.50745  1.93735   1.000 34.75739 ? 63  GLU A CG  1 
ATOM   459 C CD  . GLU A 1 63 ? 11.19951  -5.46945  1.68771   1.000 47.86398 ? 63  GLU A CD  1 
ATOM   460 O OE1 . GLU A 1 63 ? 12.00830  -5.22939  2.62123   1.000 54.26179 ? 63  GLU A OE1 1 
ATOM   461 O OE2 . GLU A 1 63 ? 11.20294  -4.86940  0.57633   1.000 43.58438 ? 63  GLU A OE2 1 
ATOM   462 N N   . PRO A 1 64 ? 7.80878   -8.06667  4.82744   1.000 26.47188 ? 64  PRO A N   1 
ATOM   463 C CA  . PRO A 1 64 ? 8.19351   -8.21494  6.22804   1.000 28.91213 ? 64  PRO A CA  1 
ATOM   464 C C   . PRO A 1 64 ? 9.70420   -8.23140  6.35904   1.000 35.12338 ? 64  PRO A C   1 
ATOM   465 O O   . PRO A 1 64 ? 10.41660  -8.80199  5.52411   1.000 36.29872 ? 64  PRO A O   1 
ATOM   466 C CB  . PRO A 1 64 ? 7.57452   -9.56255  6.61712   1.000 33.52012 ? 64  PRO A CB  1 
ATOM   467 C CG  . PRO A 1 64 ? 7.57257   -10.32087 5.34147   1.000 36.94626 ? 64  PRO A CG  1 
ATOM   468 C CD  . PRO A 1 64 ? 7.25282   -9.31718  4.27260   1.000 35.14109 ? 64  PRO A CD  1 
ATOM   469 N N   . ASN A 1 65 ? 10.20179  -7.61597  7.42289   1.000 34.67788 ? 65  ASN A N   1 
ATOM   470 C CA  A ASN A 1 65 ? 11.62090  -7.65817  7.74151   0.639 39.84262 ? 65  ASN A CA  1 
ATOM   471 C CA  B ASN A 1 65 ? 11.62155  -7.64495  7.74726   0.361 39.87526 ? 65  ASN A CA  1 
ATOM   472 C C   . ASN A 1 65 ? 11.81466  -8.38108  9.06526   1.000 47.11896 ? 65  ASN A C   1 
ATOM   473 O O   . ASN A 1 65 ? 11.13767  -8.07812  10.05482  1.000 40.95723 ? 65  ASN A O   1 
ATOM   474 C CB  A ASN A 1 65 ? 12.23137  -6.25770  7.78114   0.639 41.11930 ? 65  ASN A CB  1 
ATOM   475 C CB  B ASN A 1 65 ? 12.21247  -6.22588  7.79127   0.361 41.09776 ? 65  ASN A CB  1 
ATOM   476 C CG  A ASN A 1 65 ? 13.65960  -6.24159  7.28287   0.639 38.37092 ? 65  ASN A CG  1 
ATOM   477 C CG  B ASN A 1 65 ? 11.68117  -5.32509  6.67156   0.361 38.38178 ? 65  ASN A CG  1 
ATOM   478 O OD1 A ASN A 1 65 ? 14.43224  -7.15607  7.55742   0.639 49.33991 ? 65  ASN A OD1 1 
ATOM   479 O OD1 B ASN A 1 65 ? 10.54421  -4.84830  6.71050   0.361 42.51493 ? 65  ASN A OD1 1 
ATOM   480 N ND2 A ASN A 1 65 ? 14.00594  -5.21770  6.51164   0.639 45.62186 ? 65  ASN A ND2 1 
ATOM   481 N ND2 B ASN A 1 65 ? 12.53159  -5.05534  5.68962   0.361 41.00886 ? 65  ASN A ND2 1 
ATOM   482 N N   . THR A 1 66 ? 12.73617  -9.34660  9.06379   1.000 54.78652 ? 66  THR A N   1 
ATOM   483 C CA  . THR A 1 66 ? 12.89469  -10.26215 10.18799  1.000 62.25571 ? 66  THR A CA  1 
ATOM   484 C C   . THR A 1 66 ? 13.48461  -9.56059  11.40859  1.000 69.93324 ? 66  THR A C   1 
ATOM   485 O O   . THR A 1 66 ? 12.99575  -9.74362  12.53210  1.000 76.41353 ? 66  THR A O   1 
ATOM   486 C CB  . THR A 1 66 ? 13.76425  -11.45073 9.76120   1.000 70.83547 ? 66  THR A CB  1 
ATOM   487 O OG1 . THR A 1 66 ? 15.09367  -11.00038 9.45372   1.000 75.88412 ? 66  THR A OG1 1 
ATOM   488 C CG2 . THR A 1 66 ? 13.16232  -12.13295 8.51433   1.000 63.82712 ? 66  THR A CG2 1 
ATOM   489 N N   . GLU A 1 67 ? 14.53356  -8.75552  11.20966  1.000 68.63926 ? 67  GLU A N   1 
ATOM   490 C CA  . GLU A 1 67 ? 15.14856  -7.98578  12.29656  1.000 71.80889 ? 67  GLU A CA  1 
ATOM   491 C C   . GLU A 1 67 ? 16.20224  -7.02737  11.73633  1.000 78.54597 ? 67  GLU A C   1 
ATOM   492 O O   . GLU A 1 67 ? 16.26863  -5.85630  12.11454  1.000 80.75653 ? 67  GLU A O   1 
ATOM   493 C CB  . GLU A 1 67 ? 15.78190  -8.91798  13.33606  1.000 70.52747 ? 67  GLU A CB  1 
ATOM   494 C CG  . GLU A 1 67 ? 16.95136  -8.32449  14.11051  1.000 80.75169 ? 67  GLU A CG  1 
ATOM   495 C CD  . GLU A 1 67 ? 16.47905  -7.60863  15.36349  1.000 86.45862 ? 67  GLU A CD  1 
ATOM   496 O OE1 . GLU A 1 67 ? 15.24124  -7.48497  15.51039  1.000 85.42398 ? 67  GLU A OE1 1 
ATOM   497 O OE2 . GLU A 1 67 ? 17.32283  -7.19200  16.20150  1.000 83.49823 ? 67  GLU A OE2 1 
HETATM 498 O O   . HOH B 2 .  ? 0.51128   5.08039   1.93496   1.000 37.10545 ? 101 HOH A O   1 
HETATM 499 O O   . HOH B 2 .  ? 9.45132   -3.17389  0.11262   1.000 35.81061 ? 102 HOH A O   1 
HETATM 500 O O   . HOH B 2 .  ? -1.28451  4.38080   10.69226  1.000 42.75642 ? 103 HOH A O   1 
HETATM 501 O O   . HOH B 2 .  ? 8.32929   4.16569   -1.58201  1.000 56.69894 ? 104 HOH A O   1 
HETATM 502 O O   . HOH B 2 .  ? 4.46168   2.69876   -1.94438  1.000 26.30736 ? 105 HOH A O   1 
HETATM 503 O O   . HOH B 2 .  ? 8.31513   2.71628   4.82784   1.000 37.80337 ? 106 HOH A O   1 
HETATM 504 O O   . HOH B 2 .  ? 11.12077  -11.23213 4.74159   1.000 40.25678 ? 107 HOH A O   1 
HETATM 505 O O   . HOH B 2 .  ? -2.26547  3.54894   7.68418   1.000 39.23101 ? 108 HOH A O   1 
HETATM 506 O O   . HOH B 2 .  ? -4.88856  -12.02677 7.09787   1.000 46.36076 ? 109 HOH A O   1 
HETATM 507 O O   . HOH B 2 .  ? 3.53996   -10.10579 5.57950   1.000 44.88457 ? 110 HOH A O   1 
HETATM 508 O O   . HOH B 2 .  ? 1.74371   4.94414   -15.70014 1.000 43.83342 ? 111 HOH A O   1 
HETATM 509 O O   . HOH B 2 .  ? 0.40580   -10.27142 13.02785  1.000 52.46828 ? 112 HOH A O   1 
HETATM 510 O O   . HOH B 2 .  ? 9.09363   -4.27444  16.18465  1.000 46.58526 ? 113 HOH A O   1 
HETATM 511 O O   . HOH B 2 .  ? -5.26988  -3.26732  -2.51024  1.000 36.89718 ? 114 HOH A O   1 
HETATM 512 O O   . HOH B 2 .  ? -6.64501  2.77657   13.10535  1.000 39.63207 ? 115 HOH A O   1 
HETATM 513 O O   . HOH B 2 .  ? -9.20500  2.71064   -1.43699  1.000 47.54873 ? 116 HOH A O   1 
HETATM 514 O O   . HOH B 2 .  ? 12.77818  -1.22449  5.83061   1.000 54.91580 ? 117 HOH A O   1 
HETATM 515 O O   . HOH B 2 .  ? -4.68896  4.05483   13.32360  1.000 40.68630 ? 118 HOH A O   1 
HETATM 516 O O   . HOH B 2 .  ? 11.83117  1.12674   8.97757   1.000 35.16800 ? 119 HOH A O   1 
HETATM 517 O O   . HOH B 2 .  ? 4.87700   7.86316   -9.49963  1.000 50.44659 ? 120 HOH A O   1 
HETATM 518 O O   . HOH B 2 .  ? -6.86088  14.38299  -16.74270 1.000 40.83296 ? 121 HOH A O   1 
HETATM 519 O O   . HOH B 2 .  ? 9.88697   0.52849   -0.08393  1.000 46.08264 ? 122 HOH A O   1 
HETATM 520 O O   . HOH B 2 .  ? -5.70374  -10.90290 -1.28476  1.000 52.53586 ? 123 HOH A O   1 
HETATM 521 O O   . HOH B 2 .  ? 10.56432  2.90014   6.68121   1.000 39.60987 ? 124 HOH A O   1 
HETATM 522 O O   . HOH B 2 .  ? -5.24691  16.52840  -15.68982 1.000 44.99951 ? 125 HOH A O   1 
HETATM 523 O O   . HOH B 2 .  ? 10.20984  2.50569   2.77705   1.000 45.54658 ? 126 HOH A O   1 
HETATM 524 O O   . HOH B 2 .  ? 7.61644   -14.12119 6.04576   1.000 50.74697 ? 127 HOH A O   1 
# 
loop_
_atom_site_anisotrop.id 
_atom_site_anisotrop.type_symbol 
_atom_site_anisotrop.pdbx_label_atom_id 
_atom_site_anisotrop.pdbx_label_alt_id 
_atom_site_anisotrop.pdbx_label_comp_id 
_atom_site_anisotrop.pdbx_label_asym_id 
_atom_site_anisotrop.pdbx_label_seq_id 
_atom_site_anisotrop.pdbx_PDB_ins_code 
_atom_site_anisotrop.U[1][1] 
_atom_site_anisotrop.U[2][2] 
_atom_site_anisotrop.U[3][3] 
_atom_site_anisotrop.U[1][2] 
_atom_site_anisotrop.U[1][3] 
_atom_site_anisotrop.U[2][3] 
_atom_site_anisotrop.pdbx_auth_seq_id 
_atom_site_anisotrop.pdbx_auth_comp_id 
_atom_site_anisotrop.pdbx_auth_asym_id 
_atom_site_anisotrop.pdbx_auth_atom_id 
1   N N   . ILE A 8  ? 0.59477 0.51697 0.54775 0.04718  0.04661  0.01046  8  ILE A N   
2   C CA  . ILE A 8  ? 0.56844 0.49612 0.53176 0.03890  0.04269  0.00145  8  ILE A CA  
3   C C   . ILE A 8  ? 0.57697 0.51899 0.54919 0.03170  0.03092  -0.00594 8  ILE A C   
4   O O   . ILE A 8  ? 0.55703 0.49690 0.51810 0.02817  0.03051  -0.01239 8  ILE A O   
5   C CB  . ILE A 8  ? 0.61064 0.51815 0.55820 0.03261  0.04912  -0.00662 8  ILE A CB  
6   C CG1 . ILE A 8  ? 0.57675 0.46735 0.51449 0.04050  0.05702  -0.00315 8  ILE A CG1 
7   C CG2 . ILE A 8  ? 0.59608 0.51385 0.55379 0.02388  0.04375  -0.01615 8  ILE A CG2 
8   C CD1 . ILE A 8  ? 0.60793 0.47204 0.52447 0.03266  0.06034  -0.01070 8  ILE A CD1 
9   N N   . THR A 9  ? 0.53019 0.48582 0.52056 0.03023  0.02084  -0.00414 9  THR A N   
10  C CA  . THR A 9  ? 0.44080 0.40142 0.43345 0.02563  0.00702  -0.01176 9  THR A CA  
11  C C   . THR A 9  ? 0.40819 0.36610 0.40683 0.02069  0.00144  -0.02076 9  THR A C   
12  O O   . THR A 9  ? 0.46311 0.41772 0.45622 0.01969  -0.00914 -0.03021 9  THR A O   
13  C CB  . THR A 9  ? 0.50318 0.47646 0.50869 0.02528  -0.00587 -0.00221 9  THR A CB  
14  O OG1 . THR A 9  ? 0.60213 0.58666 0.62971 0.02289  -0.00825 0.00861  9  THR A OG1 
15  C CG2 . THR A 9  ? 0.59885 0.57730 0.59857 0.03250  -0.00028 0.00800  9  THR A CG2 
16  N N   . LYS A 10 ? 0.35678 0.31417 0.36345 0.01967  0.00788  -0.01812 10 LYS A N   
17  C CA  . LYS A 10 ? 0.30470 0.25994 0.31741 0.01593  0.00287  -0.02473 10 LYS A CA  
18  C C   . LYS A 10 ? 0.36549 0.31941 0.37924 0.01644  0.01396  -0.02239 10 LYS A C   
19  O O   . LYS A 10 ? 0.37745 0.33097 0.38918 0.02070  0.02311  -0.01423 10 LYS A O   
20  C CB  . LYS A 10 ? 0.37202 0.33065 0.40089 0.01141  -0.01269 -0.01952 10 LYS A CB  
21  C CG  . LYS A 10 ? 0.40773 0.38074 0.45661 0.01033  -0.01081 -0.00197 10 LYS A CG  
22  C CD  . LYS A 10 ? 0.45795 0.43813 0.52417 0.00206  -0.02890 0.00719  10 LYS A CD  
23  C CE  . LYS A 10 ? 0.51489 0.51985 0.60430 0.00202  -0.02529 0.02928  10 LYS A CE  
24  N NZ  . LYS A 10 ? 0.62713 0.63681 0.73534 -0.00668 -0.03325 0.03804  10 LYS A NZ  
25  N N   . THR A 11 ? 0.30791 0.25975 0.32150 0.01408  0.01275  -0.02994 11 THR A N   
26  C CA  . THR A 11 ? 0.30321 0.25340 0.31484 0.01386  0.02094  -0.02931 11 THR A CA  
27  C C   . THR A 11 ? 0.32473 0.27844 0.34812 0.01239  0.01445  -0.02925 11 THR A C   
28  O O   . THR A 11 ? 0.31397 0.26629 0.33673 0.01186  0.00769  -0.03745 11 THR A O   
29  C CB  . THR A 11 ? 0.30933 0.25502 0.30581 0.01091  0.02718  -0.03744 11 THR A CB  
30  O OG1 . THR A 11 ? 0.36060 0.30004 0.34557 0.01105  0.03208  -0.03573 11 THR A OG1 
31  C CG2 . THR A 11 ? 0.34080 0.28125 0.33089 0.00914  0.03295  -0.03742 11 THR A CG2 
32  N N   . THR A 12 ? 0.28675 0.24505 0.31886 0.01374  0.01733  -0.01915 12 THR A N   
33  C CA  . THR A 12 ? 0.28057 0.24187 0.32350 0.01192  0.01173  -0.01657 12 THR A CA  
34  C C   . THR A 12 ? 0.32612 0.28586 0.35849 0.01320  0.01858  -0.02212 12 THR A C   
35  O O   . THR A 12 ? 0.31594 0.27315 0.33678 0.01612  0.02807  -0.02047 12 THR A O   
36  C CB  . THR A 12 ? 0.31226 0.28505 0.37220 0.01212  0.01110  0.00070  12 THR A CB  
37  O OG1 . THR A 12 ? 0.34127 0.31819 0.41324 0.00797  0.00149  0.00721  12 THR A OG1 
38  C CG2 . THR A 12 ? 0.31911 0.29369 0.38959 0.00922  0.00530  0.00546  12 THR A CG2 
39  N N   . VAL A 13 ? 0.27508 0.23470 0.30925 0.01207  0.01269  -0.02844 13 VAL A N   
40  C CA  . VAL A 13 ? 0.31722 0.27983 0.34382 0.01229  0.01655  -0.03273 13 VAL A CA  
41  C C   . VAL A 13 ? 0.30667 0.27270 0.34336 0.01395  0.01315  -0.02466 13 VAL A C   
42  O O   . VAL A 13 ? 0.30660 0.26939 0.35391 0.01392  0.00361  -0.02279 13 VAL A O   
43  C CB  . VAL A 13 ? 0.29857 0.26535 0.32074 0.01213  0.01366  -0.04336 13 VAL A CB  
44  C CG1 . VAL A 13 ? 0.35638 0.33172 0.37400 0.01074  0.01584  -0.04523 13 VAL A CG1 
45  C CG2 . VAL A 13 ? 0.32859 0.29503 0.34233 0.00994  0.01707  -0.04828 13 VAL A CG2 
46  N N   . ASN A 14 ? 0.28366 0.25298 0.31395 0.01591  0.02011  -0.01962 14 ASN A N   
47  C CA  . ASN A 14 ? 0.25306 0.22854 0.29063 0.01834  0.01895  -0.00979 14 ASN A CA  
48  C C   . ASN A 14 ? 0.34252 0.32084 0.37079 0.01874  0.01807  -0.01693 14 ASN A C   
49  O O   . ASN A 14 ? 0.32277 0.29963 0.33516 0.01678  0.02183  -0.02489 14 ASN A O   
50  C CB  . ASN A 14 ? 0.28445 0.26547 0.31902 0.02372  0.02819  0.00263  14 ASN A CB  
51  C CG  . ASN A 14 ? 0.31020 0.29521 0.35622 0.02399  0.02934  0.01171  14 ASN A CG  
52  O OD1 . ASN A 14 ? 0.36311 0.35293 0.42955 0.01865  0.02050  0.02032  14 ASN A OD1 
53  N ND2 . ASN A 14 ? 0.35038 0.33096 0.38191 0.02956  0.03836  0.00966  14 ASN A ND2 
54  N N   . VAL A 15 ? 0.31425 0.29573 0.35233 0.02038  0.01140  -0.01328 15 VAL A N   
55  C CA  A VAL A 15 ? 0.35193 0.34011 0.38547 0.02217  0.00841  -0.01926 15 VAL A CA  
56  C CA  B VAL A 15 ? 0.35179 0.34023 0.38437 0.02204  0.00901  -0.01914 15 VAL A CA  
57  C C   . VAL A 15 ? 0.36539 0.35805 0.40270 0.02597  0.00691  -0.00826 15 VAL A C   
58  O O   . VAL A 15 ? 0.33972 0.32836 0.38914 0.02625  0.00416  0.00369  15 VAL A O   
59  C CB  A VAL A 15 ? 0.35398 0.34056 0.39326 0.02523  0.00109  -0.02690 15 VAL A CB  
60  C CB  B VAL A 15 ? 0.34817 0.33708 0.38493 0.02425  0.00275  -0.02815 15 VAL A CB  
61  C CG1 A VAL A 15 ? 0.37169 0.37415 0.40615 0.02767  0.00090  -0.03285 15 VAL A CG1 
62  C CG1 B VAL A 15 ? 0.34250 0.33228 0.37294 0.02027  0.00633  -0.03695 15 VAL A CG1 
63  C CG2 A VAL A 15 ? 0.34449 0.32352 0.38326 0.02329  0.00078  -0.03359 15 VAL A CG2 
64  C CG2 B VAL A 15 ? 0.36460 0.33910 0.41159 0.02732  -0.00573 -0.02448 15 VAL A CG2 
65  N N   . ALA A 16 ? 0.35498 0.35729 0.38273 0.02757  0.00737  -0.01074 16 ALA A N   
66  C CA  . ALA A 16 ? 0.33740 0.34589 0.36632 0.03230  0.00578  -0.00038 16 ALA A CA  
67  C C   . ALA A 16 ? 0.34146 0.36111 0.36948 0.03541  0.00004  -0.00544 16 ALA A C   
68  O O   . ALA A 16 ? 0.39103 0.41910 0.41534 0.03254  -0.00086 -0.01573 16 ALA A O   
69  C CB  . ALA A 16 ? 0.41127 0.42317 0.42398 0.03391  0.01327  0.00478  16 ALA A CB  
70  N N   . LYS A 17 ? 0.35158 0.37402 0.38473 0.04159  -0.00390 0.00431  17 LYS A N   
71  C CA  . LYS A 17 ? 0.38274 0.41802 0.41678 0.04799  -0.00948 0.00280  17 LYS A CA  
72  C C   . LYS A 17 ? 0.35404 0.40008 0.38014 0.05065  -0.00928 0.01232  17 LYS A C   
73  O O   . LYS A 17 ? 0.39592 0.43559 0.42265 0.05205  -0.00675 0.02481  17 LYS A O   
74  C CB  . LYS A 17 ? 0.38238 0.40445 0.42757 0.05718  -0.01667 0.00536  17 LYS A CB  
75  C CG  . LYS A 17 ? 0.50174 0.53845 0.54736 0.06881  -0.02118 0.00285  17 LYS A CG  
76  C CD  . LYS A 17 ? 0.55422 0.57075 0.60274 0.08029  -0.02705 -0.00101 17 LYS A CD  
77  C CE  . LYS A 17 ? 0.64519 0.64929 0.69399 0.09354  -0.03435 0.00855  17 LYS A CE  
78  N NZ  . LYS A 17 ? 0.70404 0.70255 0.74823 0.11263  -0.03858 0.00117  17 LYS A NZ  
79  N N   . MET A 18 ? 0.37237 0.43783 0.39135 0.05100  -0.01235 0.00813  18 MET A N   
80  C CA  . MET A 18 ? 0.35133 0.42840 0.36194 0.05539  -0.01459 0.01702  18 MET A CA  
81  C C   . MET A 18 ? 0.38214 0.46151 0.40581 0.06726  -0.02015 0.02613  18 MET A C   
82  O O   . MET A 18 ? 0.45904 0.54463 0.49155 0.07309  -0.02395 0.02082  18 MET A O   
83  C CB  . MET A 18 ? 0.40215 0.49820 0.39899 0.04831  -0.01849 0.00887  18 MET A CB  
84  C CG  . MET A 18 ? 0.42168 0.50577 0.39432 0.04124  -0.01471 0.00475  18 MET A CG  
85  S SD  . MET A 18 ? 0.63385 0.73159 0.58171 0.03219  -0.02438 -0.00184 18 MET A SD  
86  C CE  . MET A 18 ? 0.53009 0.60308 0.45764 0.01833  -0.02233 -0.01622 18 MET A CE  
87  N N   . VAL A 19 ? 0.38040 0.45269 0.40434 0.07241  -0.02009 0.04106  19 VAL A N   
88  C CA  . VAL A 19 ? 0.36483 0.42918 0.39877 0.08342  -0.02621 0.05174  19 VAL A CA  
89  C C   . VAL A 19 ? 0.42565 0.50444 0.45222 0.08961  -0.02768 0.06548  19 VAL A C   
90  O O   . VAL A 19 ? 0.41977 0.50715 0.43369 0.08553  -0.02279 0.06998  19 VAL A O   
91  C CB  . VAL A 19 ? 0.40814 0.44276 0.45267 0.08101  -0.02736 0.06076  19 VAL A CB  
92  C CG1 . VAL A 19 ? 0.44715 0.46560 0.49704 0.07778  -0.02881 0.04677  19 VAL A CG1 
93  C CG2 . VAL A 19 ? 0.45637 0.49215 0.49955 0.07308  -0.02027 0.07343  19 VAL A CG2 
94  N N   . MET A 20 ? 0.38072 0.46041 0.41240 0.10202  -0.03436 0.07267  20 MET A N   
95  C CA  . MET A 20 ? 0.38102 0.47446 0.40633 0.10974  -0.03678 0.08749  20 MET A CA  
96  C C   . MET A 20 ? 0.45729 0.52451 0.48966 0.11284  -0.03850 0.10661  20 MET A C   
97  O O   . MET A 20 ? 0.51642 0.55830 0.55699 0.11923  -0.04494 0.10803  20 MET A O   
98  C CB  . MET A 20 ? 0.37239 0.48768 0.39919 0.12257  -0.04347 0.08529  20 MET A CB  
99  C CG  . MET A 20 ? 0.47012 0.60710 0.48875 0.13076  -0.04722 0.09914  20 MET A CG  
100 S SD  . MET A 20 ? 0.45585 0.61936 0.45330 0.11811  -0.04529 0.09420  20 MET A SD  
101 C CE  . MET A 20 ? 0.42708 0.62525 0.42918 0.11485  -0.05266 0.07939  20 MET A CE  
102 N N   . VAL A 21 ? 0.50608 0.57746 0.53367 0.10819  -0.03322 0.12188  21 VAL A N   
103 C CA  . VAL A 21 ? 0.53762 0.58906 0.57489 0.10675  -0.03466 0.14467  21 VAL A CA  
104 C C   . VAL A 21 ? 0.51606 0.58642 0.54378 0.11355  -0.03250 0.16439  21 VAL A C   
105 O O   . VAL A 21 ? 0.55542 0.64875 0.56855 0.11261  -0.02430 0.16473  21 VAL A O   
106 C CB  . VAL A 21 ? 0.56369 0.60637 0.60979 0.09305  -0.02841 0.14936  21 VAL A CB  
107 C CG1 . VAL A 21 ? 0.57554 0.60368 0.63512 0.08814  -0.03150 0.17750  21 VAL A CG1 
108 C CG2 . VAL A 21 ? 0.45828 0.48206 0.51195 0.08672  -0.03148 0.13000  21 VAL A CG2 
109 N N   . ASP A 22 ? 0.58004 0.63793 0.61227 0.12211  -0.04027 0.18049  22 ASP A N   
110 C CA  . ASP A 22 ? 0.58949 0.66436 0.61293 0.13001  -0.03922 0.20195  22 ASP A CA  
111 C C   . ASP A 22 ? 0.54597 0.65588 0.54954 0.13690  -0.03672 0.19054  22 ASP A C   
112 O O   . ASP A 22 ? 0.56475 0.69519 0.55301 0.13980  -0.03153 0.20219  22 ASP A O   
113 C CB  . ASP A 22 ? 0.75128 0.82930 0.77892 0.12162  -0.03128 0.22653  22 ASP A CB  
114 C CG  . ASP A 22 ? 0.83687 0.88109 0.88575 0.11176  -0.03814 0.24420  22 ASP A CG  
115 O OD1 . ASP A 22 ? 0.89603 0.94630 0.95491 0.10168  -0.03238 0.26677  22 ASP A OD1 
116 O OD2 . ASP A 22 ? 0.80884 0.82053 0.86299 0.11461  -0.05005 0.23649  22 ASP A OD2 
117 N N   . GLY A 23 ? 0.46864 0.58602 0.47135 0.13904  -0.04133 0.16828  23 GLY A N   
118 C CA  . GLY A 23 ? 0.43975 0.58953 0.42599 0.14198  -0.04335 0.15790  23 GLY A CA  
119 C C   . GLY A 23 ? 0.45414 0.61379 0.42356 0.13073  -0.03731 0.14290  23 GLY A C   
120 O O   . GLY A 23 ? 0.49420 0.67609 0.44536 0.13032  -0.04157 0.13443  23 GLY A O   
121 N N   . GLU A 24 ? 0.41178 0.55411 0.38484 0.12183  -0.02888 0.13998  24 GLU A N   
122 C CA  . GLU A 24 ? 0.48608 0.63150 0.44029 0.11393  -0.02275 0.12520  24 GLU A CA  
123 C C   . GLU A 24 ? 0.45481 0.58645 0.42145 0.10381  -0.02199 0.10678  24 GLU A C   
124 O O   . GLU A 24 ? 0.41842 0.53292 0.40690 0.10212  -0.02178 0.10992  24 GLU A O   
125 C CB  . GLU A 24 ? 0.54955 0.69233 0.49298 0.11576  -0.01094 0.13937  24 GLU A CB  
126 C CG  . GLU A 24 ? 0.65707 0.81609 0.58234 0.12672  -0.00931 0.15778  24 GLU A CG  
127 C CD  . GLU A 24 ? 0.91784 1.07854 0.84267 0.13039  0.00397  0.17943  24 GLU A CD  
128 O OE1 . GLU A 24 ? 1.03210 1.19466 0.93566 0.13253  0.01370  0.17287  24 GLU A OE1 
129 O OE2 . GLU A 24 ? 0.94412 1.10449 0.88941 0.13163  0.00445  0.20441  24 GLU A OE2 
130 N N   . VAL A 25 ? 0.42710 0.56328 0.37714 0.09641  -0.02266 0.08810  25 VAL A N   
131 C CA  . VAL A 25 ? 0.39944 0.52323 0.35781 0.08643  -0.02071 0.07184  25 VAL A CA  
132 C C   . VAL A 25 ? 0.45107 0.55846 0.40663 0.08454  -0.00937 0.07556  25 VAL A C   
133 O O   . VAL A 25 ? 0.46030 0.56881 0.39231 0.08838  -0.00292 0.07891  25 VAL A O   
134 C CB  . VAL A 25 ? 0.38898 0.52190 0.33058 0.07711  -0.02701 0.05343  25 VAL A CB  
135 C CG1 . VAL A 25 ? 0.44545 0.56515 0.39390 0.06665  -0.02414 0.03883  25 VAL A CG1 
136 C CG2 . VAL A 25 ? 0.40517 0.56391 0.35444 0.07882  -0.03850 0.05383  25 VAL A CG2 
137 N N   . GLN A 26 ? 0.42163 0.51507 0.39986 0.08051  -0.00717 0.07612  26 GLN A N   
138 C CA  . GLN A 26 ? 0.42327 0.50610 0.40583 0.07780  0.00226  0.08194  26 GLN A CA  
139 C C   . GLN A 26 ? 0.35688 0.42731 0.34822 0.06920  0.00171  0.06530  26 GLN A C   
140 O O   . GLN A 26 ? 0.39489 0.46587 0.39107 0.06629  -0.00521 0.05237  26 GLN A O   
141 C CB  . GLN A 26 ? 0.40122 0.48008 0.40590 0.07918  0.00277  0.10512  26 GLN A CB  
142 C CG  . GLN A 26 ? 0.45778 0.54885 0.45746 0.08759  0.00199  0.12449  26 GLN A CG  
143 C CD  . GLN A 26 ? 0.54048 0.64663 0.52271 0.09409  0.01369  0.13821  26 GLN A CD  
144 O OE1 . GLN A 26 ? 0.64161 0.76023 0.61898 0.10155  0.01509  0.15719  26 GLN A OE1 
145 N NE2 . GLN A 26 ? 0.65533 0.76056 0.62685 0.09354  0.02298  0.13024  26 GLN A NE2 
146 N N   . VAL A 27 ? 0.40739 0.47007 0.40139 0.06626  0.00955  0.06722  27 VAL A N   
147 C CA  . VAL A 27 ? 0.39981 0.45053 0.40259 0.05865  0.00904  0.05371  27 VAL A CA  
148 C C   . VAL A 27 ? 0.42864 0.47094 0.45603 0.05526  0.00839  0.06649  27 VAL A C   
149 O O   . VAL A 27 ? 0.47224 0.52096 0.50565 0.05674  0.01391  0.08525  27 VAL A O   
150 C CB  . VAL A 27 ? 0.45972 0.50577 0.44135 0.05728  0.01662  0.04229  27 VAL A CB  
151 C CG1 . VAL A 27 ? 0.48830 0.53917 0.45823 0.06590  0.02757  0.05613  27 VAL A CG1 
152 C CG2 . VAL A 27 ? 0.52914 0.56384 0.52219 0.04995  0.01663  0.03223  27 VAL A CG2 
153 N N   . GLU A 28 ? 0.39854 0.42791 0.43931 0.05089  0.00059  0.05785  28 GLU A N   
154 C CA  . GLU A 28 ? 0.44606 0.46075 0.50667 0.04538  -0.00486 0.06667  28 GLU A CA  
155 C C   . GLU A 28 ? 0.42114 0.42853 0.48334 0.03959  -0.00319 0.05374  28 GLU A C   
156 O O   . GLU A 28 ? 0.41314 0.42027 0.46558 0.04021  -0.00259 0.03575  28 GLU A O   
157 C CB  . GLU A 28 ? 0.45516 0.45333 0.52294 0.04840  -0.01731 0.06647  28 GLU A CB  
158 C CG  . GLU A 28 ? 0.65509 0.62719 0.73549 0.04205  -0.02756 0.06743  28 GLU A CG  
159 C CD  . GLU A 28 ? 0.87915 0.82658 0.95849 0.04911  -0.04052 0.06593  28 GLU A CD  
160 O OE1 . GLU A 28 ? 0.96098 0.88440 1.03811 0.05007  -0.04904 0.05407  28 GLU A OE1 
161 O OE2 . GLU A 28 ? 0.90666 0.85711 0.98427 0.05578  -0.04219 0.07648  28 GLU A OE2 
162 N N   . GLN A 29 ? 0.44656 0.45162 0.52201 0.03335  -0.00249 0.06512  29 GLN A N   
163 C CA  . GLN A 29 ? 0.39907 0.39696 0.47731 0.02814  -0.00251 0.05493  29 GLN A CA  
164 C C   . GLN A 29 ? 0.43861 0.41401 0.52302 0.02502  -0.01606 0.04611  29 GLN A C   
165 O O   . GLN A 29 ? 0.50826 0.46919 0.60184 0.02268  -0.02692 0.05623  29 GLN A O   
166 C CB  . GLN A 29 ? 0.45380 0.46243 0.54512 0.02354  0.00241  0.07243  29 GLN A CB  
167 C CG  . GLN A 29 ? 0.59784 0.60386 0.69036 0.01999  0.00435  0.06400  29 GLN A CG  
168 C CD  . GLN A 29 ? 0.67075 0.68747 0.78529 0.01272  0.00254  0.08492  29 GLN A CD  
169 O OE1 . GLN A 29 ? 0.62180 0.65914 0.74601 0.01426  0.00861  0.10693  29 GLN A OE1 
170 N NE2 . GLN A 29 ? 0.74774 0.75392 0.87078 0.00475  -0.00623 0.07989  29 GLN A NE2 
171 N N   . LEU A 30 ? 0.45589 0.31597 0.36933 -0.00016 -0.04241 0.04811  30 LEU A N   
172 C CA  . LEU A 30 ? 0.44173 0.29343 0.36901 0.01071  -0.04892 0.04116  30 LEU A CA  
173 C C   . LEU A 30 ? 0.43104 0.28640 0.37609 -0.00084 -0.04025 0.03391  30 LEU A C   
174 O O   . LEU A 30 ? 0.42097 0.29421 0.37300 -0.01300 -0.02921 0.03348  30 LEU A O   
175 C CB  . LEU A 30 ? 0.49232 0.37474 0.43315 0.02733  -0.05585 0.03226  30 LEU A CB  
176 C CG  . LEU A 30 ? 0.50148 0.38569 0.43075 0.04513  -0.06927 0.03949  30 LEU A CG  
177 C CD1 . LEU A 30 ? 0.49950 0.43385 0.45001 0.05271  -0.07374 0.03253  30 LEU A CD1 
178 C CD2 . LEU A 30 ? 0.57134 0.41842 0.48837 0.06474  -0.07747 0.04326  30 LEU A CD2 
179 N N   . PRO A 31 ? 0.42946 0.26623 0.37872 0.00444  -0.04573 0.02803  31 PRO A N   
180 C CA  . PRO A 31 ? 0.42627 0.26844 0.39071 -0.00746 -0.04076 0.02144  31 PRO A CA  
181 C C   . PRO A 31 ? 0.43877 0.31925 0.42092 -0.00572 -0.03272 0.01209  31 PRO A C   
182 O O   . PRO A 31 ? 0.40609 0.30427 0.39161 0.00625  -0.03403 0.00615  31 PRO A O   
183 C CB  . PRO A 31 ? 0.55681 0.36844 0.51361 0.00310  -0.05100 0.01353  31 PRO A CB  
184 C CG  . PRO A 31 ? 0.51858 0.29752 0.45296 0.01638  -0.05970 0.02021  31 PRO A CG  
185 C CD  . PRO A 31 ? 0.44822 0.25614 0.38452 0.02387  -0.05733 0.02624  31 PRO A CD  
186 N N   . SER A 32 ? 0.40642 0.30066 0.39982 -0.01800 -0.02466 0.01218  32 SER A N   
187 C CA  . SER A 32 ? 0.33590 0.25538 0.34035 -0.01514 -0.01804 0.00390  32 SER A CA  
188 C C   . SER A 32 ? 0.39750 0.31484 0.40797 -0.00846 -0.02348 -0.00603 32 SER A C   
189 O O   . SER A 32 ? 0.48338 0.37921 0.49023 -0.01012 -0.03141 -0.00724 32 SER A O   
190 C CB  . SER A 32 ? 0.37631 0.31079 0.38849 -0.02429 -0.00788 0.00824  32 SER A CB  
191 O OG  . SER A 32 ? 0.37412 0.31077 0.37406 -0.02609 -0.00014 0.01513  32 SER A OG  
192 N N   . GLU A 33 ? 0.32760 0.26262 0.34207 -0.00188 -0.01968 -0.01306 33 GLU A N   
193 C CA  . GLU A 33 ? 0.31300 0.24790 0.32849 0.00606  -0.02254 -0.02198 33 GLU A CA  
194 C C   . GLU A 33 ? 0.33267 0.28310 0.35288 0.00308  -0.01590 -0.02451 33 GLU A C   
195 O O   . GLU A 33 ? 0.31141 0.27314 0.33059 0.00114  -0.00909 -0.02295 33 GLU A O   
196 C CB  . GLU A 33 ? 0.33887 0.28204 0.35203 0.02058  -0.02373 -0.02603 33 GLU A CB  
197 C CG  . GLU A 33 ? 0.37040 0.31258 0.37899 0.03257  -0.02421 -0.03526 33 GLU A CG  
198 C CD  . GLU A 33 ? 0.45487 0.40886 0.46229 0.05212  -0.02404 -0.03792 33 GLU A CD  
199 O OE1 . GLU A 33 ? 0.43556 0.39223 0.43617 0.06573  -0.02137 -0.04554 33 GLU A OE1 
200 O OE2 . GLU A 33 ? 0.43786 0.40291 0.45081 0.05574  -0.02614 -0.03195 33 GLU A OE2 
201 N N   . THR A 34 ? 0.30279 0.24973 0.32393 0.00251  -0.01952 -0.02825 34 THR A N   
202 C CA  . THR A 34 ? 0.28111 0.24037 0.30391 0.00260  -0.01473 -0.02881 34 THR A CA  
203 C C   . THR A 34 ? 0.31121 0.27043 0.32423 0.01114  -0.01529 -0.03597 34 THR A C   
204 O O   . THR A 34 ? 0.33653 0.28438 0.34231 0.01540  -0.02309 -0.04230 34 THR A O   
205 C CB  . THR A 34 ? 0.34041 0.30544 0.37329 -0.00391 -0.01899 -0.02534 34 THR A CB  
206 O OG1 . THR A 34 ? 0.33759 0.30888 0.37917 -0.01094 -0.01402 -0.01679 34 THR A OG1 
207 C CG2 . THR A 34 ? 0.29122 0.26871 0.32352 0.00200  -0.01547 -0.02512 34 THR A CG2 
208 N N   . PHE A 35 ? 0.27522 0.24348 0.28354 0.01258  -0.00687 -0.03476 35 PHE A N   
209 C CA  . PHE A 35 ? 0.30836 0.28152 0.30626 0.01896  -0.00341 -0.03844 35 PHE A CA  
210 C C   . PHE A 35 ? 0.32116 0.29059 0.30881 0.02001  -0.00281 -0.03726 35 PHE A C   
211 O O   . PHE A 35 ? 0.31264 0.27947 0.30219 0.01734  -0.00182 -0.03237 35 PHE A O   
212 C CB  . PHE A 35 ? 0.26648 0.25458 0.26566 0.01501  0.00511  -0.03491 35 PHE A CB  
213 C CG  . PHE A 35 ? 0.24850 0.24797 0.25821 0.01807  0.00297  -0.03526 35 PHE A CG  
214 C CD1 . PHE A 35 ? 0.29257 0.28754 0.30839 0.01199  -0.00069 -0.03166 35 PHE A CD1 
215 C CD2 . PHE A 35 ? 0.28720 0.30212 0.29812 0.03066  0.00474  -0.03873 35 PHE A CD2 
216 C CE1 . PHE A 35 ? 0.31753 0.32189 0.34031 0.01735  -0.00476 -0.03063 35 PHE A CE1 
217 C CE2 . PHE A 35 ? 0.35111 0.37854 0.37186 0.03887  0.00172  -0.03803 35 PHE A CE2 
218 C CZ  . PHE A 35 ? 0.32879 0.34987 0.35532 0.03163  -0.00423 -0.03355 35 PHE A CZ  
219 N N   . VAL A 36 ? 0.32793 0.29643 0.30138 0.02723  -0.00346 -0.04158 36 VAL A N   
220 C CA  A VAL A 36 ? 0.31300 0.27694 0.27174 0.02981  -0.00351 -0.03881 36 VAL A CA  
221 C CA  B VAL A 36 ? 0.31587 0.27981 0.27452 0.02983  -0.00351 -0.03881 36 VAL A CA  
222 C C   . VAL A 36 ? 0.33241 0.29465 0.28209 0.02454  0.00809  -0.03076 36 VAL A C   
223 O O   . VAL A 36 ? 0.40917 0.38077 0.36077 0.01839  0.01623  -0.02903 36 VAL A O   
224 C CB  A VAL A 36 ? 0.37246 0.33253 0.31088 0.03900  -0.00732 -0.04561 36 VAL A CB  
225 C CB  B VAL A 36 ? 0.37299 0.33295 0.31102 0.03901  -0.00733 -0.04542 36 VAL A CB  
226 C CG1 A VAL A 36 ? 0.37446 0.32903 0.29334 0.04274  -0.00868 -0.04113 36 VAL A CG1 
227 C CG1 B VAL A 36 ? 0.45261 0.40313 0.39177 0.04055  -0.02233 -0.05417 36 VAL A CG1 
228 C CG2 A VAL A 36 ? 0.45501 0.40575 0.39552 0.04046  -0.02152 -0.05437 36 VAL A CG2 
229 C CG2 B VAL A 36 ? 0.36989 0.33982 0.30001 0.04388  0.00431  -0.04727 36 VAL A CG2 
230 N N   . GLY A 37 ? 0.37621 0.32597 0.31471 0.02676  0.00773  -0.02511 37 GLY A N   
231 C CA  . GLY A 37 ? 0.42889 0.36220 0.34869 0.02131  0.01675  -0.01719 37 GLY A CA  
232 C C   . GLY A 37 ? 0.39567 0.32079 0.32150 0.01164  0.02072  -0.01542 37 GLY A C   
233 O O   . GLY A 37 ? 0.36999 0.30271 0.31360 0.01231  0.01739  -0.01868 37 GLY A O   
234 N N   . ASN A 38 ? 0.43284 0.33861 0.33857 0.00046  0.02756  -0.00962 38 ASN A N   
235 C CA  . ASN A 38 ? 0.43734 0.32722 0.33885 -0.01112 0.02940  -0.00915 38 ASN A CA  
236 C C   . ASN A 38 ? 0.46130 0.37547 0.37756 -0.02875 0.03058  -0.00971 38 ASN A C   
237 O O   . ASN A 38 ? 0.59612 0.52614 0.51191 -0.03812 0.03523  -0.00553 38 ASN A O   
238 C CB  . ASN A 38 ? 0.52191 0.36657 0.38669 -0.01553 0.03313  -0.00304 38 ASN A CB  
239 C CG  . ASN A 38 ? 0.53861 0.35793 0.39028 -0.02742 0.03310  -0.00507 38 ASN A CG  
240 O OD1 . ASN A 38 ? 0.62378 0.43973 0.47972 -0.01627 0.03185  -0.00979 38 ASN A OD1 
241 N ND2 . ASN A 38 ? 0.69681 0.50036 0.53149 -0.05236 0.03422  -0.00120 38 ASN A ND2 
242 N N   . LEU A 39 ? 0.38812 0.31005 0.31805 -0.03193 0.02668  -0.01359 39 LEU A N   
243 C CA  . LEU A 39 ? 0.38371 0.33310 0.32989 -0.04579 0.02471  -0.01349 39 LEU A CA  
244 C C   . LEU A 39 ? 0.49718 0.42236 0.42634 -0.06165 0.02151  -0.01332 39 LEU A C   
245 O O   . LEU A 39 ? 0.49593 0.39891 0.41531 -0.05326 0.01995  -0.01691 39 LEU A O   
246 C CB  . LEU A 39 ? 0.43000 0.40694 0.40250 -0.03302 0.01992  -0.01818 39 LEU A CB  
247 C CG  . LEU A 39 ? 0.41872 0.43517 0.41259 -0.03570 0.01842  -0.01740 39 LEU A CG  
248 C CD1 . LEU A 39 ? 0.40658 0.44626 0.40416 -0.03240 0.02581  -0.01529 39 LEU A CD1 
249 C CD2 . LEU A 39 ? 0.34969 0.37523 0.35886 -0.02113 0.01209  -0.02142 39 LEU A CD2 
250 N N   . THR A 40 ? 0.45977 0.38952 0.38320 -0.08551 0.02052  -0.00897 40 THR A N   
251 C CA  . THR A 40 ? 0.50668 0.40603 0.40656 -0.10342 0.01432  -0.01056 40 THR A CA  
252 C C   . THR A 40 ? 0.47576 0.40293 0.39482 -0.10333 0.00580  -0.01410 40 THR A C   
253 O O   . THR A 40 ? 0.46415 0.43455 0.41547 -0.09176 0.00468  -0.01372 40 THR A O   
254 C CB  . THR A 40 ? 0.54923 0.44212 0.43478 -0.13571 0.01266  -0.00402 40 THR A CB  
255 O OG1 . THR A 40 ? 0.55412 0.51177 0.47738 -0.14753 0.01036  0.00079  40 THR A OG1 
256 C CG2 . THR A 40 ? 0.57134 0.43690 0.43579 -0.13618 0.02169  0.00241  40 THR A CG2 
257 N N   . MET A 41 ? 0.48225 0.37886 0.37527 -0.11478 -0.00097 -0.01768 41 MET A N   
258 C CA  . MET A 41 ? 0.43319 0.35434 0.33912 -0.11487 -0.01036 -0.01966 41 MET A CA  
259 C C   . MET A 41 ? 0.44253 0.41989 0.37963 -0.13177 -0.01857 -0.01405 41 MET A C   
260 O O   . MET A 41 ? 0.43324 0.45140 0.39822 -0.11976 -0.02343 -0.01275 41 MET A O   
261 C CB  . MET A 41 ? 0.54650 0.41914 0.40985 -0.12269 -0.01597 -0.02563 41 MET A CB  
262 C CG  . MET A 41 ? 0.54511 0.43758 0.40975 -0.13524 -0.03033 -0.02642 41 MET A CG  
263 S SD  . MET A 41 ? 0.54380 0.45291 0.42502 -0.10404 -0.02648 -0.02633 41 MET A SD  
264 C CE  . MET A 41 ? 0.52756 0.37677 0.36440 -0.08823 -0.01456 -0.03256 41 MET A CE  
265 N N   . GLU A 42 ? 0.45873 0.44119 0.39232 -0.15843 -0.01958 -0.00913 42 GLU A N   
266 C CA  . GLU A 42 ? 0.41807 0.46772 0.38812 -0.17462 -0.02539 -0.00147 42 GLU A CA  
267 C C   . GLU A 42 ? 0.43801 0.53987 0.44751 -0.14793 -0.01553 0.00168  42 GLU A C   
268 O O   . GLU A 42 ? 0.39113 0.54773 0.43322 -0.13778 -0.02080 0.00426  42 GLU A O   
269 C CB  . GLU A 42 ? 0.55853 0.60338 0.51694 -0.21187 -0.02562 0.00565  42 GLU A CB  
270 C CG  . GLU A 42 ? 0.78128 0.76813 0.69357 -0.24460 -0.03913 0.00183  42 GLU A CG  
271 C CD  . GLU A 42 ? 0.83761 0.73492 0.69530 -0.23013 -0.03539 -0.00835 42 GLU A CD  
272 O OE1 . GLU A 42 ? 0.75190 0.62733 0.60500 -0.20355 -0.02118 -0.00924 42 GLU A OE1 
273 O OE2 . GLU A 42 ? 0.92259 0.77375 0.74081 -0.24404 -0.04722 -0.01554 42 GLU A OE2 
274 N N   . GLN A 43 ? 0.38350 0.46479 0.38567 -0.13343 -0.00220 0.00087  43 GLN A N   
275 C CA  . GLN A 43 ? 0.35811 0.47585 0.38628 -0.10712 0.00653  0.00116  43 GLN A CA  
276 C C   . GLN A 43 ? 0.31713 0.43699 0.35588 -0.08060 0.00081  -0.00477 43 GLN A C   
277 O O   . GLN A 43 ? 0.33883 0.49927 0.40236 -0.06235 0.00104  -0.00403 43 GLN A O   
278 C CB  . GLN A 43 ? 0.39384 0.47796 0.40289 -0.09705 0.01797  -0.00015 43 GLN A CB  
279 C CG  . GLN A 43 ? 0.41749 0.50022 0.41425 -0.11857 0.02658  0.00840  43 GLN A CG  
280 C CD  . GLN A 43 ? 0.49351 0.54275 0.46873 -0.10258 0.03578  0.00732  43 GLN A CD  
281 O OE1 . GLN A 43 ? 0.49924 0.49480 0.44622 -0.09958 0.03379  0.00437  43 GLN A OE1 
282 N NE2 . GLN A 43 ? 0.56665 0.64799 0.55245 -0.09039 0.04559  0.00984  43 GLN A NE2 
283 N N   . ALA A 44 ? 0.31320 0.38726 0.33036 -0.07691 -0.00325 -0.00989 44 ALA A N   
284 C CA  . ALA A 44 ? 0.29758 0.36718 0.32035 -0.05600 -0.00778 -0.01315 44 ALA A CA  
285 C C   . ALA A 44 ? 0.31652 0.41939 0.35444 -0.05633 -0.01919 -0.00988 44 ALA A C   
286 O O   . ALA A 44 ? 0.30375 0.42205 0.35561 -0.03536 -0.02211 -0.00947 44 ALA A O   
287 C CB  . ALA A 44 ? 0.34152 0.36335 0.33891 -0.05510 -0.00723 -0.01667 44 ALA A CB  
288 N N   . GLN A 45 ? 0.30206 0.41121 0.33296 -0.07980 -0.02766 -0.00751 45 GLN A N   
289 C CA  . GLN A 45 ? 0.29792 0.44465 0.34336 -0.08182 -0.04176 -0.00332 45 GLN A CA  
290 C C   . GLN A 45 ? 0.33867 0.55074 0.42265 -0.06977 -0.04060 0.00235  45 GLN A C   
291 O O   . GLN A 45 ? 0.31309 0.55173 0.41282 -0.04822 -0.04756 0.00498  45 GLN A O   
292 C CB  . GLN A 45 ? 0.36841 0.50831 0.39558 -0.11455 -0.05312 -0.00280 45 GLN A CB  
293 C CG  . GLN A 45 ? 0.42233 0.50080 0.40683 -0.11772 -0.05617 -0.00912 45 GLN A CG  
294 C CD  . GLN A 45 ? 0.58110 0.63152 0.53294 -0.15040 -0.06547 -0.01214 45 GLN A CD  
295 O OE1 . GLN A 45 ? 0.60294 0.65607 0.55546 -0.17320 -0.06380 -0.01030 45 GLN A OE1 
296 N NE2 . GLN A 45 ? 0.59021 0.60956 0.50840 -0.15415 -0.07577 -0.01650 45 GLN A NE2 
297 N N   . TRP A 46 ? 0.28095 0.51812 0.37759 -0.08057 -0.03044 0.00513  46 TRP A N   
298 C CA  . TRP A 46 ? 0.26352 0.56750 0.39596 -0.06519 -0.02458 0.01074  46 TRP A CA  
299 C C   . TRP A 46 ? 0.27315 0.56636 0.40689 -0.02485 -0.01802 0.00552  46 TRP A C   
300 O O   . TRP A 46 ? 0.28745 0.62087 0.44212 0.00074  -0.02093 0.00811  46 TRP A O   
301 C CB  . TRP A 46 ? 0.35224 0.67486 0.48958 -0.08430 -0.01098 0.01527  46 TRP A CB  
302 C CG  . TRP A 46 ? 0.37568 0.75549 0.53562 -0.11598 -0.01638 0.02564  46 TRP A CG  
303 C CD1 . TRP A 46 ? 0.46039 0.81903 0.60283 -0.15805 -0.02094 0.02907  46 TRP A CD1 
304 C CD2 . TRP A 46 ? 0.49560 0.96705 0.70065 -0.10984 -0.01759 0.03523  46 TRP A CD2 
305 N NE1 . TRP A 46 ? 0.50705 0.93852 0.68186 -0.18472 -0.02708 0.04058  46 TRP A NE1 
306 C CE2 . TRP A 46 ? 0.52073 1.02958 0.73840 -0.15476 -0.02441 0.04528  46 TRP A CE2 
307 C CE3 . TRP A 46 ? 0.51003 1.03469 0.74441 -0.06940 -0.01411 0.03656  46 TRP A CE3 
308 C CZ2 . TRP A 46 ? 0.44882 1.04435 0.70768 -0.15902 -0.02711 0.05690  46 TRP A CZ2 
309 C CZ3 . TRP A 46 ? 0.46319 1.08575 0.74345 -0.07084 -0.01596 0.04851  46 TRP A CZ3 
310 C CH2 . TRP A 46 ? 0.41377 1.06306 0.70252 -0.11472 -0.02199 0.05822  46 TRP A CH2 
311 N N   . ARG A 47 ? 0.26510 0.50286 0.37458 -0.01831 -0.01023 -0.00172 47 ARG A N   
312 C CA  . ARG A 47 ? 0.23701 0.45551 0.34158 0.01413  -0.00643 -0.00777 47 ARG A CA  
313 C C   . ARG A 47 ? 0.30559 0.51001 0.40760 0.03103  -0.01877 -0.00765 47 ARG A C   
314 O O   . ARG A 47 ? 0.30207 0.51763 0.41008 0.06007  -0.01983 -0.00837 47 ARG A O   
315 C CB  . ARG A 47 ? 0.27429 0.43883 0.35442 0.01201  -0.00020 -0.01448 47 ARG A CB  
316 C CG  . ARG A 47 ? 0.29156 0.42824 0.36147 0.03830  0.00025  -0.02164 47 ARG A CG  
317 C CD  . ARG A 47 ? 0.34621 0.51497 0.42449 0.06244  0.00751  -0.02361 47 ARG A CD  
318 N NE  . ARG A 47 ? 0.40537 0.53249 0.46204 0.08317  0.00753  -0.03321 47 ARG A NE  
319 C CZ  . ARG A 47 ? 0.42212 0.55494 0.46952 0.10339  0.01618  -0.03927 47 ARG A CZ  
320 N NH1 . ARG A 47 ? 0.44374 0.62910 0.50516 0.10768  0.02886  -0.03513 47 ARG A NH1 
321 N NH2 . ARG A 47 ? 0.46768 0.55232 0.48882 0.11827  0.01197  -0.04945 47 ARG A NH2 
322 N N   . MET A 48 ? 0.25586 0.43377 0.34472 0.01475  -0.02792 -0.00606 48 MET A N   
323 C CA  . MET A 48 ? 0.27201 0.43019 0.35226 0.02946  -0.03866 -0.00394 48 MET A CA  
324 C C   . MET A 48 ? 0.29143 0.50045 0.39168 0.04110  -0.04942 0.00321  48 MET A C   
325 O O   . MET A 48 ? 0.33198 0.53214 0.42807 0.06614  -0.05669 0.00587  48 MET A O   
326 C CB  . MET A 48 ? 0.26912 0.38820 0.32635 0.01008  -0.04289 -0.00347 48 MET A CB  
327 C CG  . MET A 48 ? 0.29828 0.37006 0.33845 0.00869  -0.03447 -0.00813 48 MET A CG  
328 S SD  . MET A 48 ? 0.37864 0.42676 0.41783 0.03233  -0.03163 -0.01195 48 MET A SD  
329 C CE  . MET A 48 ? 0.37410 0.39676 0.40578 0.02087  -0.02153 -0.01788 48 MET A CE  
330 N N   . LYS A 49 ? 0.24927 0.51198 0.37063 0.02253  -0.05200 0.00767  49 LYS A N   
331 C CA  . LYS A 49 ? 0.25141 0.57820 0.40001 0.03467  -0.06270 0.01579  49 LYS A CA  
332 C C   . LYS A 49 ? 0.29269 0.65339 0.46109 0.07185  -0.05373 0.01599  49 LYS A C   
333 O O   . LYS A 49 ? 0.39587 0.78797 0.57701 0.10002  -0.06258 0.02159  49 LYS A O   
334 C CB  . LYS A 49 ? 0.30771 0.68869 0.47692 0.00069  -0.06812 0.02130  49 LYS A CB  
335 C CG  . LYS A 49 ? 0.49305 0.84563 0.63845 -0.02763 -0.08383 0.02140  49 LYS A CG  
336 C CD  . LYS A 49 ? 0.49862 0.91625 0.66739 -0.05481 -0.09882 0.02893  49 LYS A CD  
337 C CE  . LYS A 49 ? 0.58350 1.03942 0.76334 -0.03818 -0.11979 0.03643  49 LYS A CE  
338 N NZ  . LYS A 49 ? 0.57288 1.07750 0.76435 -0.07386 -0.14035 0.04214  49 LYS A NZ  
339 N N   . ARG A 50 ? 0.30417 0.65811 0.47159 0.07564  -0.03650 0.01000  50 ARG A N   
340 C CA  . ARG A 50 ? 0.31881 0.69361 0.49424 0.11620  -0.02709 0.00775  50 ARG A CA  
341 C C   . ARG A 50 ? 0.35166 0.65626 0.49500 0.14620  -0.03106 0.00078  50 ARG A C   
342 O O   . ARG A 50 ? 0.39505 0.70788 0.53820 0.18566  -0.03181 0.00067  50 ARG A O   
343 C CB  . ARG A 50 ? 0.37947 0.76882 0.55785 0.11345  -0.00745 0.00356  50 ARG A CB  
344 C CG  . ARG A 50 ? 0.42415 0.88363 0.63322 0.08436  -0.00186 0.01287  50 ARG A CG  
345 C CD  . ARG A 50 ? 0.48214 1.01491 0.71816 0.11085  0.01330  0.01713  50 ARG A CD  
346 N NE  . ARG A 50 ? 0.61436 1.23504 0.89171 0.08336  0.01255  0.03104  50 ARG A NE  
347 C CZ  . ARG A 50 ? 0.56227 1.23207 0.85511 0.07450  0.02932  0.03790  50 ARG A CZ  
348 N NH1 . ARG A 50 ? 0.63523 1.29512 0.91264 0.10058  0.04912  0.03246  50 ARG A NH1 
349 N NH2 . ARG A 50 ? 0.61066 1.32905 0.92692 0.03719  0.02474  0.05018  50 ARG A NH2 
350 N N   . LYS A 51 ? 0.31535 0.55054 0.43025 0.12849  -0.03325 -0.00448 51 LYS A N   
351 C CA  . LYS A 51 ? 0.31675 0.48261 0.40041 0.14817  -0.03759 -0.00975 51 LYS A CA  
352 C C   . LYS A 51 ? 0.37738 0.53344 0.45439 0.16609  -0.05237 -0.00184 51 LYS A C   
353 O O   . LYS A 51 ? 0.49508 0.62385 0.55571 0.20021  -0.05558 -0.00328 51 LYS A O   
354 C CB  . LYS A 51 ? 0.41879 0.52848 0.48169 0.12012  -0.03658 -0.01397 51 LYS A CB  
355 C CG  . LYS A 51 ? 0.45162 0.49121 0.48425 0.12949  -0.04187 -0.01765 51 LYS A CG  
356 C CD  . LYS A 51 ? 0.51547 0.52133 0.53824 0.10163  -0.03839 -0.02102 51 LYS A CD  
357 C CE  . LYS A 51 ? 0.55525 0.49771 0.55209 0.10236  -0.04464 -0.02282 51 LYS A CE  
358 N NZ  . LYS A 51 ? 0.53273 0.45888 0.52847 0.07285  -0.04298 -0.01997 51 LYS A NZ  
359 N N   . TYR A 52 ? 0.50905 0.46462 0.49558 0.19688  -0.00843 -0.05199 52 TYR A N   
360 C CA  . TYR A 52 ? 0.54994 0.48584 0.53408 0.21278  -0.01740 -0.03747 52 TYR A CA  
361 C C   . TYR A 52 ? 0.59289 0.59570 0.60856 0.23437  -0.02172 -0.02319 52 TYR A C   
362 O O   . TYR A 52 ? 0.62094 0.65874 0.64861 0.22160  -0.03368 -0.00769 52 TYR A O   
363 C CB  . TYR A 52 ? 0.49342 0.40549 0.46543 0.18334  -0.02811 -0.02914 52 TYR A CB  
364 C CG  . TYR A 52 ? 0.52166 0.37692 0.46692 0.16315  -0.02410 -0.04255 52 TYR A CG  
365 C CD1 . TYR A 52 ? 0.64413 0.43321 0.56006 0.17114  -0.02150 -0.04823 52 TYR A CD1 
366 C CD2 . TYR A 52 ? 0.50954 0.37899 0.45706 0.13556  -0.02214 -0.04909 52 TYR A CD2 
367 C CE1 . TYR A 52 ? 0.65132 0.39729 0.54335 0.14781  -0.01782 -0.06156 52 TYR A CE1 
368 C CE2 . TYR A 52 ? 0.60602 0.43675 0.53421 0.11755  -0.01976 -0.06034 52 TYR A CE2 
369 C CZ  . TYR A 52 ? 0.62987 0.40269 0.53160 0.12150  -0.01801 -0.06727 52 TYR A CZ  
370 O OH  . TYR A 52 ? 0.69246 0.43377 0.57476 0.09903  -0.01561 -0.07950 52 TYR A OH  
371 N N   . LYS A 53 ? 0.61457 0.63897 0.64320 0.26515  -0.01068 -0.02939 53 LYS A N   
372 C CA  . LYS A 53 ? 0.66606 0.76882 0.73108 0.28728  -0.01222 -0.01824 53 LYS A CA  
373 C C   . LYS A 53 ? 0.61924 0.73476 0.69242 0.30256  -0.02842 0.00479  53 LYS A C   
374 O O   . LYS A 53 ? 0.63222 0.69409 0.68755 0.33070  -0.02957 0.01086  53 LYS A O   
375 C CB  . LYS A 53 ? 0.74425 0.85244 0.81763 0.32540  0.00523  -0.02881 53 LYS A CB  
376 C CG  . LYS A 53 ? 0.81921 0.93006 0.88679 0.30950  0.02090  -0.05039 53 LYS A CG  
377 C CD  . LYS A 53 ? 0.85007 0.96011 0.92134 0.34559  0.04118  -0.06233 53 LYS A CD  
378 C CE  . LYS A 53 ? 0.79752 0.90977 0.85822 0.32447  0.05544  -0.08335 53 LYS A CE  
379 N NZ  . LYS A 53 ? 0.98720 1.09134 1.04661 0.35070  0.07711  -0.09548 53 LYS A NZ  
380 N N   . GLY A 54 ? 0.63477 0.81834 0.72966 0.28195  -0.04045 0.01789  54 GLY A N   
381 C CA  . GLY A 54 ? 0.57447 0.78636 0.67942 0.29361  -0.05792 0.04130  54 GLY A CA  
382 C C   . GLY A 54 ? 0.65933 0.80666 0.73166 0.27332  -0.07045 0.05036  54 GLY A C   
383 O O   . GLY A 54 ? 0.67969 0.85207 0.75565 0.27357  -0.08705 0.07083  54 GLY A O   
384 N N   . GLU A 55 ? 0.62080 0.68866 0.66055 0.25344  -0.06313 0.03570  55 GLU A N   
385 C CA  . GLU A 55 ? 0.62884 0.63823 0.63843 0.23379  -0.07332 0.04380  55 GLU A CA  
386 C C   . GLU A 55 ? 0.55481 0.58240 0.56192 0.18546  -0.07708 0.04433  55 GLU A C   
387 O O   . GLU A 55 ? 0.60993 0.66630 0.62715 0.16587  -0.06785 0.03302  55 GLU A O   
388 C CB  . GLU A 55 ? 0.68587 0.60279 0.66023 0.23562  -0.06361 0.02913  55 GLU A CB  
389 C CG  . GLU A 55 ? 0.76139 0.62681 0.71717 0.27898  -0.05997 0.03262  55 GLU A CG  
390 C CD  . GLU A 55 ? 0.84287 0.72158 0.80054 0.30462  -0.07565 0.05885  55 GLU A CD  
391 O OE1 . GLU A 55 ? 0.83912 0.67294 0.76880 0.28898  -0.08629 0.06937  55 GLU A OE1 
392 O OE2 . GLU A 55 ? 0.78246 0.71722 0.76889 0.34232  -0.07698 0.06948  55 GLU A OE2 
393 N N   . PRO A 56 ? 0.58509 0.59071 0.57397 0.16587  -0.08886 0.05768  56 PRO A N   
394 C CA  . PRO A 56 ? 0.55364 0.57117 0.53531 0.12028  -0.08952 0.05912  56 PRO A CA  
395 C C   . PRO A 56 ? 0.56674 0.53029 0.52912 0.09391  -0.07734 0.04342  56 PRO A C   
396 O O   . PRO A 56 ? 0.56876 0.48515 0.50730 0.07240  -0.07923 0.04609  56 PRO A O   
397 C CB  . PRO A 56 ? 0.52779 0.53379 0.49245 0.11204  -0.10566 0.07890  56 PRO A CB  
398 C CG  . PRO A 56 ? 0.57534 0.52287 0.52366 0.14613  -0.10921 0.08171  56 PRO A CG  
399 C CD  . PRO A 56 ? 0.61856 0.59513 0.59195 0.18675  -0.10219 0.07515  56 PRO A CD  
400 N N   . VAL A 57 ? 0.55268 0.52805 0.52561 0.09422  -0.06471 0.02794  57 VAL A N   
401 C CA  A VAL A 57 ? 0.43653 0.37208 0.39597 0.07444  -0.05419 0.01452  57 VAL A CA  
402 C CA  B VAL A 57 ? 0.43824 0.37402 0.39786 0.07482  -0.05417 0.01444  57 VAL A CA  
403 C C   . VAL A 57 ? 0.47461 0.43828 0.43548 0.04588  -0.04654 0.01476  57 VAL A C   
404 O O   . VAL A 57 ? 0.48940 0.50510 0.46221 0.04258  -0.04563 0.01893  57 VAL A O   
405 C CB  A VAL A 57 ? 0.47708 0.39779 0.43928 0.09287  -0.04570 -0.00225 57 VAL A CB  
406 C CB  B VAL A 57 ? 0.47738 0.39998 0.44058 0.09551  -0.04614 -0.00185 57 VAL A CB  
407 C CG1 A VAL A 57 ? 0.54798 0.42414 0.49744 0.11786  -0.04872 -0.00426 57 VAL A CG1 
408 C CG1 B VAL A 57 ? 0.43467 0.33334 0.38885 0.07619  -0.03746 -0.01410 57 VAL A CG1 
409 C CG2 A VAL A 57 ? 0.43447 0.41038 0.41749 0.10391  -0.03968 -0.00691 57 VAL A CG2 
410 C CG2 B VAL A 57 ? 0.54614 0.42302 0.49585 0.11990  -0.04960 -0.00292 57 VAL A CG2 
411 N N   . GLN A 58 ? 0.44104 0.36875 0.38718 0.02450  -0.03916 0.01031  58 GLN A N   
412 C CA  A GLN A 58 ? 0.45291 0.39173 0.39265 -0.00013 -0.02801 0.01103  58 GLN A CA  
413 C CA  B GLN A 58 ? 0.45335 0.39187 0.39285 -0.00044 -0.02805 0.01118  58 GLN A CA  
414 C C   . GLN A 58 ? 0.39647 0.30935 0.33285 -0.00188 -0.01781 0.00051  58 GLN A C   
415 O O   . GLN A 58 ? 0.42498 0.30236 0.35636 -0.00259 -0.01912 -0.00361 58 GLN A O   
416 C CB  A GLN A 58 ? 0.50309 0.42611 0.42422 -0.02814 -0.02815 0.02211  58 GLN A CB  
417 C CB  B GLN A 58 ? 0.50356 0.42511 0.42433 -0.02818 -0.02853 0.02230  58 GLN A CB  
418 C CG  A GLN A 58 ? 0.52459 0.48813 0.44653 -0.03594 -0.03709 0.03430  58 GLN A CG  
419 C CG  B GLN A 58 ? 0.51660 0.44085 0.42131 -0.05621 -0.01377 0.02463  58 GLN A CG  
420 C CD  A GLN A 58 ? 0.53918 0.49268 0.43586 -0.07331 -0.03016 0.04191  58 GLN A CD  
421 C CD  B GLN A 58 ? 0.53719 0.51279 0.44655 -0.06017 -0.01206 0.02683  58 GLN A CD  
422 O OE1 A GLN A 58 ? 0.56206 0.50885 0.44564 -0.09111 -0.01365 0.03793  58 GLN A OE1 
423 O OE1 B GLN A 58 ? 0.52344 0.50695 0.42888 -0.06295 0.00082  0.02113  58 GLN A OE1 
424 N NE2 A GLN A 58 ? 0.53079 0.47661 0.41506 -0.08562 -0.04144 0.05322  58 GLN A NE2 
425 N NE2 B GLN A 58 ? 0.54347 0.55731 0.46128 -0.05928 -0.02554 0.03553  58 GLN A NE2 
426 N N   . VAL A 59 ? 0.36174 0.29415 0.29915 -0.00366 -0.00766 -0.00316 59 VAL A N   
427 C CA  . VAL A 59 ? 0.34933 0.26355 0.28310 -0.00513 0.00133  -0.00905 59 VAL A CA  
428 C C   . VAL A 59 ? 0.39806 0.28368 0.31737 -0.02610 0.01029  -0.00238 59 VAL A C   
429 O O   . VAL A 59 ? 0.43693 0.32223 0.34139 -0.04395 0.01710  0.00565  59 VAL A O   
430 C CB  . VAL A 59 ? 0.36518 0.30250 0.29722 -0.00089 0.01029  -0.01184 59 VAL A CB  
431 C CG1 . VAL A 59 ? 0.42223 0.34295 0.34848 -0.00149 0.01921  -0.01290 59 VAL A CG1 
432 C CG2 . VAL A 59 ? 0.36059 0.32260 0.30561 0.01921  0.00398  -0.02073 59 VAL A CG2 
433 N N   . VAL A 60 ? 0.37044 0.23247 0.29215 -0.02643 0.01147  -0.00643 60 VAL A N   
434 C CA  . VAL A 60 ? 0.36910 0.20416 0.27932 -0.04405 0.02332  -0.00145 60 VAL A CA  
435 C C   . VAL A 60 ? 0.37788 0.21568 0.28526 -0.04077 0.03891  0.00024  60 VAL A C   
436 O O   . VAL A 60 ? 0.41955 0.23960 0.30798 -0.05363 0.05484  0.00754  60 VAL A O   
437 C CB  . VAL A 60 ? 0.41846 0.23034 0.33321 -0.04771 0.01874  -0.00687 60 VAL A CB  
438 C CG1 . VAL A 60 ? 0.46243 0.25159 0.36979 -0.06345 0.03449  -0.00367 60 VAL A CG1 
439 C CG2 . VAL A 60 ? 0.45256 0.24897 0.36006 -0.05113 0.00552  -0.00525 60 VAL A CG2 
440 N N   . SER A 61 ? 0.36256 0.21951 0.28425 -0.02342 0.03547  -0.00572 61 SER A N   
441 C CA  . SER A 61 ? 0.37971 0.24116 0.29890 -0.01502 0.04811  -0.00169 61 SER A CA  
442 C C   . SER A 61 ? 0.40456 0.29530 0.33477 0.00303  0.03905  -0.00759 61 SER A C   
443 O O   . SER A 61 ? 0.36083 0.26363 0.30180 0.00735  0.02515  -0.01699 61 SER A O   
444 C CB  . SER A 61 ? 0.37632 0.22562 0.30268 -0.01761 0.05708  0.00017  61 SER A CB  
445 O OG  . SER A 61 ? 0.37932 0.24466 0.32646 -0.01421 0.04431  -0.00921 61 SER A OG  
446 N N   . VAL A 62 ? 0.32538 0.22206 0.24707 0.01321  0.04853  -0.00154 62 VAL A N   
447 C CA  . VAL A 62 ? 0.32165 0.24539 0.25054 0.02925  0.04063  -0.00509 62 VAL A CA  
448 C C   . VAL A 62 ? 0.36218 0.29327 0.29731 0.04056  0.04725  0.00288  62 VAL A C   
449 O O   . VAL A 62 ? 0.38704 0.29626 0.31176 0.04091  0.06406  0.01319  62 VAL A O   
450 C CB  . VAL A 62 ? 0.33212 0.26180 0.24275 0.03424  0.04333  -0.00430 62 VAL A CB  
451 C CG1 . VAL A 62 ? 0.37561 0.31044 0.28804 0.02636  0.03635  -0.01222 62 VAL A CG1 
452 C CG2 . VAL A 62 ? 0.38968 0.29565 0.27278 0.03267  0.06263  0.00766  62 VAL A CG2 
453 N N   . GLU A 63 ? 0.32269 0.28589 0.27448 0.04940  0.03478  -0.00182 63 GLU A N   
454 C CA  . GLU A 63 ? 0.32762 0.31268 0.29310 0.06180  0.03780  0.00648  63 GLU A CA  
455 C C   . GLU A 63 ? 0.35184 0.37026 0.31620 0.07625  0.02702  0.00802  63 GLU A C   
456 O O   . GLU A 63 ? 0.32599 0.37359 0.30272 0.07062  0.01080  -0.00295 63 GLU A O   
457 C CB  . GLU A 63 ? 0.36567 0.36700 0.35676 0.05106  0.03174  -0.00109 63 GLU A CB  
458 C CG  . GLU A 63 ? 0.42837 0.45429 0.43795 0.06353  0.04021  0.00951  63 GLU A CG  
459 C CD  . GLU A 63 ? 0.57383 0.63366 0.61114 0.05053  0.03086  -0.00065 63 GLU A CD  
460 O OE1 . GLU A 63 ? 0.63241 0.74317 0.68612 0.05656  0.01876  -0.00123 63 GLU A OE1 
461 O OE2 . GLU A 63 ? 0.52730 0.56259 0.56613 0.03136  0.03512  -0.00846 63 GLU A OE2 
462 N N   . PRO A 64 ? 0.35049 0.36108 0.29424 0.09240  0.03607  0.02092  64 PRO A N   
463 C CA  . PRO A 64 ? 0.37169 0.41491 0.31193 0.10697  0.02493  0.02503  64 PRO A CA  
464 C C   . PRO A 64 ? 0.42679 0.51402 0.39373 0.11995  0.01883  0.03331  64 PRO A C   
465 O O   . PRO A 64 ? 0.43928 0.52209 0.41780 0.12924  0.03206  0.04359  64 PRO A O   
466 C CB  . PRO A 64 ? 0.45297 0.46381 0.35685 0.12002  0.04020  0.03844  64 PRO A CB  
467 C CG  . PRO A 64 ? 0.51215 0.48332 0.40832 0.11868  0.06188  0.04641  64 PRO A CG  
468 C CD  . PRO A 64 ? 0.48431 0.45101 0.39988 0.09578  0.05789  0.03240  64 PRO A CD  
469 N N   . ASN A 65 ? 0.40278 0.53584 0.37898 0.11975  -0.00037 0.02878  65 ASN A N   
470 C CA  A ASN A 65 ? 0.44028 0.63070 0.44285 0.13165  -0.00944 0.03790  65 ASN A CA  
471 C CA  B ASN A 65 ? 0.44054 0.63130 0.44323 0.13142  -0.00965 0.03771  65 ASN A CA  
472 C C   . ASN A 65 ? 0.52995 0.74460 0.51575 0.15331  -0.01755 0.05265  65 ASN A C   
473 O O   . ASN A 65 ? 0.46074 0.67194 0.42351 0.14533  -0.02773 0.04512  65 ASN A O   
474 C CB  A ASN A 65 ? 0.43488 0.66607 0.46140 0.10701  -0.02631 0.02017  65 ASN A CB  
475 C CB  B ASN A 65 ? 0.43481 0.66571 0.46102 0.10632  -0.02662 0.01961  65 ASN A CB  
476 C CG  A ASN A 65 ? 0.37061 0.65325 0.43406 0.11063  -0.02706 0.02632  65 ASN A CG  
477 C CG  B ASN A 65 ? 0.41265 0.60449 0.44119 0.08207  -0.02058 0.00252  65 ASN A CG  
478 O OD1 A ASN A 65 ? 0.49418 0.81093 0.56959 0.13750  -0.02488 0.04585  65 ASN A OD1 
479 O OD1 B ASN A 65 ? 0.48449 0.63815 0.49274 0.07125  -0.02052 -0.00870 65 ASN A OD1 
480 N ND2 A ASN A 65 ? 0.45527 0.74237 0.53578 0.08477  -0.02840 0.01029  65 ASN A ND2 
481 N ND2 B ASN A 65 ? 0.43340 0.63791 0.48686 0.07415  -0.01570 0.00094  65 ASN A ND2 
482 N N   . THR A 66 ? 0.61643 0.85334 0.61187 0.18227  -0.01163 0.07446  66 THR A N   
483 C CA  . THR A 66 ? 0.71486 0.96312 0.68746 0.20949  -0.01588 0.09413  66 THR A CA  
484 C C   . THR A 66 ? 0.78596 1.10294 0.76824 0.20288  -0.04408 0.09126  66 THR A C   
485 O O   . THR A 66 ? 0.88076 1.19196 0.83064 0.20471  -0.05305 0.09372  66 THR A O   
486 C CB  . THR A 66 ? 0.82005 1.07084 0.80055 0.24694  0.00030  0.11999  66 THR A CB  
487 O OG1 . THR A 66 ? 0.84273 1.16682 0.87371 0.25148  -0.00900 0.12263  66 THR A OG1 
488 C CG2 . THR A 66 ? 0.76239 0.93740 0.72535 0.24741  0.03108  0.12070  66 THR A CG2 
489 N N   . GLU A 67 ? 0.73426 1.11645 0.75727 0.19144  -0.05750 0.08519  67 GLU A N   
490 C CA  . GLU A 67 ? 0.74867 1.20050 0.77923 0.17662  -0.08448 0.07988  67 GLU A CA  
491 C C   . GLU A 67 ? 0.79895 1.31224 0.87319 0.15475  -0.09311 0.06829  67 GLU A C   
492 O O   . GLU A 67 ? 0.81977 1.35592 0.89269 0.11962  -0.10778 0.04762  67 GLU A O   
493 C CB  . GLU A 67 ? 0.71998 1.21645 0.74330 0.20967  -0.09579 0.10704  67 GLU A CB  
494 C CG  . GLU A 67 ? 0.80727 1.40427 0.85665 0.20052  -0.12333 0.10940  67 GLU A CG  
495 C CD  . GLU A 67 ? 0.88896 1.49204 0.90404 0.17199  -0.14323 0.09531  67 GLU A CD  
496 O OE1 . GLU A 67 ? 0.91282 1.44233 0.89057 0.16006  -0.13345 0.08160  67 GLU A OE1 
497 O OE2 . GLU A 67 ? 0.82570 1.49759 0.84926 0.15825  -0.16411 0.09631  67 GLU A OE2 
# 
